data_8DP7
#
_entry.id   8DP7
#
_cell.length_a   134.716
_cell.length_b   137.751
_cell.length_c   190.496
_cell.angle_alpha   90.000
_cell.angle_beta   90.000
_cell.angle_gamma   90.000
#
_symmetry.space_group_name_H-M   'I 2 2 2'
#
loop_
_entity.id
_entity.type
_entity.pdbx_description
1 polymer 'Osmoprotection protein'
2 non-polymer trimethyl-[(2S)-1-oxidanyl-1-oxidanylidene-3-(2-sulfanylidene-1,3-dihydroimidazol-4-yl)propan-2-yl]azanium
#
_entity_poly.entity_id   1
_entity_poly.type   'polypeptide(L)'
_entity_poly.pdbx_seq_one_letter_code
;RNAIEEKPLVVATKPSSEQYILGEILSLLLEKHHIPIKRAFGIGGGTMNIHPALIRGDFDLYVEYTGTAWVNTLKNPLTQ
KVDFETIKKRYEKEFNLLWVGLLGFNNTYSLAISKEDAQKYAIETFSDLAFHSPNFDFGAEFDFFEREDAFKGLMKAYRF
HFRSLHEMDINLRYKSFESHKINALDVFTTDAQIKELDLKVLKDDKGFFPNYQAGIVIRKETIKKYPEALKILEKLDSKI
NDETMQDLNYQVEVLKKSPKIVAKDFLERLGL
;
_entity_poly.pdbx_strand_id   A,B,C,D,E
#
loop_
_chem_comp.id
_chem_comp.type
_chem_comp.name
_chem_comp.formula
LW8 non-polymer trimethyl-[(2S)-1-oxidanyl-1-oxidanylidene-3-(2-sulfanylidene-1,3-dihydroimidazol-4-yl)propan-2-yl]azanium 'C9 H16 N3 O2 S 1'
#
# COMPACT_ATOMS: atom_id res chain seq x y z
N PRO A 8 -51.78 5.06 35.32
CA PRO A 8 -50.34 5.21 35.11
C PRO A 8 -49.71 4.14 34.21
N LEU A 9 -48.57 4.48 33.63
CA LEU A 9 -47.81 3.55 32.80
C LEU A 9 -47.02 2.57 33.65
N VAL A 10 -47.11 1.29 33.31
CA VAL A 10 -46.50 0.23 34.10
C VAL A 10 -45.21 -0.18 33.40
N VAL A 11 -44.10 -0.02 34.09
CA VAL A 11 -42.78 -0.39 33.57
C VAL A 11 -42.42 -1.75 34.14
N ALA A 12 -42.19 -2.72 33.26
CA ALA A 12 -41.82 -4.07 33.64
C ALA A 12 -40.37 -4.34 33.32
N THR A 13 -39.79 -5.31 34.03
CA THR A 13 -38.45 -5.79 33.76
C THR A 13 -38.39 -7.30 33.97
N LYS A 14 -37.36 -7.92 33.42
CA LYS A 14 -37.06 -9.31 33.72
C LYS A 14 -36.35 -9.38 35.05
N PRO A 15 -36.24 -10.57 35.65
CA PRO A 15 -35.55 -10.64 36.95
C PRO A 15 -34.04 -10.74 36.83
N SER A 16 -33.41 -9.65 36.40
CA SER A 16 -31.96 -9.51 36.40
C SER A 16 -31.60 -8.11 36.90
N SER A 17 -30.38 -7.99 37.43
CA SER A 17 -29.92 -6.70 37.92
C SER A 17 -29.88 -5.67 36.79
N GLU A 18 -29.41 -6.10 35.62
CA GLU A 18 -29.41 -5.24 34.44
C GLU A 18 -30.81 -4.74 34.12
N GLN A 19 -31.81 -5.61 34.21
CA GLN A 19 -33.16 -5.18 33.87
C GLN A 19 -33.72 -4.22 34.91
N TYR A 20 -33.35 -4.40 36.18
CA TYR A 20 -33.77 -3.43 37.20
C TYR A 20 -33.17 -2.06 36.94
N ILE A 21 -31.89 -2.01 36.56
CA ILE A 21 -31.28 -0.73 36.21
C ILE A 21 -32.05 -0.09 35.05
N LEU A 22 -32.31 -0.86 33.99
CA LEU A 22 -33.02 -0.30 32.84
C LEU A 22 -34.43 0.16 33.23
N GLY A 23 -35.12 -0.63 34.04
CA GLY A 23 -36.45 -0.26 34.49
C GLY A 23 -36.45 1.00 35.32
N GLU A 24 -35.45 1.17 36.18
CA GLU A 24 -35.37 2.40 36.98
C GLU A 24 -35.02 3.59 36.12
N ILE A 25 -34.19 3.39 35.09
CA ILE A 25 -33.89 4.48 34.17
C ILE A 25 -35.16 4.93 33.47
N LEU A 26 -35.92 3.99 32.94
CA LEU A 26 -37.18 4.33 32.27
C LEU A 26 -38.15 5.00 33.24
N SER A 27 -38.28 4.46 34.44
CA SER A 27 -39.27 4.97 35.37
C SER A 27 -38.91 6.39 35.82
N LEU A 28 -37.65 6.61 36.18
CA LEU A 28 -37.22 7.93 36.62
C LEU A 28 -37.32 8.93 35.47
N LEU A 29 -36.94 8.52 34.26
CA LEU A 29 -37.01 9.44 33.12
C LEU A 29 -38.45 9.88 32.87
N LEU A 30 -39.39 8.93 32.90
CA LEU A 30 -40.79 9.29 32.70
C LEU A 30 -41.34 10.12 33.87
N GLU A 31 -40.95 9.79 35.10
CA GLU A 31 -41.39 10.57 36.25
C GLU A 31 -40.88 12.01 36.19
N LYS A 32 -39.67 12.23 35.68
CA LYS A 32 -39.15 13.59 35.55
C LYS A 32 -40.03 14.45 34.64
N HIS A 33 -40.76 13.82 33.73
CA HIS A 33 -41.70 14.50 32.84
C HIS A 33 -43.14 14.39 33.31
N HIS A 34 -43.33 14.10 34.60
CA HIS A 34 -44.64 14.11 35.25
C HIS A 34 -45.57 13.04 34.69
N ILE A 35 -44.99 11.96 34.17
CA ILE A 35 -45.81 10.84 33.72
C ILE A 35 -45.97 9.84 34.85
N PRO A 36 -47.19 9.45 35.22
CA PRO A 36 -47.39 8.53 36.33
C PRO A 36 -46.88 7.13 36.00
N ILE A 37 -46.13 6.54 36.93
CA ILE A 37 -45.43 5.28 36.68
C ILE A 37 -45.71 4.30 37.82
N LYS A 38 -45.94 3.04 37.47
CA LYS A 38 -45.97 1.94 38.42
C LYS A 38 -44.89 0.93 38.04
N ARG A 39 -44.08 0.54 39.02
CA ARG A 39 -43.00 -0.40 38.82
C ARG A 39 -43.47 -1.83 39.01
N ALA A 40 -43.27 -2.67 37.99
CA ALA A 40 -43.56 -4.10 38.05
C ALA A 40 -42.28 -4.85 37.68
N PHE A 41 -41.31 -4.82 38.59
CA PHE A 41 -39.96 -5.32 38.31
C PHE A 41 -39.84 -6.80 38.64
N GLY A 42 -38.90 -7.45 37.96
CA GLY A 42 -38.56 -8.82 38.27
C GLY A 42 -39.65 -9.81 37.98
N ILE A 43 -40.30 -9.70 36.83
CA ILE A 43 -41.41 -10.60 36.49
C ILE A 43 -40.85 -11.99 36.27
N GLY A 44 -41.34 -12.96 37.04
CA GLY A 44 -40.81 -14.31 36.92
C GLY A 44 -41.03 -14.86 35.51
N GLY A 45 -40.01 -15.51 34.99
CA GLY A 45 -40.07 -16.07 33.65
C GLY A 45 -39.64 -15.13 32.55
N GLY A 46 -39.47 -13.86 32.85
CA GLY A 46 -39.01 -12.91 31.84
C GLY A 46 -40.00 -12.80 30.70
N THR A 47 -39.49 -12.85 29.47
CA THR A 47 -40.32 -12.57 28.31
C THR A 47 -41.55 -13.46 28.27
N MET A 48 -41.41 -14.73 28.65
CA MET A 48 -42.52 -15.67 28.52
C MET A 48 -43.77 -15.17 29.22
N ASN A 49 -43.62 -14.35 30.25
CA ASN A 49 -44.75 -13.71 30.92
C ASN A 49 -44.89 -12.23 30.59
N ILE A 50 -43.80 -11.55 30.25
CA ILE A 50 -43.88 -10.14 29.91
C ILE A 50 -44.61 -9.95 28.59
N HIS A 51 -44.28 -10.75 27.57
CA HIS A 51 -44.82 -10.52 26.24
C HIS A 51 -46.34 -10.56 26.20
N PRO A 52 -47.01 -11.58 26.74
CA PRO A 52 -48.48 -11.57 26.69
C PRO A 52 -49.10 -10.45 27.52
N ALA A 53 -48.52 -10.13 28.67
CA ALA A 53 -49.05 -9.03 29.46
C ALA A 53 -48.89 -7.72 28.73
N LEU A 54 -47.80 -7.58 27.99
CA LEU A 54 -47.65 -6.37 27.19
C LEU A 54 -48.72 -6.31 26.11
N ILE A 55 -48.97 -7.43 25.43
CA ILE A 55 -49.98 -7.43 24.37
C ILE A 55 -51.36 -7.08 24.91
N ARG A 56 -51.72 -7.66 26.05
CA ARG A 56 -53.06 -7.46 26.60
C ARG A 56 -53.22 -6.16 27.37
N GLY A 57 -52.13 -5.51 27.76
CA GLY A 57 -52.19 -4.21 28.39
C GLY A 57 -51.96 -4.21 29.89
N ASP A 58 -51.61 -5.35 30.49
CA ASP A 58 -51.21 -5.34 31.89
C ASP A 58 -49.92 -4.56 32.09
N PHE A 59 -48.99 -4.66 31.16
CA PHE A 59 -47.78 -3.86 31.14
C PHE A 59 -47.82 -2.89 29.98
N ASP A 60 -47.02 -1.82 30.08
CA ASP A 60 -46.94 -0.83 29.03
C ASP A 60 -45.62 -0.81 28.30
N LEU A 61 -44.51 -1.11 28.96
CA LEU A 61 -43.22 -1.08 28.29
C LEU A 61 -42.24 -1.93 29.06
N TYR A 62 -41.24 -2.44 28.34
CA TYR A 62 -40.10 -3.12 28.96
C TYR A 62 -38.94 -3.06 27.97
N VAL A 63 -37.79 -3.57 28.39
CA VAL A 63 -36.61 -3.63 27.52
C VAL A 63 -36.44 -5.07 27.05
N GLU A 64 -36.48 -5.26 25.73
CA GLU A 64 -36.30 -6.56 25.11
C GLU A 64 -35.01 -6.59 24.30
N TYR A 65 -34.55 -7.81 24.02
CA TYR A 65 -33.38 -8.07 23.20
C TYR A 65 -33.80 -8.65 21.85
N THR A 66 -33.17 -8.16 20.78
CA THR A 66 -33.59 -8.46 19.42
C THR A 66 -33.68 -9.96 19.14
N GLY A 67 -32.63 -10.72 19.44
CA GLY A 67 -32.65 -12.14 19.14
C GLY A 67 -33.71 -12.91 19.92
N THR A 68 -34.07 -12.42 21.09
CA THR A 68 -35.12 -13.09 21.87
C THR A 68 -36.47 -12.88 21.20
N ALA A 69 -36.78 -11.66 20.76
CA ALA A 69 -38.01 -11.49 20.00
C ALA A 69 -37.96 -12.31 18.71
N TRP A 70 -36.79 -12.32 18.05
CA TRP A 70 -36.63 -13.05 16.80
C TRP A 70 -37.07 -14.50 16.91
N VAL A 71 -36.66 -15.18 17.97
CA VAL A 71 -37.00 -16.60 18.09
C VAL A 71 -38.29 -16.84 18.85
N ASN A 72 -38.42 -16.23 20.03
CA ASN A 72 -39.47 -16.57 20.97
C ASN A 72 -40.86 -16.09 20.52
N THR A 73 -40.94 -14.85 20.06
CA THR A 73 -42.22 -14.22 19.71
C THR A 73 -42.51 -14.15 18.23
N LEU A 74 -41.49 -14.02 17.39
CA LEU A 74 -41.72 -13.89 15.96
C LEU A 74 -41.70 -15.23 15.22
N LYS A 75 -41.28 -16.32 15.85
CA LYS A 75 -41.35 -17.62 15.19
C LYS A 75 -40.50 -17.66 13.91
N ASN A 76 -39.39 -17.01 13.95
CA ASN A 76 -38.46 -17.05 12.84
C ASN A 76 -37.37 -18.07 13.12
N PRO A 77 -36.82 -18.66 12.06
CA PRO A 77 -35.74 -19.64 12.23
C PRO A 77 -34.40 -18.96 12.42
N LEU A 78 -33.54 -19.63 13.18
CA LEU A 78 -32.19 -19.11 13.40
C LEU A 78 -31.30 -19.16 12.18
N THR A 79 -31.75 -19.78 11.09
CA THR A 79 -31.02 -19.68 9.84
C THR A 79 -31.05 -18.29 9.21
N GLN A 80 -32.02 -17.44 9.55
CA GLN A 80 -31.97 -16.05 9.13
C GLN A 80 -31.33 -15.10 10.11
N LYS A 81 -30.49 -14.20 9.57
CA LYS A 81 -29.87 -13.16 10.37
C LYS A 81 -30.94 -12.29 11.00
N VAL A 82 -30.81 -12.03 12.30
CA VAL A 82 -31.75 -11.14 12.98
C VAL A 82 -31.73 -9.77 12.31
N ASP A 83 -32.92 -9.26 12.00
CA ASP A 83 -33.11 -8.01 11.24
C ASP A 83 -34.04 -7.10 12.04
N PHE A 84 -33.51 -5.96 12.51
CA PHE A 84 -34.32 -5.08 13.36
C PHE A 84 -35.53 -4.53 12.61
N GLU A 85 -35.33 -4.07 11.36
CA GLU A 85 -36.46 -3.50 10.62
C GLU A 85 -37.60 -4.51 10.49
N THR A 86 -37.26 -5.78 10.25
CA THR A 86 -38.28 -6.82 10.21
C THR A 86 -38.96 -6.96 11.56
N ILE A 87 -38.18 -6.97 12.64
CA ILE A 87 -38.76 -7.09 13.97
C ILE A 87 -39.77 -5.97 14.20
N LYS A 88 -39.38 -4.74 13.87
CA LYS A 88 -40.24 -3.60 14.12
C LYS A 88 -41.51 -3.67 13.28
N LYS A 89 -41.38 -4.02 12.00
CA LYS A 89 -42.55 -4.10 11.13
C LYS A 89 -43.51 -5.17 11.64
N ARG A 90 -43.00 -6.37 11.94
CA ARG A 90 -43.90 -7.43 12.39
C ARG A 90 -44.48 -7.12 13.77
N TYR A 91 -43.73 -6.46 14.65
CA TYR A 91 -44.28 -6.13 15.95
C TYR A 91 -45.42 -5.14 15.81
N GLU A 92 -45.29 -4.17 14.91
CA GLU A 92 -46.38 -3.23 14.70
C GLU A 92 -47.58 -3.92 14.06
N LYS A 93 -47.35 -4.76 13.05
CA LYS A 93 -48.49 -5.30 12.31
C LYS A 93 -49.23 -6.36 13.11
N GLU A 94 -48.49 -7.29 13.73
CA GLU A 94 -49.10 -8.43 14.40
C GLU A 94 -49.42 -8.17 15.86
N PHE A 95 -48.66 -7.29 16.53
CA PHE A 95 -48.81 -7.08 17.96
C PHE A 95 -49.23 -5.67 18.35
N ASN A 96 -49.27 -4.74 17.39
CA ASN A 96 -49.51 -3.33 17.72
C ASN A 96 -48.51 -2.83 18.74
N LEU A 97 -47.26 -3.27 18.61
CA LEU A 97 -46.19 -2.85 19.50
C LEU A 97 -45.11 -2.11 18.73
N LEU A 98 -44.49 -1.16 19.41
CA LEU A 98 -43.49 -0.26 18.84
C LEU A 98 -42.18 -0.47 19.56
N TRP A 99 -41.13 -0.82 18.82
CA TRP A 99 -39.76 -0.72 19.30
C TRP A 99 -39.30 0.73 19.23
N VAL A 100 -39.08 1.36 20.39
CA VAL A 100 -38.65 2.76 20.39
C VAL A 100 -37.32 2.90 19.66
N GLY A 101 -36.42 1.95 19.86
CA GLY A 101 -35.07 2.05 19.37
C GLY A 101 -34.18 1.08 20.11
N LEU A 102 -32.88 1.23 19.89
CA LEU A 102 -31.88 0.40 20.55
C LEU A 102 -31.04 1.23 21.49
N LEU A 103 -30.82 0.72 22.71
CA LEU A 103 -30.06 1.50 23.67
C LEU A 103 -28.60 1.63 23.25
N GLY A 104 -28.07 0.64 22.53
CA GLY A 104 -26.73 0.74 21.99
C GLY A 104 -25.79 -0.39 22.33
N PHE A 105 -26.20 -1.28 23.24
CA PHE A 105 -25.36 -2.39 23.69
C PHE A 105 -26.00 -3.73 23.38
N ASN A 106 -25.18 -4.78 23.35
CA ASN A 106 -25.63 -6.12 23.00
C ASN A 106 -25.18 -7.10 24.08
N ASN A 107 -26.13 -7.61 24.86
CA ASN A 107 -25.84 -8.54 25.96
C ASN A 107 -26.15 -9.95 25.46
N THR A 108 -25.17 -10.68 24.94
CA THR A 108 -25.55 -11.98 24.41
C THR A 108 -25.10 -13.12 25.32
N TYR A 109 -25.63 -14.29 24.99
CA TYR A 109 -25.28 -15.55 25.66
C TYR A 109 -23.83 -15.94 25.46
N SER A 110 -23.25 -16.57 26.48
CA SER A 110 -22.01 -17.29 26.29
C SER A 110 -21.99 -18.45 27.29
N LEU A 111 -20.88 -19.18 27.31
CA LEU A 111 -20.70 -20.27 28.26
C LEU A 111 -19.43 -20.01 29.06
N ALA A 112 -19.47 -20.34 30.34
CA ALA A 112 -18.35 -20.06 31.23
C ALA A 112 -18.06 -21.28 32.09
N ILE A 113 -16.78 -21.45 32.38
CA ILE A 113 -16.26 -22.45 33.31
C ILE A 113 -15.19 -21.77 34.15
N SER A 114 -14.65 -22.50 35.13
CA SER A 114 -13.57 -21.91 35.88
C SER A 114 -12.33 -21.83 35.01
N LYS A 115 -11.45 -20.88 35.31
CA LYS A 115 -10.22 -20.78 34.52
C LYS A 115 -9.32 -21.98 34.76
N GLU A 116 -9.35 -22.54 35.98
CA GLU A 116 -8.58 -23.75 36.25
C GLU A 116 -9.06 -24.91 35.39
N ASP A 117 -10.38 -25.09 35.27
CA ASP A 117 -10.91 -26.16 34.43
C ASP A 117 -10.56 -25.93 32.96
N ALA A 118 -10.60 -24.66 32.51
CA ALA A 118 -10.26 -24.37 31.13
C ALA A 118 -8.81 -24.73 30.84
N GLN A 119 -7.90 -24.43 31.75
CA GLN A 119 -6.50 -24.80 31.53
C GLN A 119 -6.33 -26.31 31.61
N LYS A 120 -7.02 -26.96 32.54
CA LYS A 120 -6.89 -28.41 32.71
C LYS A 120 -7.33 -29.16 31.46
N TYR A 121 -8.42 -28.74 30.82
CA TYR A 121 -8.97 -29.49 29.70
C TYR A 121 -8.69 -28.87 28.34
N ALA A 122 -7.88 -27.80 28.28
CA ALA A 122 -7.56 -27.14 27.02
C ALA A 122 -8.81 -26.60 26.34
N ILE A 123 -9.73 -26.07 27.13
CA ILE A 123 -11.03 -25.62 26.63
C ILE A 123 -10.91 -24.15 26.27
N GLU A 124 -11.25 -23.81 25.03
CA GLU A 124 -11.29 -22.42 24.59
C GLU A 124 -12.64 -22.10 23.95
N THR A 125 -13.23 -23.09 23.29
CA THR A 125 -14.43 -22.90 22.47
C THR A 125 -15.58 -23.71 23.04
N PHE A 126 -16.79 -23.40 22.55
CA PHE A 126 -17.95 -24.21 22.88
C PHE A 126 -17.73 -25.67 22.50
N SER A 127 -17.13 -25.91 21.33
CA SER A 127 -16.87 -27.28 20.90
C SER A 127 -15.90 -27.98 21.85
N ASP A 128 -14.92 -27.22 22.37
CA ASP A 128 -14.05 -27.77 23.40
C ASP A 128 -14.84 -28.19 24.63
N LEU A 129 -15.77 -27.34 25.08
CA LEU A 129 -16.56 -27.69 26.26
C LEU A 129 -17.39 -28.94 26.00
N ALA A 130 -18.01 -29.03 24.82
CA ALA A 130 -18.78 -30.21 24.47
C ALA A 130 -17.89 -31.46 24.43
N PHE A 131 -16.68 -31.31 23.90
CA PHE A 131 -15.74 -32.41 23.79
C PHE A 131 -15.40 -33.01 25.15
N HIS A 132 -15.34 -32.18 26.19
CA HIS A 132 -15.03 -32.61 27.55
C HIS A 132 -16.24 -32.53 28.47
N SER A 133 -17.44 -32.36 27.91
CA SER A 133 -18.61 -32.07 28.75
C SER A 133 -18.94 -33.14 29.78
N PRO A 134 -18.62 -34.42 29.60
CA PRO A 134 -18.87 -35.39 30.68
C PRO A 134 -18.17 -35.07 31.99
N ASN A 135 -17.21 -34.14 32.00
CA ASN A 135 -16.54 -33.73 33.24
C ASN A 135 -17.13 -32.46 33.86
N PHE A 136 -18.29 -32.00 33.39
CA PHE A 136 -18.84 -30.73 33.83
C PHE A 136 -20.30 -30.87 34.22
N ASP A 137 -20.68 -30.21 35.31
CA ASP A 137 -22.08 -30.13 35.74
C ASP A 137 -22.60 -28.75 35.34
N PHE A 138 -23.53 -28.73 34.39
CA PHE A 138 -23.99 -27.49 33.80
C PHE A 138 -25.26 -27.02 34.48
N GLY A 139 -25.32 -25.72 34.75
CA GLY A 139 -26.51 -25.12 35.33
C GLY A 139 -26.92 -23.88 34.56
N ALA A 140 -28.22 -23.64 34.54
CA ALA A 140 -28.79 -22.48 33.88
C ALA A 140 -30.19 -22.24 34.41
N GLU A 141 -30.76 -21.11 34.00
CA GLU A 141 -32.12 -20.75 34.39
C GLU A 141 -33.14 -21.60 33.64
N PHE A 142 -34.34 -21.68 34.21
CA PHE A 142 -35.38 -22.56 33.67
C PHE A 142 -35.58 -22.31 32.18
N ASP A 143 -35.72 -21.04 31.80
CA ASP A 143 -36.04 -20.68 30.42
C ASP A 143 -34.92 -21.05 29.47
N PHE A 144 -33.70 -21.19 29.97
CA PHE A 144 -32.59 -21.61 29.13
C PHE A 144 -32.81 -23.01 28.56
N PHE A 145 -33.58 -23.84 29.25
CA PHE A 145 -33.82 -25.19 28.74
C PHE A 145 -35.08 -25.27 27.89
N GLU A 146 -35.79 -24.16 27.72
CA GLU A 146 -37.03 -24.12 26.96
C GLU A 146 -36.92 -23.39 25.64
N ARG A 147 -36.26 -22.23 25.61
CA ARG A 147 -36.14 -21.47 24.39
C ARG A 147 -35.32 -22.22 23.34
N GLU A 148 -35.77 -22.13 22.10
CA GLU A 148 -35.05 -22.75 20.98
C GLU A 148 -33.70 -22.09 20.74
N ASP A 149 -33.54 -20.83 21.15
CA ASP A 149 -32.28 -20.12 20.95
C ASP A 149 -31.30 -20.33 22.10
N ALA A 150 -31.60 -21.26 23.02
CA ALA A 150 -30.74 -21.48 24.19
C ALA A 150 -30.26 -22.92 24.15
N PHE A 151 -30.58 -23.73 25.17
CA PHE A 151 -30.01 -25.06 25.30
C PHE A 151 -30.40 -25.98 24.14
N LYS A 152 -31.64 -25.88 23.66
CA LYS A 152 -32.07 -26.75 22.57
C LYS A 152 -31.24 -26.54 21.30
N GLY A 153 -30.94 -25.29 20.98
CA GLY A 153 -30.09 -25.02 19.82
C GLY A 153 -28.64 -25.37 20.07
N LEU A 154 -28.14 -25.10 21.28
CA LEU A 154 -26.79 -25.52 21.62
C LEU A 154 -26.63 -27.02 21.48
N MET A 155 -27.69 -27.78 21.79
CA MET A 155 -27.63 -29.23 21.68
C MET A 155 -27.70 -29.68 20.24
N LYS A 156 -28.47 -28.98 19.41
CA LYS A 156 -28.53 -29.34 18.00
C LYS A 156 -27.21 -29.00 17.29
N ALA A 157 -26.57 -27.90 17.68
CA ALA A 157 -25.34 -27.45 17.03
C ALA A 157 -24.06 -28.09 17.56
N TYR A 158 -24.01 -28.43 18.85
CA TYR A 158 -22.79 -28.91 19.48
C TYR A 158 -22.89 -30.30 20.09
N ARG A 159 -24.09 -30.77 20.42
CA ARG A 159 -24.28 -32.10 21.00
C ARG A 159 -23.47 -32.28 22.28
N PHE A 160 -23.79 -31.45 23.27
CA PHE A 160 -23.17 -31.59 24.59
C PHE A 160 -23.66 -32.86 25.28
N HIS A 161 -22.77 -33.45 26.09
CA HIS A 161 -23.11 -34.58 26.94
C HIS A 161 -22.66 -34.27 28.38
N PHE A 162 -23.28 -33.27 28.97
CA PHE A 162 -22.93 -32.88 30.34
C PHE A 162 -23.22 -34.01 31.32
N ARG A 163 -22.37 -34.12 32.33
CA ARG A 163 -22.59 -35.12 33.37
C ARG A 163 -23.93 -34.93 34.08
N SER A 164 -24.38 -33.68 34.22
CA SER A 164 -25.68 -33.41 34.85
C SER A 164 -26.16 -32.03 34.41
N LEU A 165 -27.47 -31.85 34.49
CA LEU A 165 -28.11 -30.56 34.22
C LEU A 165 -28.93 -30.15 35.43
N HIS A 166 -28.83 -28.86 35.78
CA HIS A 166 -29.50 -28.31 36.96
C HIS A 166 -30.22 -27.04 36.53
N GLU A 167 -31.52 -26.99 36.77
CA GLU A 167 -32.34 -25.84 36.45
C GLU A 167 -32.68 -25.10 37.74
N MET A 168 -32.47 -23.80 37.74
CA MET A 168 -32.67 -23.01 38.95
C MET A 168 -33.19 -21.64 38.54
N ASP A 169 -33.62 -20.89 39.55
CA ASP A 169 -33.99 -19.50 39.33
C ASP A 169 -32.82 -18.76 38.68
N ILE A 170 -33.15 -17.85 37.77
CA ILE A 170 -32.11 -17.17 36.99
C ILE A 170 -31.11 -16.46 37.89
N ASN A 171 -31.52 -16.06 39.09
CA ASN A 171 -30.65 -15.32 39.99
C ASN A 171 -29.84 -16.21 40.92
N LEU A 172 -29.93 -17.53 40.75
CA LEU A 172 -29.14 -18.47 41.55
C LEU A 172 -28.02 -19.13 40.76
N ARG A 173 -27.88 -18.82 39.48
CA ARG A 173 -26.92 -19.56 38.66
C ARG A 173 -25.52 -19.37 39.19
N TYR A 174 -25.09 -18.13 39.35
CA TYR A 174 -23.72 -17.91 39.79
C TYR A 174 -23.53 -18.46 41.19
N LYS A 175 -24.57 -18.43 42.02
CA LYS A 175 -24.43 -18.99 43.35
C LYS A 175 -24.23 -20.50 43.29
N SER A 176 -24.91 -21.15 42.34
CA SER A 176 -24.72 -22.59 42.20
C SER A 176 -23.32 -22.87 41.71
N PHE A 177 -22.76 -21.98 40.88
CA PHE A 177 -21.38 -22.15 40.48
C PHE A 177 -20.44 -21.95 41.67
N GLU A 178 -20.73 -20.96 42.52
CA GLU A 178 -19.87 -20.70 43.69
C GLU A 178 -19.89 -21.86 44.68
N SER A 179 -21.02 -22.54 44.82
CA SER A 179 -21.14 -23.68 45.74
C SER A 179 -20.65 -24.98 45.12
N HIS A 180 -20.28 -24.97 43.84
CA HIS A 180 -19.82 -26.14 43.12
C HIS A 180 -20.93 -27.15 42.88
N LYS A 181 -22.19 -26.76 43.05
CA LYS A 181 -23.27 -27.61 42.57
C LYS A 181 -23.16 -27.79 41.06
N ILE A 182 -22.73 -26.75 40.35
CA ILE A 182 -22.38 -26.83 38.94
C ILE A 182 -20.98 -26.28 38.77
N ASN A 183 -20.31 -26.71 37.70
CA ASN A 183 -18.98 -26.19 37.36
C ASN A 183 -18.88 -25.78 35.90
N ALA A 184 -20.03 -25.59 35.25
CA ALA A 184 -20.10 -24.98 33.93
C ALA A 184 -21.49 -24.37 33.86
N LEU A 185 -21.60 -23.20 33.26
CA LEU A 185 -22.88 -22.51 33.22
C LEU A 185 -22.95 -21.58 32.03
N ASP A 186 -24.16 -21.13 31.73
CA ASP A 186 -24.38 -20.07 30.77
C ASP A 186 -24.16 -18.75 31.49
N VAL A 187 -23.62 -17.77 30.77
CA VAL A 187 -23.40 -16.47 31.38
C VAL A 187 -23.92 -15.45 30.40
N PHE A 188 -24.10 -14.24 30.90
CA PHE A 188 -24.31 -13.10 30.06
C PHE A 188 -23.08 -12.21 29.89
N THR A 189 -22.89 -11.70 28.67
CA THR A 189 -21.62 -11.07 28.34
C THR A 189 -21.35 -9.82 29.16
N THR A 190 -22.38 -9.18 29.73
CA THR A 190 -22.16 -7.98 30.53
C THR A 190 -22.23 -8.24 32.04
N ASP A 191 -22.26 -9.50 32.45
CA ASP A 191 -22.43 -9.84 33.85
C ASP A 191 -21.26 -9.34 34.69
N ALA A 192 -21.56 -8.64 35.79
CA ALA A 192 -20.51 -8.22 36.71
C ALA A 192 -19.70 -9.42 37.20
N GLN A 193 -20.38 -10.57 37.37
CA GLN A 193 -19.78 -11.76 37.95
C GLN A 193 -18.71 -12.39 37.05
N ILE A 194 -18.69 -12.10 35.75
CA ILE A 194 -17.60 -12.62 34.93
C ILE A 194 -16.27 -12.12 35.46
N LYS A 195 -16.18 -10.81 35.73
CA LYS A 195 -14.96 -10.26 36.32
C LYS A 195 -14.87 -10.59 37.80
N GLU A 196 -16.01 -10.56 38.50
CA GLU A 196 -16.02 -10.83 39.94
C GLU A 196 -15.47 -12.21 40.26
N LEU A 197 -15.80 -13.22 39.47
CA LEU A 197 -15.36 -14.59 39.74
C LEU A 197 -14.18 -15.01 38.86
N ASP A 198 -13.71 -14.14 37.98
CA ASP A 198 -12.59 -14.44 37.10
C ASP A 198 -12.87 -15.69 36.28
N LEU A 199 -14.03 -15.73 35.64
CA LEU A 199 -14.46 -16.92 34.92
C LEU A 199 -13.84 -16.94 33.53
N LYS A 200 -13.76 -18.14 32.95
CA LYS A 200 -13.33 -18.31 31.58
C LYS A 200 -14.58 -18.42 30.73
N VAL A 201 -14.80 -17.42 29.89
CA VAL A 201 -15.91 -17.38 28.96
C VAL A 201 -15.46 -18.01 27.65
N LEU A 202 -16.21 -18.99 27.19
CA LEU A 202 -15.79 -19.76 26.03
C LEU A 202 -16.19 -19.04 24.74
N LYS A 203 -15.54 -19.41 23.65
CA LYS A 203 -15.78 -18.79 22.36
C LYS A 203 -16.82 -19.58 21.57
N ASP A 204 -17.82 -18.86 21.05
CA ASP A 204 -18.92 -19.46 20.29
C ASP A 204 -18.41 -19.70 18.87
N ASP A 205 -17.66 -20.79 18.72
CA ASP A 205 -16.86 -21.01 17.53
C ASP A 205 -17.69 -21.24 16.27
N LYS A 206 -18.93 -21.70 16.39
CA LYS A 206 -19.81 -21.84 15.24
C LYS A 206 -20.76 -20.66 15.08
N GLY A 207 -20.64 -19.63 15.92
CA GLY A 207 -21.48 -18.45 15.81
C GLY A 207 -22.94 -18.77 15.97
N PHE A 208 -23.26 -19.61 16.96
CA PHE A 208 -24.64 -20.03 17.17
C PHE A 208 -25.53 -18.91 17.70
N PHE A 209 -25.06 -18.16 18.69
CA PHE A 209 -26.06 -17.24 19.22
C PHE A 209 -26.19 -15.98 18.36
N PRO A 210 -27.42 -15.53 18.13
CA PRO A 210 -27.64 -14.34 17.29
C PRO A 210 -27.31 -13.07 18.07
N ASN A 211 -27.95 -11.99 17.63
CA ASN A 211 -27.72 -10.64 18.13
C ASN A 211 -28.74 -10.37 19.22
N TYR A 212 -28.32 -9.80 20.35
CA TYR A 212 -29.25 -9.47 21.43
C TYR A 212 -29.08 -8.01 21.85
N GLN A 213 -29.44 -7.11 20.95
CA GLN A 213 -29.34 -5.68 21.20
C GLN A 213 -30.55 -5.25 22.01
N ALA A 214 -30.34 -4.50 23.08
CA ALA A 214 -31.44 -4.12 23.95
C ALA A 214 -32.16 -2.90 23.39
N GLY A 215 -33.49 -2.92 23.50
CA GLY A 215 -34.31 -1.82 23.05
C GLY A 215 -35.62 -1.80 23.80
N ILE A 216 -36.17 -0.60 23.95
CA ILE A 216 -37.45 -0.41 24.64
C ILE A 216 -38.59 -0.80 23.72
N VAL A 217 -39.45 -1.69 24.20
CA VAL A 217 -40.69 -2.08 23.53
C VAL A 217 -41.85 -1.49 24.32
N ILE A 218 -42.73 -0.77 23.64
CA ILE A 218 -43.82 -0.05 24.27
C ILE A 218 -45.09 -0.23 23.45
N ARG A 219 -46.22 -0.31 24.14
CA ARG A 219 -47.52 -0.43 23.51
C ARG A 219 -47.77 0.79 22.63
N LYS A 220 -48.26 0.57 21.41
CA LYS A 220 -48.61 1.70 20.56
C LYS A 220 -49.77 2.51 21.14
N GLU A 221 -50.66 1.86 21.89
CA GLU A 221 -51.73 2.59 22.57
C GLU A 221 -51.15 3.61 23.55
N THR A 222 -50.06 3.25 24.22
CA THR A 222 -49.45 4.16 25.17
C THR A 222 -48.85 5.36 24.45
N ILE A 223 -48.21 5.13 23.30
CA ILE A 223 -47.66 6.24 22.53
C ILE A 223 -48.78 7.11 21.98
N LYS A 224 -49.90 6.51 21.59
CA LYS A 224 -51.05 7.31 21.15
C LYS A 224 -51.53 8.20 22.28
N LYS A 225 -51.61 7.66 23.50
CA LYS A 225 -52.07 8.46 24.64
C LYS A 225 -51.00 9.43 25.12
N TYR A 226 -49.74 9.04 25.06
CA TYR A 226 -48.63 9.86 25.56
C TYR A 226 -47.52 9.98 24.53
N PRO A 227 -47.70 10.82 23.50
CA PRO A 227 -46.61 10.99 22.53
C PRO A 227 -45.36 11.49 23.21
N GLU A 228 -45.54 12.20 24.33
CA GLU A 228 -44.38 12.70 25.05
C GLU A 228 -43.54 11.56 25.59
N ALA A 229 -44.16 10.43 25.94
CA ALA A 229 -43.35 9.32 26.44
C ALA A 229 -42.41 8.79 25.38
N LEU A 230 -42.87 8.77 24.13
CA LEU A 230 -42.01 8.32 23.02
C LEU A 230 -40.89 9.32 22.77
N LYS A 231 -41.25 10.60 22.72
CA LYS A 231 -40.25 11.63 22.53
C LYS A 231 -39.19 11.57 23.62
N ILE A 232 -39.62 11.36 24.86
CA ILE A 232 -38.70 11.30 26.01
C ILE A 232 -37.80 10.07 25.90
N LEU A 233 -38.39 8.90 25.67
CA LEU A 233 -37.64 7.65 25.64
C LEU A 233 -36.66 7.57 24.50
N GLU A 234 -36.93 8.26 23.38
CA GLU A 234 -35.97 8.27 22.28
C GLU A 234 -34.66 8.95 22.67
N LYS A 235 -34.67 9.79 23.71
CA LYS A 235 -33.43 10.42 24.14
C LYS A 235 -32.44 9.41 24.71
N LEU A 236 -32.89 8.20 25.03
CA LEU A 236 -32.00 7.13 25.47
C LEU A 236 -31.41 6.34 24.32
N ASP A 237 -31.90 6.55 23.10
CA ASP A 237 -31.37 5.85 21.93
C ASP A 237 -29.86 5.99 21.82
N SER A 238 -29.19 4.84 21.68
CA SER A 238 -27.75 4.76 21.44
C SER A 238 -26.92 5.40 22.56
N LYS A 239 -27.49 5.55 23.75
CA LYS A 239 -26.79 6.18 24.86
C LYS A 239 -26.15 5.18 25.82
N ILE A 240 -26.33 3.90 25.59
CA ILE A 240 -25.83 2.84 26.49
C ILE A 240 -25.15 1.79 25.62
N ASN A 241 -23.82 1.91 25.44
CA ASN A 241 -23.10 0.88 24.73
C ASN A 241 -22.74 -0.26 25.68
N ASP A 242 -22.02 -1.24 25.16
CA ASP A 242 -21.68 -2.42 25.96
C ASP A 242 -20.94 -2.05 27.24
N GLU A 243 -19.93 -1.20 27.14
CA GLU A 243 -19.12 -0.85 28.30
C GLU A 243 -19.96 -0.12 29.34
N THR A 244 -20.91 0.71 28.91
CA THR A 244 -21.72 1.44 29.88
C THR A 244 -22.66 0.51 30.63
N MET A 245 -23.30 -0.43 29.94
CA MET A 245 -24.15 -1.39 30.62
C MET A 245 -23.34 -2.23 31.59
N GLN A 246 -22.18 -2.71 31.16
CA GLN A 246 -21.35 -3.53 32.04
C GLN A 246 -20.92 -2.75 33.28
N ASP A 247 -20.58 -1.47 33.11
CA ASP A 247 -20.16 -0.66 34.25
C ASP A 247 -21.33 -0.37 35.19
N LEU A 248 -22.52 -0.11 34.65
CA LEU A 248 -23.68 0.11 35.51
C LEU A 248 -24.02 -1.14 36.31
N ASN A 249 -23.98 -2.31 35.65
CA ASN A 249 -24.20 -3.56 36.38
C ASN A 249 -23.13 -3.76 37.44
N TYR A 250 -21.88 -3.40 37.14
CA TYR A 250 -20.82 -3.50 38.13
C TYR A 250 -21.11 -2.60 39.31
N GLN A 251 -21.60 -1.39 39.03
CA GLN A 251 -21.93 -0.44 40.09
C GLN A 251 -23.01 -1.00 41.01
N VAL A 252 -23.96 -1.74 40.45
CA VAL A 252 -25.02 -2.30 41.29
C VAL A 252 -24.52 -3.51 42.08
N GLU A 253 -23.96 -4.51 41.37
CA GLU A 253 -23.70 -5.82 41.96
C GLU A 253 -22.41 -5.87 42.78
N VAL A 254 -21.41 -5.06 42.43
CA VAL A 254 -20.10 -5.06 43.10
C VAL A 254 -19.97 -3.91 44.07
N LEU A 255 -20.34 -2.70 43.66
CA LEU A 255 -20.26 -1.54 44.53
C LEU A 255 -21.47 -1.44 45.44
N LYS A 256 -22.46 -2.31 45.27
CA LYS A 256 -23.62 -2.41 46.16
C LYS A 256 -24.48 -1.16 46.13
N LYS A 257 -24.48 -0.45 45.00
CA LYS A 257 -25.41 0.66 44.83
C LYS A 257 -26.77 0.12 44.39
N SER A 258 -27.82 0.86 44.75
CA SER A 258 -29.16 0.43 44.36
C SER A 258 -29.37 0.71 42.87
N PRO A 259 -30.19 -0.09 42.20
CA PRO A 259 -30.54 0.22 40.80
C PRO A 259 -31.10 1.62 40.64
N LYS A 260 -31.86 2.09 41.64
CA LYS A 260 -32.43 3.43 41.58
C LYS A 260 -31.32 4.49 41.54
N ILE A 261 -30.35 4.39 42.45
CA ILE A 261 -29.29 5.39 42.51
C ILE A 261 -28.44 5.32 41.24
N VAL A 262 -28.17 4.12 40.75
CA VAL A 262 -27.39 3.98 39.52
C VAL A 262 -28.10 4.65 38.36
N ALA A 263 -29.41 4.46 38.26
CA ALA A 263 -30.17 5.09 37.18
C ALA A 263 -30.19 6.60 37.34
N LYS A 264 -30.35 7.09 38.57
CA LYS A 264 -30.35 8.54 38.80
C LYS A 264 -29.02 9.15 38.38
N ASP A 265 -27.91 8.55 38.83
CA ASP A 265 -26.59 9.08 38.45
C ASP A 265 -26.39 9.03 36.94
N PHE A 266 -26.84 7.94 36.29
CA PHE A 266 -26.65 7.84 34.85
C PHE A 266 -27.44 8.91 34.11
N LEU A 267 -28.71 9.11 34.50
CA LEU A 267 -29.52 10.13 33.84
C LEU A 267 -28.94 11.51 34.06
N GLU A 268 -28.37 11.76 35.25
CA GLU A 268 -27.70 13.02 35.49
C GLU A 268 -26.50 13.17 34.56
N ARG A 269 -25.72 12.10 34.42
CA ARG A 269 -24.55 12.13 33.54
C ARG A 269 -24.96 12.45 32.10
N LEU A 270 -26.10 11.92 31.66
CA LEU A 270 -26.61 12.21 30.33
C LEU A 270 -27.24 13.58 30.20
N GLY A 271 -27.48 14.27 31.31
CA GLY A 271 -28.18 15.55 31.27
C GLY A 271 -29.66 15.44 30.96
N LEU A 272 -30.29 14.30 31.25
CA LEU A 272 -31.70 14.13 30.99
C LEU A 272 -32.53 14.41 32.24
N PRO B 8 33.73 15.86 -45.05
CA PRO B 8 32.66 15.84 -44.05
C PRO B 8 33.09 15.34 -42.68
N LEU B 9 32.36 15.74 -41.65
CA LEU B 9 32.62 15.28 -40.29
C LEU B 9 32.07 13.89 -40.08
N VAL B 10 32.88 13.00 -39.50
CA VAL B 10 32.52 11.61 -39.34
C VAL B 10 32.12 11.39 -37.88
N VAL B 11 30.87 10.99 -37.68
CA VAL B 11 30.34 10.71 -36.35
C VAL B 11 30.39 9.20 -36.15
N ALA B 12 31.13 8.78 -35.14
CA ALA B 12 31.30 7.37 -34.79
C ALA B 12 30.52 7.03 -33.53
N THR B 13 30.19 5.76 -33.39
CA THR B 13 29.58 5.26 -32.17
C THR B 13 30.13 3.88 -31.83
N LYS B 14 29.93 3.47 -30.58
CA LYS B 14 30.20 2.11 -30.16
C LYS B 14 29.04 1.21 -30.59
N PRO B 15 29.23 -0.11 -30.54
CA PRO B 15 28.12 -0.99 -30.97
C PRO B 15 27.10 -1.27 -29.87
N SER B 16 26.33 -0.23 -29.53
CA SER B 16 25.19 -0.35 -28.63
C SER B 16 24.05 0.49 -29.21
N SER B 17 22.82 0.12 -28.83
CA SER B 17 21.66 0.88 -29.31
C SER B 17 21.69 2.33 -28.83
N GLU B 18 22.06 2.53 -27.57
CA GLU B 18 22.22 3.88 -27.04
C GLU B 18 23.20 4.70 -27.84
N GLN B 19 24.32 4.08 -28.24
CA GLN B 19 25.32 4.83 -28.99
C GLN B 19 24.83 5.15 -30.39
N TYR B 20 24.02 4.28 -30.98
CA TYR B 20 23.41 4.58 -32.27
C TYR B 20 22.46 5.75 -32.16
N ILE B 21 21.65 5.78 -31.09
CA ILE B 21 20.75 6.91 -30.86
C ILE B 21 21.54 8.21 -30.73
N LEU B 22 22.60 8.21 -29.90
CA LEU B 22 23.38 9.42 -29.72
C LEU B 22 24.05 9.85 -31.03
N GLY B 23 24.57 8.88 -31.80
CA GLY B 23 25.17 9.22 -33.07
C GLY B 23 24.18 9.81 -34.05
N GLU B 24 22.95 9.30 -34.06
CA GLU B 24 21.95 9.87 -34.96
C GLU B 24 21.51 11.25 -34.48
N ILE B 25 21.45 11.45 -33.17
CA ILE B 25 21.13 12.78 -32.64
C ILE B 25 22.18 13.79 -33.10
N LEU B 26 23.46 13.44 -32.93
CA LEU B 26 24.53 14.34 -33.37
C LEU B 26 24.46 14.56 -34.87
N SER B 27 24.25 13.50 -35.65
CA SER B 27 24.30 13.63 -37.10
C SER B 27 23.14 14.49 -37.59
N LEU B 28 21.93 14.24 -37.08
CA LEU B 28 20.78 15.04 -37.50
C LEU B 28 20.93 16.48 -37.06
N LEU B 29 21.43 16.71 -35.84
CA LEU B 29 21.61 18.07 -35.36
C LEU B 29 22.56 18.85 -36.25
N LEU B 30 23.69 18.24 -36.60
CA LEU B 30 24.66 18.91 -37.47
C LEU B 30 24.10 19.09 -38.90
N GLU B 31 23.37 18.09 -39.40
CA GLU B 31 22.77 18.19 -40.73
C GLU B 31 21.75 19.32 -40.79
N LYS B 32 21.01 19.55 -39.69
CA LYS B 32 20.06 20.65 -39.67
C LYS B 32 20.73 22.00 -39.87
N HIS B 33 22.02 22.10 -39.52
CA HIS B 33 22.82 23.30 -39.71
C HIS B 33 23.73 23.20 -40.92
N HIS B 34 23.42 22.32 -41.87
CA HIS B 34 24.10 22.23 -43.15
C HIS B 34 25.57 21.81 -43.01
N ILE B 35 25.89 21.08 -41.96
CA ILE B 35 27.24 20.54 -41.79
C ILE B 35 27.30 19.13 -42.38
N PRO B 36 28.24 18.85 -43.29
CA PRO B 36 28.31 17.53 -43.93
C PRO B 36 28.70 16.45 -42.94
N ILE B 37 27.97 15.33 -42.97
CA ILE B 37 28.12 14.29 -41.95
C ILE B 37 28.27 12.94 -42.65
N LYS B 38 29.16 12.10 -42.13
CA LYS B 38 29.27 10.70 -42.48
C LYS B 38 29.08 9.85 -41.24
N ARG B 39 28.20 8.86 -41.33
CA ARG B 39 27.93 7.98 -40.19
C ARG B 39 28.89 6.80 -40.21
N ALA B 40 29.63 6.62 -39.12
CA ALA B 40 30.49 5.46 -38.92
C ALA B 40 30.08 4.80 -37.60
N PHE B 41 28.91 4.16 -37.58
CA PHE B 41 28.30 3.67 -36.36
C PHE B 41 28.73 2.24 -36.03
N GLY B 42 28.69 1.90 -34.76
CA GLY B 42 28.92 0.53 -34.34
C GLY B 42 30.31 -0.01 -34.57
N ILE B 43 31.34 0.76 -34.24
CA ILE B 43 32.71 0.31 -34.49
C ILE B 43 33.03 -0.83 -33.54
N GLY B 44 33.41 -1.97 -34.11
CA GLY B 44 33.68 -3.14 -33.28
C GLY B 44 34.81 -2.86 -32.30
N GLY B 45 34.64 -3.29 -31.06
CA GLY B 45 35.61 -3.06 -30.02
C GLY B 45 35.41 -1.76 -29.28
N GLY B 46 34.54 -0.89 -29.78
CA GLY B 46 34.27 0.36 -29.09
C GLY B 46 35.49 1.24 -28.98
N THR B 47 35.71 1.76 -27.76
CA THR B 47 36.71 2.78 -27.55
C THR B 47 38.09 2.33 -28.06
N MET B 48 38.47 1.10 -27.76
CA MET B 48 39.80 0.62 -28.13
C MET B 48 40.11 0.86 -29.60
N ASN B 49 39.10 0.97 -30.45
CA ASN B 49 39.33 1.32 -31.84
C ASN B 49 38.89 2.72 -32.21
N ILE B 50 37.89 3.28 -31.52
CA ILE B 50 37.46 4.63 -31.82
C ILE B 50 38.51 5.63 -31.38
N HIS B 51 39.06 5.45 -30.17
CA HIS B 51 39.97 6.45 -29.60
C HIS B 51 41.18 6.71 -30.48
N PRO B 52 41.92 5.70 -30.93
CA PRO B 52 43.09 6.01 -31.78
C PRO B 52 42.71 6.62 -33.11
N ALA B 53 41.61 6.19 -33.72
CA ALA B 53 41.21 6.81 -34.97
C ALA B 53 40.82 8.26 -34.76
N LEU B 54 40.21 8.55 -33.61
CA LEU B 54 39.88 9.95 -33.33
C LEU B 54 41.17 10.75 -33.23
N ILE B 55 42.17 10.21 -32.54
CA ILE B 55 43.43 10.94 -32.42
C ILE B 55 44.02 11.16 -33.79
N ARG B 56 44.00 10.12 -34.64
CA ARG B 56 44.63 10.22 -35.95
C ARG B 56 43.77 10.93 -37.00
N GLY B 57 42.49 11.10 -36.74
CA GLY B 57 41.63 11.86 -37.62
C GLY B 57 40.72 11.06 -38.52
N ASP B 58 40.66 9.74 -38.36
CA ASP B 58 39.68 8.95 -39.08
C ASP B 58 38.26 9.30 -38.67
N PHE B 59 38.05 9.56 -37.39
CA PHE B 59 36.78 10.02 -36.84
C PHE B 59 36.92 11.46 -36.36
N ASP B 60 35.77 12.14 -36.24
CA ASP B 60 35.75 13.52 -35.77
C ASP B 60 35.13 13.68 -34.39
N LEU B 61 34.12 12.88 -34.03
CA LEU B 61 33.49 13.04 -32.72
C LEU B 61 32.78 11.74 -32.35
N TYR B 62 32.63 11.53 -31.04
CA TYR B 62 31.81 10.44 -30.53
C TYR B 62 31.39 10.79 -29.11
N VAL B 63 30.56 9.94 -28.52
CA VAL B 63 30.12 10.11 -27.14
C VAL B 63 30.87 9.14 -26.26
N GLU B 64 31.59 9.68 -25.28
CA GLU B 64 32.37 8.88 -24.34
C GLU B 64 31.80 9.02 -22.93
N TYR B 65 32.15 8.06 -22.09
CA TYR B 65 31.79 8.04 -20.67
C TYR B 65 33.02 8.34 -19.83
N THR B 66 32.84 9.20 -18.82
CA THR B 66 33.98 9.72 -18.07
C THR B 66 34.88 8.61 -17.51
N GLY B 67 34.29 7.63 -16.82
CA GLY B 67 35.10 6.57 -16.21
C GLY B 67 35.86 5.72 -17.22
N THR B 68 35.32 5.61 -18.44
CA THR B 68 36.03 4.82 -19.45
C THR B 68 37.28 5.53 -19.91
N ALA B 69 37.20 6.85 -20.18
CA ALA B 69 38.43 7.57 -20.48
C ALA B 69 39.36 7.57 -19.29
N TRP B 70 38.80 7.74 -18.09
CA TRP B 70 39.59 7.79 -16.86
C TRP B 70 40.52 6.59 -16.75
N VAL B 71 40.00 5.38 -17.01
CA VAL B 71 40.83 4.20 -16.83
C VAL B 71 41.55 3.78 -18.11
N ASN B 72 40.82 3.67 -19.23
CA ASN B 72 41.37 3.04 -20.42
C ASN B 72 42.39 3.92 -21.13
N THR B 73 42.09 5.21 -21.28
CA THR B 73 42.92 6.15 -22.03
C THR B 73 43.75 7.08 -21.16
N LEU B 74 43.29 7.44 -19.97
CA LEU B 74 44.08 8.35 -19.16
C LEU B 74 45.04 7.66 -18.20
N LYS B 75 44.95 6.35 -18.00
CA LYS B 75 45.95 5.64 -17.19
C LYS B 75 46.00 6.14 -15.74
N ASN B 76 44.85 6.48 -15.20
CA ASN B 76 44.68 6.88 -13.81
C ASN B 76 44.22 5.70 -12.96
N PRO B 77 44.58 5.70 -11.67
CA PRO B 77 44.17 4.60 -10.79
C PRO B 77 42.75 4.80 -10.32
N LEU B 78 42.08 3.66 -10.10
CA LEU B 78 40.70 3.65 -9.62
C LEU B 78 40.56 4.05 -8.16
N THR B 79 41.67 4.21 -7.43
CA THR B 79 41.56 4.79 -6.11
C THR B 79 41.22 6.29 -6.08
N GLN B 80 41.47 7.05 -7.15
CA GLN B 80 41.00 8.44 -7.25
C GLN B 80 39.65 8.64 -7.92
N LYS B 81 38.85 9.51 -7.30
CA LYS B 81 37.56 9.91 -7.81
C LYS B 81 37.71 10.54 -9.18
N VAL B 82 36.89 10.09 -10.13
CA VAL B 82 36.89 10.67 -11.47
C VAL B 82 36.57 12.15 -11.41
N ASP B 83 37.38 12.95 -12.10
CA ASP B 83 37.29 14.41 -12.08
C ASP B 83 37.18 14.90 -13.52
N PHE B 84 36.02 15.48 -13.85
CA PHE B 84 35.77 15.88 -15.24
C PHE B 84 36.75 16.96 -15.68
N GLU B 85 36.99 17.97 -14.86
CA GLU B 85 37.90 19.04 -15.25
C GLU B 85 39.27 18.49 -15.58
N THR B 86 39.74 17.52 -14.79
CA THR B 86 41.01 16.86 -15.09
C THR B 86 40.95 16.13 -16.43
N ILE B 87 39.85 15.42 -16.67
CA ILE B 87 39.72 14.69 -17.93
C ILE B 87 39.82 15.66 -19.10
N LYS B 88 39.07 16.77 -19.03
CA LYS B 88 39.05 17.69 -20.16
C LYS B 88 40.42 18.33 -20.36
N LYS B 89 41.06 18.77 -19.28
CA LYS B 89 42.39 19.40 -19.42
C LYS B 89 43.39 18.42 -20.01
N ARG B 90 43.44 17.19 -19.48
CA ARG B 90 44.42 16.24 -20.00
C ARG B 90 44.08 15.84 -21.42
N TYR B 91 42.80 15.76 -21.77
CA TYR B 91 42.43 15.43 -23.14
C TYR B 91 42.87 16.53 -24.11
N GLU B 92 42.73 17.78 -23.69
CA GLU B 92 43.19 18.88 -24.54
C GLU B 92 44.71 18.88 -24.68
N LYS B 93 45.43 18.68 -23.57
CA LYS B 93 46.88 18.80 -23.62
C LYS B 93 47.53 17.60 -24.31
N GLU B 94 47.10 16.38 -23.98
CA GLU B 94 47.76 15.17 -24.45
C GLU B 94 47.17 14.64 -25.76
N PHE B 95 45.88 14.90 -26.03
CA PHE B 95 45.21 14.32 -27.18
C PHE B 95 44.72 15.36 -28.16
N ASN B 96 44.77 16.65 -27.82
CA ASN B 96 44.18 17.70 -28.64
C ASN B 96 42.71 17.39 -28.91
N LEU B 97 42.03 16.87 -27.88
CA LEU B 97 40.62 16.54 -27.96
C LEU B 97 39.85 17.37 -26.93
N LEU B 98 38.62 17.72 -27.29
CA LEU B 98 37.77 18.59 -26.49
C LEU B 98 36.53 17.81 -26.06
N TRP B 99 36.32 17.72 -24.76
CA TRP B 99 35.02 17.31 -24.22
C TRP B 99 34.05 18.49 -24.30
N VAL B 100 33.04 18.36 -25.16
CA VAL B 100 32.07 19.44 -25.31
C VAL B 100 31.38 19.73 -23.98
N GLY B 101 31.08 18.68 -23.24
CA GLY B 101 30.27 18.78 -22.05
C GLY B 101 29.74 17.41 -21.68
N LEU B 102 28.82 17.41 -20.73
CA LEU B 102 28.19 16.17 -20.29
C LEU B 102 26.73 16.19 -20.67
N LEU B 103 26.23 15.07 -21.22
CA LEU B 103 24.85 15.05 -21.67
C LEU B 103 23.88 15.11 -20.50
N GLY B 104 24.28 14.60 -19.34
CA GLY B 104 23.48 14.73 -18.14
C GLY B 104 23.15 13.44 -17.42
N PHE B 105 23.44 12.31 -18.05
CA PHE B 105 23.14 11.00 -17.52
C PHE B 105 24.40 10.18 -17.30
N ASN B 106 24.29 9.15 -16.45
CA ASN B 106 25.44 8.32 -16.09
C ASN B 106 25.06 6.85 -16.31
N ASN B 107 25.68 6.25 -17.31
CA ASN B 107 25.43 4.87 -17.72
C ASN B 107 26.56 4.00 -17.16
N THR B 108 26.37 3.43 -15.98
CA THR B 108 27.50 2.68 -15.44
C THR B 108 27.27 1.18 -15.51
N TYR B 109 28.35 0.46 -15.26
CA TYR B 109 28.34 -1.00 -15.19
C TYR B 109 27.51 -1.50 -14.00
N SER B 110 26.84 -2.63 -14.18
CA SER B 110 26.32 -3.33 -13.00
C SER B 110 26.29 -4.83 -13.30
N LEU B 111 25.75 -5.60 -12.35
CA LEU B 111 25.61 -7.04 -12.51
C LEU B 111 24.15 -7.43 -12.33
N ALA B 112 23.70 -8.39 -13.12
CA ALA B 112 22.31 -8.80 -13.08
C ALA B 112 22.21 -10.32 -13.10
N ILE B 113 21.20 -10.82 -12.42
CA ILE B 113 20.82 -12.22 -12.42
C ILE B 113 19.31 -12.29 -12.53
N SER B 114 18.77 -13.50 -12.65
CA SER B 114 17.33 -13.60 -12.68
C SER B 114 16.78 -13.30 -11.28
N LYS B 115 15.55 -12.81 -11.23
CA LYS B 115 14.94 -12.55 -9.92
C LYS B 115 14.69 -13.84 -9.16
N GLU B 116 14.37 -14.92 -9.86
CA GLU B 116 14.20 -16.20 -9.21
C GLU B 116 15.49 -16.69 -8.56
N ASP B 117 16.62 -16.55 -9.25
CA ASP B 117 17.90 -16.94 -8.68
C ASP B 117 18.26 -16.06 -7.48
N ALA B 118 17.94 -14.76 -7.57
CA ALA B 118 18.21 -13.85 -6.47
C ALA B 118 17.43 -14.27 -5.23
N GLN B 119 16.15 -14.64 -5.40
CA GLN B 119 15.39 -15.08 -4.23
C GLN B 119 15.92 -16.42 -3.71
N LYS B 120 16.28 -17.33 -4.61
CA LYS B 120 16.75 -18.65 -4.17
C LYS B 120 18.02 -18.55 -3.32
N TYR B 121 18.97 -17.69 -3.71
CA TYR B 121 20.26 -17.64 -3.04
C TYR B 121 20.43 -16.45 -2.10
N ALA B 122 19.38 -15.66 -1.89
CA ALA B 122 19.45 -14.48 -1.01
C ALA B 122 20.49 -13.47 -1.50
N ILE B 123 20.57 -13.27 -2.81
CA ILE B 123 21.60 -12.42 -3.40
C ILE B 123 21.07 -11.00 -3.53
N GLU B 124 21.79 -10.03 -2.96
CA GLU B 124 21.45 -8.62 -3.10
C GLU B 124 22.64 -7.80 -3.59
N THR B 125 23.84 -8.18 -3.19
CA THR B 125 25.02 -7.37 -3.44
C THR B 125 26.00 -8.12 -4.33
N PHE B 126 26.97 -7.40 -4.87
CA PHE B 126 28.06 -8.06 -5.59
C PHE B 126 28.75 -9.10 -4.71
N SER B 127 28.98 -8.76 -3.44
CA SER B 127 29.64 -9.70 -2.55
C SER B 127 28.79 -10.94 -2.37
N ASP B 128 27.47 -10.77 -2.33
CA ASP B 128 26.59 -11.94 -2.31
C ASP B 128 26.78 -12.79 -3.55
N LEU B 129 26.85 -12.17 -4.73
CA LEU B 129 27.02 -12.97 -5.94
C LEU B 129 28.35 -13.73 -5.91
N ALA B 130 29.43 -13.07 -5.49
CA ALA B 130 30.71 -13.75 -5.38
C ALA B 130 30.64 -14.90 -4.37
N PHE B 131 29.93 -14.67 -3.27
CA PHE B 131 29.80 -15.69 -2.23
C PHE B 131 29.14 -16.96 -2.76
N HIS B 132 28.19 -16.81 -3.69
CA HIS B 132 27.50 -17.94 -4.30
C HIS B 132 27.90 -18.14 -5.76
N SER B 133 28.98 -17.48 -6.20
CA SER B 133 29.32 -17.46 -7.62
C SER B 133 29.58 -18.83 -8.25
N PRO B 134 30.04 -19.86 -7.55
CA PRO B 134 30.18 -21.17 -8.20
C PRO B 134 28.90 -21.75 -8.79
N ASN B 135 27.72 -21.20 -8.48
CA ASN B 135 26.48 -21.69 -9.07
C ASN B 135 26.03 -20.90 -10.30
N PHE B 136 26.88 -20.03 -10.86
CA PHE B 136 26.47 -19.14 -11.93
C PHE B 136 27.46 -19.17 -13.09
N ASP B 137 26.90 -19.16 -14.30
CA ASP B 137 27.67 -19.07 -15.54
C ASP B 137 27.60 -17.63 -16.05
N PHE B 138 28.74 -16.94 -16.02
CA PHE B 138 28.79 -15.51 -16.31
C PHE B 138 29.19 -15.27 -17.76
N GLY B 139 28.50 -14.32 -18.40
CA GLY B 139 28.82 -13.92 -19.74
C GLY B 139 28.90 -12.40 -19.84
N ALA B 140 29.76 -11.95 -20.75
CA ALA B 140 29.92 -10.52 -20.97
C ALA B 140 30.61 -10.33 -22.31
N GLU B 141 30.67 -9.07 -22.73
CA GLU B 141 31.32 -8.72 -23.98
C GLU B 141 32.85 -8.82 -23.83
N PHE B 142 33.52 -8.98 -24.97
CA PHE B 142 34.95 -9.22 -24.99
C PHE B 142 35.69 -8.19 -24.14
N ASP B 143 35.38 -6.91 -24.34
CA ASP B 143 36.10 -5.83 -23.67
C ASP B 143 35.88 -5.84 -22.17
N PHE B 144 34.81 -6.47 -21.70
CA PHE B 144 34.58 -6.59 -20.26
C PHE B 144 35.66 -7.42 -19.58
N PHE B 145 36.31 -8.34 -20.29
CA PHE B 145 37.34 -9.15 -19.63
C PHE B 145 38.74 -8.58 -19.77
N GLU B 146 38.89 -7.45 -20.44
CA GLU B 146 40.19 -6.83 -20.69
C GLU B 146 40.42 -5.55 -19.89
N ARG B 147 39.41 -4.69 -19.80
CA ARG B 147 39.55 -3.41 -19.11
C ARG B 147 39.83 -3.62 -17.62
N GLU B 148 40.73 -2.79 -17.08
CA GLU B 148 41.05 -2.87 -15.66
C GLU B 148 39.88 -2.46 -14.77
N ASP B 149 38.96 -1.66 -15.28
CA ASP B 149 37.81 -1.22 -14.50
C ASP B 149 36.63 -2.18 -14.61
N ALA B 150 36.84 -3.36 -15.22
CA ALA B 150 35.76 -4.31 -15.42
C ALA B 150 36.11 -5.60 -14.69
N PHE B 151 36.22 -6.73 -15.39
CA PHE B 151 36.38 -8.01 -14.71
C PHE B 151 37.65 -8.07 -13.88
N LYS B 152 38.76 -7.51 -14.38
CA LYS B 152 40.01 -7.59 -13.63
C LYS B 152 39.89 -6.90 -12.26
N GLY B 153 39.22 -5.75 -12.24
CA GLY B 153 38.99 -5.07 -10.96
C GLY B 153 37.96 -5.76 -10.11
N LEU B 154 36.91 -6.29 -10.74
CA LEU B 154 35.92 -7.07 -10.01
C LEU B 154 36.56 -8.25 -9.30
N MET B 155 37.49 -8.93 -9.97
CA MET B 155 38.18 -10.05 -9.33
C MET B 155 39.11 -9.58 -8.22
N LYS B 156 39.80 -8.45 -8.42
CA LYS B 156 40.69 -7.99 -7.37
C LYS B 156 39.92 -7.55 -6.13
N ALA B 157 38.75 -6.95 -6.33
CA ALA B 157 37.93 -6.41 -5.24
C ALA B 157 37.02 -7.43 -4.58
N TYR B 158 36.51 -8.41 -5.34
CA TYR B 158 35.52 -9.33 -4.82
C TYR B 158 35.92 -10.81 -4.88
N ARG B 159 36.86 -11.19 -5.75
CA ARG B 159 37.32 -12.56 -5.87
C ARG B 159 36.16 -13.52 -6.16
N PHE B 160 35.51 -13.28 -7.31
CA PHE B 160 34.48 -14.19 -7.79
C PHE B 160 35.09 -15.52 -8.20
N HIS B 161 34.32 -16.60 -8.03
CA HIS B 161 34.70 -17.92 -8.50
C HIS B 161 33.55 -18.50 -9.34
N PHE B 162 33.28 -17.85 -10.48
CA PHE B 162 32.19 -18.27 -11.35
C PHE B 162 32.44 -19.68 -11.90
N ARG B 163 31.35 -20.42 -12.05
CA ARG B 163 31.44 -21.76 -12.62
C ARG B 163 32.00 -21.74 -14.05
N SER B 164 31.73 -20.69 -14.81
CA SER B 164 32.26 -20.56 -16.16
C SER B 164 32.23 -19.09 -16.57
N LEU B 165 33.08 -18.73 -17.53
CA LEU B 165 33.10 -17.40 -18.09
C LEU B 165 32.88 -17.49 -19.60
N HIS B 166 32.03 -16.61 -20.12
CA HIS B 166 31.67 -16.62 -21.53
C HIS B 166 31.80 -15.22 -22.09
N GLU B 167 32.63 -15.08 -23.13
CA GLU B 167 32.83 -13.82 -23.83
C GLU B 167 32.11 -13.88 -25.17
N MET B 168 31.53 -12.76 -25.57
CA MET B 168 30.69 -12.73 -26.76
C MET B 168 30.59 -11.28 -27.24
N ASP B 169 30.00 -11.13 -28.42
CA ASP B 169 29.73 -9.80 -28.93
C ASP B 169 28.83 -9.04 -27.97
N ILE B 170 29.09 -7.74 -27.84
CA ILE B 170 28.38 -6.93 -26.85
C ILE B 170 26.87 -6.99 -27.07
N ASN B 171 26.44 -7.22 -28.31
CA ASN B 171 25.02 -7.23 -28.63
C ASN B 171 24.37 -8.60 -28.47
N LEU B 172 25.09 -9.60 -27.98
CA LEU B 172 24.54 -10.92 -27.76
C LEU B 172 24.37 -11.26 -26.28
N ARG B 173 24.74 -10.34 -25.38
CA ARG B 173 24.75 -10.68 -23.96
C ARG B 173 23.36 -11.05 -23.49
N TYR B 174 22.39 -10.18 -23.71
CA TYR B 174 21.06 -10.48 -23.18
C TYR B 174 20.49 -11.71 -23.86
N LYS B 175 20.84 -11.94 -25.14
CA LYS B 175 20.35 -13.13 -25.82
C LYS B 175 20.97 -14.38 -25.20
N SER B 176 22.23 -14.30 -24.78
CA SER B 176 22.84 -15.46 -24.15
C SER B 176 22.17 -15.74 -22.82
N PHE B 177 21.71 -14.68 -22.15
CA PHE B 177 20.95 -14.87 -20.92
C PHE B 177 19.60 -15.50 -21.23
N GLU B 178 18.95 -15.07 -22.32
CA GLU B 178 17.65 -15.64 -22.69
C GLU B 178 17.77 -17.12 -23.03
N SER B 179 18.88 -17.54 -23.64
CA SER B 179 19.06 -18.94 -23.99
C SER B 179 19.59 -19.78 -22.84
N HIS B 180 19.92 -19.16 -21.70
CA HIS B 180 20.45 -19.85 -20.52
C HIS B 180 21.85 -20.40 -20.73
N LYS B 181 22.55 -19.95 -21.79
CA LYS B 181 23.98 -20.23 -21.87
C LYS B 181 24.70 -19.62 -20.68
N ILE B 182 24.23 -18.45 -20.22
CA ILE B 182 24.69 -17.83 -18.98
C ILE B 182 23.48 -17.53 -18.10
N ASN B 183 23.74 -17.43 -16.79
CA ASN B 183 22.70 -17.07 -15.83
C ASN B 183 23.14 -15.94 -14.90
N ALA B 184 24.19 -15.21 -15.28
CA ALA B 184 24.60 -13.97 -14.64
C ALA B 184 25.33 -13.15 -15.68
N LEU B 185 25.16 -11.83 -15.65
CA LEU B 185 25.78 -11.03 -16.70
C LEU B 185 26.02 -9.60 -16.23
N ASP B 186 26.86 -8.90 -17.00
CA ASP B 186 27.08 -7.48 -16.85
C ASP B 186 25.97 -6.74 -17.56
N VAL B 187 25.56 -5.60 -16.99
CA VAL B 187 24.51 -4.82 -17.62
C VAL B 187 24.99 -3.39 -17.66
N PHE B 188 24.31 -2.61 -18.48
CA PHE B 188 24.39 -1.16 -18.46
C PHE B 188 23.20 -0.57 -17.75
N THR B 189 23.44 0.48 -16.98
CA THR B 189 22.40 0.93 -16.06
C THR B 189 21.16 1.45 -16.78
N THR B 190 21.28 1.86 -18.06
CA THR B 190 20.14 2.34 -18.82
C THR B 190 19.57 1.33 -19.80
N ASP B 191 19.99 0.07 -19.72
CA ASP B 191 19.54 -0.92 -20.70
C ASP B 191 18.03 -1.13 -20.62
N ALA B 192 17.35 -1.07 -21.77
CA ALA B 192 15.92 -1.38 -21.82
C ALA B 192 15.62 -2.77 -21.30
N GLN B 193 16.54 -3.71 -21.53
CA GLN B 193 16.32 -5.12 -21.21
C GLN B 193 16.24 -5.41 -19.72
N ILE B 194 16.75 -4.54 -18.84
CA ILE B 194 16.55 -4.78 -17.42
C ILE B 194 15.06 -4.84 -17.10
N LYS B 195 14.29 -3.87 -17.60
CA LYS B 195 12.85 -3.91 -17.38
C LYS B 195 12.18 -4.95 -18.28
N GLU B 196 12.63 -5.06 -19.54
CA GLU B 196 12.00 -6.00 -20.46
C GLU B 196 12.05 -7.43 -19.92
N LEU B 197 13.16 -7.83 -19.32
CA LEU B 197 13.35 -9.19 -18.82
C LEU B 197 13.13 -9.30 -17.31
N ASP B 198 12.83 -8.20 -16.63
CA ASP B 198 12.60 -8.18 -15.19
C ASP B 198 13.80 -8.76 -14.42
N LEU B 199 14.99 -8.25 -14.74
CA LEU B 199 16.21 -8.77 -14.14
C LEU B 199 16.43 -8.13 -12.78
N LYS B 200 17.21 -8.81 -11.93
CA LYS B 200 17.64 -8.27 -10.65
C LYS B 200 19.04 -7.69 -10.82
N VAL B 201 19.13 -6.37 -10.70
CA VAL B 201 20.41 -5.66 -10.75
C VAL B 201 20.99 -5.56 -9.35
N LEU B 202 22.22 -6.03 -9.18
CA LEU B 202 22.83 -6.13 -7.86
C LEU B 202 23.47 -4.81 -7.45
N LYS B 203 23.69 -4.68 -6.14
CA LYS B 203 24.26 -3.49 -5.53
C LYS B 203 25.77 -3.61 -5.37
N ASP B 204 26.50 -2.59 -5.83
CA ASP B 204 27.97 -2.54 -5.78
C ASP B 204 28.39 -2.12 -4.38
N ASP B 205 28.36 -3.08 -3.45
CA ASP B 205 28.46 -2.76 -2.03
C ASP B 205 29.81 -2.18 -1.63
N LYS B 206 30.87 -2.43 -2.39
CA LYS B 206 32.16 -1.82 -2.13
C LYS B 206 32.42 -0.58 -2.97
N GLY B 207 31.46 -0.16 -3.79
CA GLY B 207 31.60 1.04 -4.60
C GLY B 207 32.74 0.92 -5.58
N PHE B 208 32.87 -0.23 -6.22
CA PHE B 208 33.96 -0.48 -7.16
C PHE B 208 33.84 0.32 -8.45
N PHE B 209 32.65 0.36 -9.04
CA PHE B 209 32.61 0.95 -10.37
C PHE B 209 32.57 2.47 -10.38
N PRO B 210 33.32 3.03 -11.31
CA PRO B 210 33.45 4.47 -11.50
C PRO B 210 32.20 5.02 -12.15
N ASN B 211 32.15 6.35 -12.24
CA ASN B 211 31.00 7.08 -12.71
C ASN B 211 31.28 7.20 -14.21
N TYR B 212 30.24 6.96 -15.01
CA TYR B 212 30.38 7.00 -16.47
C TYR B 212 29.36 7.93 -17.10
N GLN B 213 29.53 9.21 -16.84
CA GLN B 213 28.64 10.23 -17.37
C GLN B 213 29.03 10.49 -18.82
N ALA B 214 28.05 10.51 -19.70
CA ALA B 214 28.28 10.67 -21.13
C ALA B 214 28.50 12.12 -21.54
N GLY B 215 29.45 12.31 -22.44
CA GLY B 215 29.74 13.63 -22.99
C GLY B 215 30.36 13.49 -24.36
N ILE B 216 30.15 14.49 -25.19
CA ILE B 216 30.69 14.49 -26.56
C ILE B 216 32.16 14.86 -26.55
N VAL B 217 32.98 14.02 -27.17
CA VAL B 217 34.40 14.27 -27.40
C VAL B 217 34.59 14.53 -28.88
N ILE B 218 35.23 15.65 -29.21
CA ILE B 218 35.41 16.10 -30.59
C ILE B 218 36.84 16.59 -30.80
N ARG B 219 37.36 16.34 -31.99
CA ARG B 219 38.70 16.81 -32.36
C ARG B 219 38.77 18.32 -32.31
N LYS B 220 39.83 18.85 -31.70
CA LYS B 220 40.02 20.30 -31.69
C LYS B 220 40.26 20.84 -33.10
N GLU B 221 40.85 20.03 -33.98
CA GLU B 221 40.99 20.42 -35.37
C GLU B 221 39.64 20.65 -36.02
N THR B 222 38.65 19.82 -35.67
CA THR B 222 37.33 19.98 -36.23
C THR B 222 36.68 21.27 -35.74
N ILE B 223 36.89 21.59 -34.46
CA ILE B 223 36.36 22.85 -33.92
C ILE B 223 37.06 24.03 -34.58
N LYS B 224 38.35 23.91 -34.85
CA LYS B 224 39.04 24.97 -35.57
C LYS B 224 38.40 25.17 -36.93
N LYS B 225 38.09 24.08 -37.64
CA LYS B 225 37.48 24.23 -38.96
C LYS B 225 36.02 24.64 -38.88
N TYR B 226 35.31 24.13 -37.90
CA TYR B 226 33.88 24.37 -37.77
C TYR B 226 33.50 24.80 -36.36
N PRO B 227 33.78 26.05 -36.01
CA PRO B 227 33.38 26.53 -34.68
C PRO B 227 31.88 26.41 -34.50
N GLU B 228 31.13 26.47 -35.60
CA GLU B 228 29.69 26.35 -35.50
C GLU B 228 29.30 24.98 -35.00
N ALA B 229 30.10 23.95 -35.31
CA ALA B 229 29.75 22.62 -34.82
C ALA B 229 29.84 22.57 -33.31
N LEU B 230 30.82 23.28 -32.73
CA LEU B 230 30.95 23.33 -31.28
C LEU B 230 29.79 24.08 -30.65
N LYS B 231 29.48 25.25 -31.21
CA LYS B 231 28.35 26.02 -30.70
C LYS B 231 27.06 25.20 -30.74
N ILE B 232 26.85 24.46 -31.83
CA ILE B 232 25.64 23.64 -31.98
C ILE B 232 25.62 22.51 -30.97
N LEU B 233 26.72 21.75 -30.87
CA LEU B 233 26.76 20.57 -30.00
C LEU B 233 26.66 20.94 -28.53
N GLU B 234 27.12 22.12 -28.14
CA GLU B 234 26.97 22.53 -26.74
C GLU B 234 25.51 22.68 -26.36
N LYS B 235 24.62 22.84 -27.33
CA LYS B 235 23.19 22.96 -27.05
C LYS B 235 22.63 21.66 -26.48
N LEU B 236 23.35 20.55 -26.61
CA LEU B 236 22.95 19.28 -26.01
C LEU B 236 23.42 19.11 -24.57
N ASP B 237 24.28 20.00 -24.08
CA ASP B 237 24.74 19.93 -22.70
C ASP B 237 23.58 19.83 -21.71
N SER B 238 23.65 18.81 -20.85
CA SER B 238 22.71 18.60 -19.74
C SER B 238 21.27 18.41 -20.20
N LYS B 239 21.04 18.04 -21.45
CA LYS B 239 19.69 17.90 -21.98
C LYS B 239 19.18 16.47 -21.97
N ILE B 240 20.00 15.51 -21.54
CA ILE B 240 19.65 14.09 -21.53
C ILE B 240 20.03 13.53 -20.16
N ASN B 241 19.07 13.51 -19.24
CA ASN B 241 19.32 12.88 -17.95
C ASN B 241 19.09 11.37 -18.05
N ASP B 242 19.24 10.68 -16.91
CA ASP B 242 19.11 9.23 -16.91
C ASP B 242 17.76 8.76 -17.44
N GLU B 243 16.68 9.37 -16.95
CA GLU B 243 15.35 8.91 -17.36
C GLU B 243 15.12 9.14 -18.85
N THR B 244 15.62 10.24 -19.40
CA THR B 244 15.42 10.52 -20.82
C THR B 244 16.20 9.55 -21.69
N MET B 245 17.47 9.29 -21.36
CA MET B 245 18.24 8.33 -22.15
C MET B 245 17.64 6.95 -22.05
N GLN B 246 17.25 6.54 -20.84
CA GLN B 246 16.60 5.25 -20.64
C GLN B 246 15.34 5.13 -21.50
N ASP B 247 14.55 6.21 -21.58
CA ASP B 247 13.33 6.18 -22.37
C ASP B 247 13.64 6.10 -23.86
N LEU B 248 14.67 6.80 -24.31
CA LEU B 248 15.03 6.72 -25.72
C LEU B 248 15.49 5.30 -26.08
N ASN B 249 16.31 4.69 -25.23
CA ASN B 249 16.70 3.30 -25.46
C ASN B 249 15.50 2.37 -25.45
N TYR B 250 14.55 2.61 -24.54
CA TYR B 250 13.34 1.80 -24.51
C TYR B 250 12.56 1.97 -25.80
N GLN B 251 12.50 3.20 -26.30
CA GLN B 251 11.81 3.50 -27.55
C GLN B 251 12.43 2.74 -28.72
N VAL B 252 13.75 2.59 -28.72
CA VAL B 252 14.38 1.86 -29.82
C VAL B 252 14.20 0.35 -29.67
N GLU B 253 14.57 -0.23 -28.52
CA GLU B 253 14.68 -1.67 -28.39
C GLU B 253 13.34 -2.37 -28.15
N VAL B 254 12.40 -1.69 -27.51
CA VAL B 254 11.11 -2.28 -27.14
C VAL B 254 9.99 -1.82 -28.08
N LEU B 255 9.92 -0.53 -28.36
CA LEU B 255 8.89 -0.01 -29.26
C LEU B 255 9.27 -0.17 -30.72
N LYS B 256 10.48 -0.63 -31.02
CA LYS B 256 10.92 -0.95 -32.38
C LYS B 256 10.99 0.27 -33.27
N LYS B 257 11.24 1.45 -32.69
CA LYS B 257 11.49 2.63 -33.50
C LYS B 257 12.96 2.61 -33.95
N SER B 258 13.22 3.21 -35.10
CA SER B 258 14.60 3.26 -35.58
C SER B 258 15.41 4.28 -34.78
N PRO B 259 16.72 4.06 -34.61
CA PRO B 259 17.55 5.08 -33.97
C PRO B 259 17.44 6.44 -34.65
N LYS B 260 17.29 6.45 -35.98
CA LYS B 260 17.15 7.70 -36.71
C LYS B 260 15.89 8.44 -36.27
N ILE B 261 14.76 7.74 -36.25
CA ILE B 261 13.50 8.37 -35.87
C ILE B 261 13.52 8.80 -34.41
N VAL B 262 14.10 7.97 -33.53
CA VAL B 262 14.19 8.35 -32.12
C VAL B 262 15.00 9.63 -31.95
N ALA B 263 16.13 9.73 -32.66
CA ALA B 263 16.93 10.94 -32.58
C ALA B 263 16.19 12.14 -33.15
N LYS B 264 15.50 11.94 -34.28
CA LYS B 264 14.74 13.03 -34.88
C LYS B 264 13.65 13.53 -33.93
N ASP B 265 12.88 12.61 -33.35
CA ASP B 265 11.85 12.99 -32.40
C ASP B 265 12.45 13.69 -31.20
N PHE B 266 13.60 13.22 -30.71
CA PHE B 266 14.20 13.85 -29.54
C PHE B 266 14.62 15.28 -29.86
N LEU B 267 15.28 15.48 -31.01
CA LEU B 267 15.72 16.82 -31.38
C LEU B 267 14.53 17.74 -31.60
N GLU B 268 13.43 17.19 -32.12
CA GLU B 268 12.20 17.97 -32.26
C GLU B 268 11.69 18.35 -30.88
N ARG B 269 11.72 17.40 -29.95
CA ARG B 269 11.28 17.64 -28.58
C ARG B 269 12.07 18.78 -27.96
N LEU B 270 13.37 18.84 -28.25
CA LEU B 270 14.22 19.92 -27.76
C LEU B 270 14.03 21.23 -28.52
N GLY B 271 13.32 21.22 -29.64
CA GLY B 271 13.20 22.41 -30.46
C GLY B 271 14.45 22.81 -31.21
N LEU B 272 15.34 21.87 -31.49
CA LEU B 272 16.58 22.16 -32.21
C LEU B 272 16.47 21.86 -33.71
N PRO C 8 31.25 -0.96 33.08
CA PRO C 8 30.37 -1.28 31.95
C PRO C 8 30.69 -0.54 30.65
N LEU C 9 30.26 -1.14 29.53
CA LEU C 9 30.45 -0.53 28.21
C LEU C 9 29.43 0.55 27.94
N VAL C 10 29.90 1.69 27.46
CA VAL C 10 29.07 2.86 27.23
C VAL C 10 28.82 2.93 25.74
N VAL C 11 27.55 2.85 25.35
CA VAL C 11 27.16 2.94 23.95
C VAL C 11 26.68 4.35 23.67
N ALA C 12 27.33 5.03 22.74
CA ALA C 12 26.97 6.39 22.36
C ALA C 12 26.32 6.41 20.99
N THR C 13 25.52 7.44 20.75
CA THR C 13 24.93 7.67 19.43
C THR C 13 24.92 9.17 19.14
N LYS C 14 24.76 9.50 17.86
CA LYS C 14 24.51 10.87 17.45
C LYS C 14 23.04 11.18 17.69
N PRO C 15 22.65 12.46 17.64
CA PRO C 15 21.22 12.81 17.87
C PRO C 15 20.35 12.70 16.62
N SER C 16 20.12 11.47 16.18
CA SER C 16 19.16 11.18 15.12
C SER C 16 18.38 9.93 15.51
N SER C 17 17.18 9.79 14.96
CA SER C 17 16.36 8.63 15.27
C SER C 17 17.05 7.33 14.84
N GLU C 18 17.65 7.33 13.66
CA GLU C 18 18.39 6.17 13.18
C GLU C 18 19.49 5.79 14.18
N GLN C 19 20.17 6.79 14.73
CA GLN C 19 21.25 6.49 15.65
C GLN C 19 20.73 5.91 16.96
N TYR C 20 19.54 6.36 17.41
CA TYR C 20 18.92 5.76 18.58
C TYR C 20 18.56 4.30 18.33
N ILE C 21 18.02 4.01 17.14
CA ILE C 21 17.74 2.61 16.81
C ILE C 21 19.01 1.78 16.84
N LEU C 22 20.08 2.26 16.21
CA LEU C 22 21.33 1.49 16.19
C LEU C 22 21.90 1.33 17.60
N GLY C 23 21.83 2.38 18.42
CA GLY C 23 22.29 2.28 19.79
C GLY C 23 21.51 1.26 20.59
N GLU C 24 20.19 1.21 20.36
CA GLU C 24 19.39 0.22 21.09
C GLU C 24 19.66 -1.19 20.58
N ILE C 25 19.96 -1.35 19.28
CA ILE C 25 20.32 -2.67 18.78
C ILE C 25 21.61 -3.17 19.44
N LEU C 26 22.63 -2.31 19.48
CA LEU C 26 23.88 -2.69 20.13
C LEU C 26 23.68 -2.97 21.61
N SER C 27 22.92 -2.10 22.30
CA SER C 27 22.79 -2.23 23.74
C SER C 27 22.03 -3.49 24.09
N LEU C 28 20.91 -3.75 23.40
CA LEU C 28 20.14 -4.95 23.70
C LEU C 28 20.93 -6.20 23.34
N LEU C 29 21.66 -6.17 22.22
CA LEU C 29 22.43 -7.35 21.83
C LEU C 29 23.49 -7.68 22.87
N LEU C 30 24.21 -6.68 23.36
CA LEU C 30 25.22 -6.94 24.39
C LEU C 30 24.59 -7.34 25.72
N GLU C 31 23.46 -6.72 26.08
CA GLU C 31 22.78 -7.09 27.32
C GLU C 31 22.28 -8.53 27.28
N LYS C 32 21.84 -9.01 26.12
CA LYS C 32 21.41 -10.40 26.04
C LYS C 32 22.54 -11.37 26.37
N HIS C 33 23.78 -10.92 26.18
CA HIS C 33 24.98 -11.69 26.48
C HIS C 33 25.60 -11.27 27.81
N HIS C 34 24.83 -10.63 28.68
CA HIS C 34 25.24 -10.33 30.05
C HIS C 34 26.40 -9.34 30.10
N ILE C 35 26.54 -8.50 29.07
CA ILE C 35 27.56 -7.46 29.11
C ILE C 35 26.95 -6.19 29.68
N PRO C 36 27.55 -5.59 30.71
CA PRO C 36 26.95 -4.39 31.33
C PRO C 36 27.01 -3.20 30.40
N ILE C 37 25.90 -2.47 30.27
CA ILE C 37 25.76 -1.42 29.27
C ILE C 37 25.23 -0.16 29.94
N LYS C 38 25.79 0.99 29.55
CA LYS C 38 25.27 2.30 29.87
C LYS C 38 24.97 3.02 28.56
N ARG C 39 23.76 3.59 28.45
CA ARG C 39 23.34 4.30 27.25
C ARG C 39 23.71 5.78 27.35
N ALA C 40 24.47 6.28 26.37
CA ALA C 40 24.79 7.71 26.25
C ALA C 40 24.36 8.18 24.87
N PHE C 41 23.06 8.27 24.65
CA PHE C 41 22.49 8.52 23.34
C PHE C 41 22.35 10.01 23.06
N GLY C 42 22.35 10.36 21.77
CA GLY C 42 22.07 11.72 21.36
C GLY C 42 23.07 12.78 21.76
N ILE C 43 24.37 12.51 21.59
CA ILE C 43 25.39 13.45 22.00
C ILE C 43 25.33 14.67 21.08
N GLY C 44 25.13 15.85 21.67
CA GLY C 44 25.00 17.04 20.86
C GLY C 44 26.26 17.29 20.05
N GLY C 45 26.07 17.65 18.78
CA GLY C 45 27.19 17.88 17.91
C GLY C 45 27.66 16.64 17.18
N GLY C 46 27.15 15.47 17.54
CA GLY C 46 27.53 14.25 16.85
C GLY C 46 29.02 13.97 16.98
N THR C 47 29.65 13.65 15.85
CA THR C 47 31.02 13.17 15.87
C THR C 47 31.95 14.13 16.59
N MET C 48 31.81 15.44 16.36
CA MET C 48 32.73 16.39 16.95
C MET C 48 32.88 16.21 18.45
N ASN C 49 31.89 15.61 19.12
CA ASN C 49 32.01 15.27 20.53
C ASN C 49 32.12 13.78 20.83
N ILE C 50 31.58 12.92 19.96
CA ILE C 50 31.70 11.49 20.20
C ILE C 50 33.13 11.02 19.99
N HIS C 51 33.75 11.47 18.90
CA HIS C 51 35.06 10.95 18.52
C HIS C 51 36.13 11.16 19.59
N PRO C 52 36.32 12.37 20.13
CA PRO C 52 37.36 12.52 21.17
C PRO C 52 37.04 11.75 22.44
N ALA C 53 35.78 11.68 22.84
CA ALA C 53 35.48 10.91 24.04
C ALA C 53 35.75 9.44 23.82
N LEU C 54 35.51 8.95 22.61
CA LEU C 54 35.83 7.55 22.32
C LEU C 54 37.34 7.36 22.43
N ILE C 55 38.10 8.30 21.88
CA ILE C 55 39.55 8.18 21.95
C ILE C 55 39.99 8.16 23.40
N ARG C 56 39.40 9.05 24.21
CA ARG C 56 39.82 9.17 25.61
C ARG C 56 39.21 8.11 26.52
N GLY C 57 38.16 7.43 26.08
CA GLY C 57 37.59 6.33 26.82
C GLY C 57 36.30 6.65 27.55
N ASP C 58 35.75 7.84 27.36
CA ASP C 58 34.42 8.14 27.91
C ASP C 58 33.34 7.28 27.28
N PHE C 59 33.45 7.02 25.98
CA PHE C 59 32.57 6.09 25.28
C PHE C 59 33.36 4.87 24.85
N ASP C 60 32.64 3.78 24.60
CA ASP C 60 33.25 2.54 24.16
C ASP C 60 32.93 2.19 22.71
N LEU C 61 31.74 2.52 22.22
CA LEU C 61 31.38 2.17 20.86
C LEU C 61 30.25 3.07 20.38
N TYR C 62 30.19 3.24 19.07
CA TYR C 62 29.06 3.90 18.40
C TYR C 62 29.05 3.42 16.96
N VAL C 63 28.07 3.85 16.19
CA VAL C 63 27.99 3.51 14.77
C VAL C 63 28.41 4.74 13.99
N GLU C 64 29.45 4.58 13.17
CA GLU C 64 29.97 5.65 12.34
C GLU C 64 29.74 5.32 10.87
N TYR C 65 29.80 6.35 10.04
CA TYR C 65 29.69 6.25 8.60
C TYR C 65 31.04 6.49 7.95
N THR C 66 31.36 5.65 6.96
CA THR C 66 32.70 5.64 6.36
C THR C 66 33.14 7.01 5.87
N GLY C 67 32.29 7.68 5.07
CA GLY C 67 32.68 8.97 4.53
C GLY C 67 32.87 10.03 5.58
N THR C 68 32.18 9.91 6.72
CA THR C 68 32.35 10.87 7.80
C THR C 68 33.70 10.69 8.47
N ALA C 69 34.12 9.46 8.74
CA ALA C 69 35.48 9.28 9.24
C ALA C 69 36.49 9.72 8.19
N TRP C 70 36.22 9.40 6.93
CA TRP C 70 37.10 9.75 5.82
C TRP C 70 37.46 11.22 5.81
N VAL C 71 36.46 12.09 6.00
CA VAL C 71 36.73 13.52 5.93
C VAL C 71 37.04 14.12 7.31
N ASN C 72 36.17 13.85 8.28
CA ASN C 72 36.20 14.57 9.56
C ASN C 72 37.39 14.16 10.43
N THR C 73 37.64 12.86 10.53
CA THR C 73 38.66 12.29 11.41
C THR C 73 39.93 11.84 10.70
N LEU C 74 39.83 11.40 9.45
CA LEU C 74 41.02 10.93 8.73
C LEU C 74 41.71 12.02 7.93
N LYS C 75 41.10 13.19 7.76
CA LYS C 75 41.79 14.30 7.08
C LYS C 75 42.17 13.94 5.65
N ASN C 76 41.33 13.19 5.00
CA ASN C 76 41.53 12.85 3.61
C ASN C 76 40.73 13.79 2.71
N PRO C 77 41.22 14.05 1.50
CA PRO C 77 40.49 14.91 0.57
C PRO C 77 39.41 14.13 -0.14
N LEU C 78 38.34 14.85 -0.49
CA LEU C 78 37.24 14.21 -1.19
C LEU C 78 37.58 13.84 -2.63
N THR C 79 38.75 14.24 -3.11
CA THR C 79 39.22 13.76 -4.41
C THR C 79 39.58 12.27 -4.41
N GLN C 80 39.86 11.68 -3.25
CA GLN C 80 40.03 10.23 -3.14
C GLN C 80 38.75 9.46 -2.78
N LYS C 81 38.55 8.34 -3.47
CA LYS C 81 37.45 7.43 -3.20
C LYS C 81 37.55 6.90 -1.77
N VAL C 82 36.43 6.97 -1.04
CA VAL C 82 36.42 6.41 0.31
C VAL C 82 36.75 4.92 0.24
N ASP C 83 37.69 4.49 1.09
CA ASP C 83 38.20 3.12 1.10
C ASP C 83 38.08 2.57 2.50
N PHE C 84 37.23 1.56 2.68
CA PHE C 84 36.99 1.04 4.03
C PHE C 84 38.26 0.47 4.63
N GLU C 85 39.02 -0.32 3.87
CA GLU C 85 40.23 -0.93 4.41
C GLU C 85 41.18 0.12 4.94
N THR C 86 41.32 1.24 4.22
CA THR C 86 42.15 2.33 4.70
C THR C 86 41.60 2.91 6.00
N ILE C 87 40.28 3.12 6.06
CA ILE C 87 39.69 3.66 7.28
C ILE C 87 40.01 2.77 8.47
N LYS C 88 39.82 1.46 8.29
CA LYS C 88 40.02 0.52 9.39
C LYS C 88 41.48 0.49 9.83
N LYS C 89 42.40 0.44 8.86
CA LYS C 89 43.82 0.40 9.19
C LYS C 89 44.25 1.65 9.94
N ARG C 90 43.85 2.83 9.44
CA ARG C 90 44.25 4.07 10.10
C ARG C 90 43.59 4.22 11.46
N TYR C 91 42.35 3.72 11.61
CA TYR C 91 41.70 3.79 12.91
C TYR C 91 42.41 2.93 13.94
N GLU C 92 42.87 1.74 13.51
CA GLU C 92 43.61 0.89 14.43
C GLU C 92 44.96 1.50 14.78
N LYS C 93 45.68 2.03 13.79
CA LYS C 93 47.03 2.49 14.08
C LYS C 93 47.03 3.80 14.87
N GLU C 94 46.19 4.76 14.48
CA GLU C 94 46.23 6.08 15.09
C GLU C 94 45.33 6.23 16.30
N PHE C 95 44.21 5.50 16.37
CA PHE C 95 43.23 5.71 17.43
C PHE C 95 43.04 4.52 18.36
N ASN C 96 43.62 3.36 18.06
CA ASN C 96 43.33 2.14 18.81
C ASN C 96 41.83 1.84 18.82
N LEU C 97 41.18 2.08 17.69
CA LEU C 97 39.76 1.83 17.50
C LEU C 97 39.57 0.79 16.41
N LEU C 98 38.54 -0.02 16.55
CA LEU C 98 38.26 -1.12 15.65
C LEU C 98 36.91 -0.90 14.98
N TRP C 99 36.91 -0.85 13.65
CA TRP C 99 35.67 -1.01 12.90
C TRP C 99 35.31 -2.49 12.85
N VAL C 100 34.22 -2.86 13.52
CA VAL C 100 33.81 -4.26 13.55
C VAL C 100 33.54 -4.71 12.12
N GLY C 101 32.95 -3.84 11.33
CA GLY C 101 32.44 -4.19 10.02
C GLY C 101 31.47 -3.13 9.57
N LEU C 102 30.77 -3.43 8.49
CA LEU C 102 29.78 -2.53 7.93
C LEU C 102 28.41 -3.18 8.09
N LEU C 103 27.43 -2.39 8.54
CA LEU C 103 26.11 -2.95 8.76
C LEU C 103 25.45 -3.34 7.45
N GLY C 104 25.79 -2.63 6.37
CA GLY C 104 25.32 -2.99 5.05
C GLY C 104 24.61 -1.91 4.28
N PHE C 105 24.30 -0.79 4.93
CA PHE C 105 23.57 0.31 4.31
C PHE C 105 24.40 1.59 4.28
N ASN C 106 24.01 2.51 3.40
CA ASN C 106 24.75 3.76 3.22
C ASN C 106 23.74 4.90 3.31
N ASN C 107 23.83 5.67 4.38
CA ASN C 107 22.91 6.78 4.64
C ASN C 107 23.67 8.04 4.25
N THR C 108 23.52 8.51 3.01
CA THR C 108 24.34 9.65 2.66
C THR C 108 23.51 10.94 2.60
N TYR C 109 24.24 12.04 2.52
CA TYR C 109 23.68 13.37 2.38
C TYR C 109 22.92 13.55 1.06
N SER C 110 21.85 14.34 1.10
CA SER C 110 21.27 14.84 -0.14
C SER C 110 20.64 16.21 0.10
N LEU C 111 19.99 16.75 -0.94
CA LEU C 111 19.29 18.02 -0.84
C LEU C 111 17.83 17.84 -1.23
N ALA C 112 16.93 18.51 -0.54
CA ALA C 112 15.50 18.35 -0.80
C ALA C 112 14.80 19.69 -0.85
N ILE C 113 13.79 19.74 -1.71
CA ILE C 113 12.87 20.88 -1.82
C ILE C 113 11.46 20.32 -1.95
N SER C 114 10.46 21.20 -1.97
CA SER C 114 9.11 20.69 -2.19
C SER C 114 8.97 20.24 -3.64
N LYS C 115 8.06 19.29 -3.87
CA LYS C 115 7.83 18.84 -5.25
C LYS C 115 7.15 19.93 -6.08
N GLU C 116 6.30 20.75 -5.46
CA GLU C 116 5.69 21.87 -6.17
C GLU C 116 6.75 22.86 -6.62
N ASP C 117 7.70 23.19 -5.74
CA ASP C 117 8.79 24.09 -6.10
C ASP C 117 9.67 23.47 -7.17
N ALA C 118 9.88 22.15 -7.10
CA ALA C 118 10.68 21.48 -8.11
C ALA C 118 10.03 21.60 -9.48
N GLN C 119 8.71 21.43 -9.56
CA GLN C 119 8.05 21.58 -10.85
C GLN C 119 8.10 23.03 -11.30
N LYS C 120 7.90 23.97 -10.37
CA LYS C 120 7.90 25.38 -10.74
C LYS C 120 9.24 25.82 -11.33
N TYR C 121 10.35 25.36 -10.75
CA TYR C 121 11.66 25.85 -11.18
C TYR C 121 12.43 24.83 -12.02
N ALA C 122 11.81 23.71 -12.37
CA ALA C 122 12.46 22.69 -13.19
C ALA C 122 13.73 22.16 -12.52
N ILE C 123 13.69 22.00 -11.20
CA ILE C 123 14.88 21.63 -10.44
C ILE C 123 14.92 20.11 -10.33
N GLU C 124 16.03 19.52 -10.75
CA GLU C 124 16.24 18.09 -10.60
C GLU C 124 17.56 17.77 -9.92
N THR C 125 18.58 18.61 -10.16
CA THR C 125 19.94 18.31 -9.72
C THR C 125 20.40 19.38 -8.74
N PHE C 126 21.50 19.08 -8.05
CA PHE C 126 22.13 20.09 -7.20
C PHE C 126 22.46 21.34 -8.01
N SER C 127 22.98 21.17 -9.23
CA SER C 127 23.32 22.33 -10.04
C SER C 127 22.09 23.15 -10.38
N ASP C 128 20.95 22.49 -10.61
CA ASP C 128 19.70 23.21 -10.78
C ASP C 128 19.35 24.02 -9.55
N LEU C 129 19.48 23.43 -8.36
CA LEU C 129 19.16 24.16 -7.14
C LEU C 129 20.05 25.38 -6.98
N ALA C 130 21.36 25.22 -7.24
CA ALA C 130 22.26 26.36 -7.17
C ALA C 130 21.87 27.43 -8.19
N PHE C 131 21.48 26.99 -9.39
CA PHE C 131 21.08 27.87 -10.48
C PHE C 131 19.91 28.77 -10.11
N HIS C 132 18.97 28.28 -9.30
CA HIS C 132 17.80 29.04 -8.87
C HIS C 132 17.88 29.41 -7.39
N SER C 133 19.05 29.24 -6.78
CA SER C 133 19.16 29.38 -5.33
C SER C 133 18.75 30.73 -4.74
N PRO C 134 18.85 31.86 -5.45
CA PRO C 134 18.35 33.11 -4.84
C PRO C 134 16.88 33.09 -4.48
N ASN C 135 16.10 32.11 -4.94
CA ASN C 135 14.69 32.00 -4.56
C ASN C 135 14.43 31.03 -3.41
N PHE C 136 15.48 30.57 -2.70
CA PHE C 136 15.33 29.53 -1.70
C PHE C 136 16.03 29.89 -0.39
N ASP C 137 15.37 29.58 0.72
CA ASP C 137 15.95 29.74 2.06
C ASP C 137 16.39 28.36 2.53
N PHE C 138 17.69 28.17 2.66
CA PHE C 138 18.26 26.85 2.95
C PHE C 138 18.53 26.72 4.44
N GLY C 139 18.18 25.56 4.98
CA GLY C 139 18.46 25.27 6.38
C GLY C 139 19.12 23.92 6.52
N ALA C 140 19.94 23.81 7.54
CA ALA C 140 20.63 22.57 7.85
C ALA C 140 21.13 22.64 9.28
N GLU C 141 21.63 21.52 9.76
CA GLU C 141 22.15 21.43 11.11
C GLU C 141 23.49 22.17 11.22
N PHE C 142 23.84 22.55 12.44
CA PHE C 142 25.03 23.36 12.67
C PHE C 142 26.25 22.74 12.01
N ASP C 143 26.45 21.44 12.23
CA ASP C 143 27.64 20.76 11.76
C ASP C 143 27.69 20.70 10.24
N PHE C 144 26.54 20.83 9.57
CA PHE C 144 26.51 20.88 8.12
C PHE C 144 27.26 22.08 7.56
N PHE C 145 27.37 23.16 8.34
CA PHE C 145 28.09 24.33 7.82
C PHE C 145 29.57 24.33 8.22
N GLU C 146 30.03 23.31 8.94
CA GLU C 146 31.41 23.22 9.39
C GLU C 146 32.22 22.15 8.68
N ARG C 147 31.65 20.96 8.49
CA ARG C 147 32.37 19.87 7.85
C ARG C 147 32.71 20.22 6.40
N GLU C 148 33.92 19.84 5.99
CA GLU C 148 34.36 20.07 4.61
C GLU C 148 33.57 19.26 3.61
N ASP C 149 32.96 18.14 4.02
CA ASP C 149 32.21 17.31 3.09
C ASP C 149 30.75 17.74 2.99
N ALA C 150 30.38 18.90 3.57
CA ALA C 150 29.01 19.35 3.57
C ALA C 150 28.94 20.69 2.85
N PHE C 151 28.49 21.75 3.52
CA PHE C 151 28.22 23.02 2.84
C PHE C 151 29.47 23.63 2.22
N LYS C 152 30.62 23.56 2.89
CA LYS C 152 31.82 24.17 2.33
C LYS C 152 32.22 23.52 1.00
N GLY C 153 32.12 22.20 0.92
CA GLY C 153 32.40 21.52 -0.34
C GLY C 153 31.30 21.71 -1.37
N LEU C 154 30.04 21.72 -0.90
CA LEU C 154 28.92 22.01 -1.78
C LEU C 154 29.07 23.38 -2.44
N MET C 155 29.60 24.35 -1.70
CA MET C 155 29.80 25.69 -2.23
C MET C 155 31.01 25.77 -3.15
N LYS C 156 32.10 25.06 -2.82
CA LYS C 156 33.24 25.04 -3.74
C LYS C 156 32.87 24.35 -5.06
N ALA C 157 32.03 23.33 -5.01
CA ALA C 157 31.67 22.57 -6.21
C ALA C 157 30.52 23.17 -7.01
N TYR C 158 29.56 23.84 -6.36
CA TYR C 158 28.36 24.31 -7.03
C TYR C 158 28.11 25.81 -6.96
N ARG C 159 28.68 26.52 -5.99
CA ARG C 159 28.49 27.97 -5.85
C ARG C 159 27.01 28.33 -5.75
N PHE C 160 26.38 27.85 -4.68
CA PHE C 160 25.01 28.21 -4.36
C PHE C 160 24.95 29.68 -3.95
N HIS C 161 23.81 30.32 -4.26
CA HIS C 161 23.52 31.68 -3.82
C HIS C 161 22.15 31.69 -3.14
N PHE C 162 22.04 30.98 -2.01
CA PHE C 162 20.78 30.89 -1.30
C PHE C 162 20.33 32.26 -0.81
N ARG C 163 19.01 32.48 -0.84
CA ARG C 163 18.45 33.72 -0.31
C ARG C 163 18.76 33.92 1.17
N SER C 164 18.85 32.83 1.93
CA SER C 164 19.18 32.90 3.34
C SER C 164 19.71 31.55 3.79
N LEU C 165 20.48 31.56 4.88
CA LEU C 165 20.97 30.32 5.49
C LEU C 165 20.54 30.28 6.95
N HIS C 166 20.05 29.12 7.38
CA HIS C 166 19.55 28.93 8.74
C HIS C 166 20.17 27.68 9.34
N GLU C 167 20.83 27.85 10.48
CA GLU C 167 21.43 26.76 11.20
C GLU C 167 20.59 26.47 12.42
N MET C 168 20.55 25.20 12.81
CA MET C 168 19.66 24.78 13.89
C MET C 168 20.12 23.42 14.40
N ASP C 169 19.36 22.90 15.35
CA ASP C 169 19.54 21.55 15.84
C ASP C 169 19.14 20.54 14.77
N ILE C 170 19.90 19.44 14.71
CA ILE C 170 19.70 18.44 13.65
C ILE C 170 18.27 17.94 13.63
N ASN C 171 17.59 17.97 14.78
CA ASN C 171 16.24 17.43 14.90
C ASN C 171 15.14 18.45 14.59
N LEU C 172 15.49 19.66 14.17
CA LEU C 172 14.51 20.66 13.80
C LEU C 172 14.42 20.91 12.30
N ARG C 173 15.23 20.21 11.50
CA ARG C 173 15.30 20.55 10.09
C ARG C 173 13.95 20.36 9.43
N TYR C 174 13.38 19.18 9.55
CA TYR C 174 12.12 18.94 8.86
C TYR C 174 11.03 19.83 9.43
N LYS C 175 11.09 20.15 10.72
CA LYS C 175 10.08 21.04 11.27
C LYS C 175 10.21 22.43 10.68
N SER C 176 11.45 22.89 10.46
CA SER C 176 11.61 24.20 9.85
C SER C 176 11.10 24.18 8.42
N PHE C 177 11.23 23.03 7.74
CA PHE C 177 10.65 22.91 6.42
C PHE C 177 9.12 22.95 6.50
N GLU C 178 8.54 22.28 7.49
CA GLU C 178 7.08 22.29 7.63
C GLU C 178 6.54 23.68 7.94
N SER C 179 7.27 24.49 8.70
CA SER C 179 6.80 25.82 9.01
C SER C 179 7.12 26.84 7.92
N HIS C 180 7.84 26.43 6.88
CA HIS C 180 8.22 27.31 5.78
C HIS C 180 9.22 28.37 6.21
N LYS C 181 9.86 28.21 7.37
CA LYS C 181 11.00 29.07 7.65
C LYS C 181 12.09 28.86 6.61
N ILE C 182 12.24 27.61 6.13
CA ILE C 182 13.10 27.28 5.02
C ILE C 182 12.28 26.52 3.98
N ASN C 183 12.73 26.56 2.72
CA ASN C 183 12.08 25.80 1.65
C ASN C 183 13.09 24.99 0.83
N ALA C 184 14.28 24.78 1.38
CA ALA C 184 15.26 23.84 0.85
C ALA C 184 16.11 23.41 2.03
N LEU C 185 16.49 22.14 2.06
CA LEU C 185 17.22 21.63 3.22
C LEU C 185 18.07 20.43 2.83
N ASP C 186 19.00 20.10 3.72
CA ASP C 186 19.77 18.87 3.63
C ASP C 186 18.93 17.73 4.20
N VAL C 187 19.08 16.55 3.61
CA VAL C 187 18.34 15.39 4.08
C VAL C 187 19.31 14.24 4.23
N PHE C 188 18.86 13.22 4.94
CA PHE C 188 19.52 11.93 4.93
C PHE C 188 18.81 10.93 4.05
N THR C 189 19.59 10.12 3.33
CA THR C 189 18.99 9.33 2.26
C THR C 189 17.99 8.30 2.78
N THR C 190 18.07 7.91 4.05
CA THR C 190 17.13 6.94 4.59
C THR C 190 16.05 7.57 5.47
N ASP C 191 15.95 8.90 5.47
CA ASP C 191 15.00 9.57 6.35
C ASP C 191 13.57 9.20 6.01
N ALA C 192 12.80 8.80 7.04
CA ALA C 192 11.38 8.54 6.85
C ALA C 192 10.66 9.76 6.30
N GLN C 193 11.10 10.96 6.68
CA GLN C 193 10.39 12.18 6.33
C GLN C 193 10.45 12.51 4.84
N ILE C 194 11.39 11.96 4.09
CA ILE C 194 11.35 12.19 2.64
C ILE C 194 10.03 11.67 2.09
N LYS C 195 9.65 10.44 2.47
CA LYS C 195 8.38 9.90 2.03
C LYS C 195 7.21 10.52 2.82
N GLU C 196 7.40 10.73 4.12
CA GLU C 196 6.33 11.29 4.95
C GLU C 196 5.88 12.66 4.45
N LEU C 197 6.82 13.51 4.02
CA LEU C 197 6.49 14.85 3.57
C LEU C 197 6.44 14.97 2.06
N ASP C 198 6.70 13.86 1.36
CA ASP C 198 6.69 13.81 -0.10
C ASP C 198 7.64 14.84 -0.71
N LEU C 199 8.87 14.84 -0.22
CA LEU C 199 9.84 15.83 -0.65
C LEU C 199 10.47 15.38 -1.96
N LYS C 200 10.99 16.32 -2.72
CA LYS C 200 11.77 16.01 -3.91
C LYS C 200 13.23 16.07 -3.53
N VAL C 201 13.89 14.91 -3.55
CA VAL C 201 15.32 14.81 -3.28
C VAL C 201 16.08 14.93 -4.60
N LEU C 202 17.01 15.87 -4.66
CA LEU C 202 17.72 16.22 -5.88
C LEU C 202 18.91 15.30 -6.09
N LYS C 203 19.38 15.26 -7.33
CA LYS C 203 20.48 14.39 -7.74
C LYS C 203 21.81 15.12 -7.67
N ASP C 204 22.79 14.48 -7.04
CA ASP C 204 24.13 15.03 -6.86
C ASP C 204 24.90 14.83 -8.16
N ASP C 205 24.63 15.72 -9.11
CA ASP C 205 25.04 15.54 -10.51
C ASP C 205 26.54 15.58 -10.70
N LYS C 206 27.29 16.22 -9.80
CA LYS C 206 28.75 16.23 -9.85
C LYS C 206 29.38 15.17 -8.95
N GLY C 207 28.58 14.33 -8.31
CA GLY C 207 29.09 13.26 -7.46
C GLY C 207 29.93 13.82 -6.33
N PHE C 208 29.43 14.88 -5.71
CA PHE C 208 30.15 15.53 -4.62
C PHE C 208 30.19 14.69 -3.36
N PHE C 209 29.05 14.09 -2.97
CA PHE C 209 29.07 13.46 -1.65
C PHE C 209 29.68 12.07 -1.61
N PRO C 210 30.44 11.84 -0.55
CA PRO C 210 31.15 10.59 -0.31
C PRO C 210 30.17 9.53 0.18
N ASN C 211 30.69 8.32 0.29
CA ASN C 211 29.89 7.14 0.61
C ASN C 211 29.94 7.08 2.13
N TYR C 212 28.78 6.83 2.74
CA TYR C 212 28.68 6.78 4.20
C TYR C 212 28.05 5.47 4.67
N GLN C 213 28.79 4.39 4.52
CA GLN C 213 28.31 3.08 4.93
C GLN C 213 28.50 2.98 6.44
N ALA C 214 27.47 2.53 7.13
CA ALA C 214 27.47 2.47 8.59
C ALA C 214 28.18 1.23 9.09
N GLY C 215 28.95 1.40 10.15
CA GLY C 215 29.64 0.31 10.80
C GLY C 215 29.91 0.64 12.24
N ILE C 216 29.98 -0.40 13.07
CA ILE C 216 30.24 -0.22 14.49
C ILE C 216 31.72 0.04 14.73
N VAL C 217 32.03 1.14 15.42
CA VAL C 217 33.38 1.46 15.86
C VAL C 217 33.44 1.27 17.38
N ILE C 218 34.42 0.50 17.84
CA ILE C 218 34.54 0.13 19.25
C ILE C 218 35.99 0.24 19.71
N ARG C 219 36.16 0.65 20.97
CA ARG C 219 37.49 0.74 21.55
C ARG C 219 38.15 -0.64 21.59
N LYS C 220 39.41 -0.70 21.17
CA LYS C 220 40.16 -1.96 21.25
C LYS C 220 40.38 -2.40 22.69
N GLU C 221 40.45 -1.47 23.63
CA GLU C 221 40.55 -1.84 25.04
C GLU C 221 39.33 -2.64 25.48
N THR C 222 38.15 -2.26 24.98
CA THR C 222 36.93 -2.97 25.36
C THR C 222 36.94 -4.38 24.77
N ILE C 223 37.42 -4.52 23.53
CA ILE C 223 37.53 -5.85 22.93
C ILE C 223 38.55 -6.69 23.68
N LYS C 224 39.63 -6.07 24.15
CA LYS C 224 40.59 -6.79 24.97
C LYS C 224 39.92 -7.32 26.23
N LYS C 225 39.10 -6.48 26.87
CA LYS C 225 38.42 -6.90 28.09
C LYS C 225 37.25 -7.85 27.81
N TYR C 226 36.55 -7.64 26.71
CA TYR C 226 35.36 -8.42 26.35
C TYR C 226 35.45 -8.92 24.91
N PRO C 227 36.24 -9.96 24.66
CA PRO C 227 36.30 -10.50 23.28
C PRO C 227 34.92 -10.93 22.84
N GLU C 228 34.08 -11.32 23.79
CA GLU C 228 32.74 -11.75 23.45
C GLU C 228 31.94 -10.61 22.84
N ALA C 229 32.21 -9.36 23.26
CA ALA C 229 31.46 -8.27 22.67
C ALA C 229 31.77 -8.12 21.18
N LEU C 230 33.03 -8.34 20.79
CA LEU C 230 33.40 -8.26 19.38
C LEU C 230 32.78 -9.40 18.59
N LYS C 231 32.88 -10.61 19.13
CA LYS C 231 32.29 -11.76 18.45
C LYS C 231 30.79 -11.56 18.27
N ILE C 232 30.13 -11.02 19.29
CA ILE C 232 28.68 -10.79 19.24
C ILE C 232 28.34 -9.72 18.20
N LEU C 233 29.03 -8.58 18.25
CA LEU C 233 28.71 -7.47 17.37
C LEU C 233 28.98 -7.78 15.91
N GLU C 234 29.94 -8.66 15.62
CA GLU C 234 30.16 -9.03 14.22
C GLU C 234 28.97 -9.73 13.59
N LYS C 235 28.07 -10.30 14.41
CA LYS C 235 26.88 -10.94 13.85
C LYS C 235 25.94 -9.94 13.19
N LEU C 236 26.10 -8.64 13.45
CA LEU C 236 25.30 -7.63 12.78
C LEU C 236 25.88 -7.20 11.44
N ASP C 237 27.10 -7.61 11.11
CA ASP C 237 27.70 -7.26 9.84
C ASP C 237 26.77 -7.61 8.68
N SER C 238 26.53 -6.61 7.82
CA SER C 238 25.75 -6.76 6.59
C SER C 238 24.30 -7.18 6.84
N LYS C 239 23.78 -6.97 8.05
CA LYS C 239 22.42 -7.41 8.38
C LYS C 239 21.40 -6.30 8.24
N ILE C 240 21.84 -5.08 7.92
CA ILE C 240 20.97 -3.92 7.80
C ILE C 240 21.33 -3.23 6.49
N ASN C 241 20.62 -3.57 5.42
CA ASN C 241 20.81 -2.89 4.16
C ASN C 241 20.00 -1.59 4.15
N ASP C 242 20.03 -0.88 3.02
CA ASP C 242 19.34 0.41 2.95
C ASP C 242 17.86 0.25 3.26
N GLU C 243 17.20 -0.72 2.63
CA GLU C 243 15.76 -0.88 2.83
C GLU C 243 15.42 -1.23 4.27
N THR C 244 16.26 -2.04 4.92
CA THR C 244 15.98 -2.43 6.29
C THR C 244 16.12 -1.25 7.25
N MET C 245 17.22 -0.51 7.15
CA MET C 245 17.37 0.65 8.03
C MET C 245 16.30 1.69 7.78
N GLN C 246 15.99 1.95 6.51
CA GLN C 246 14.95 2.91 6.15
C GLN C 246 13.60 2.48 6.74
N ASP C 247 13.30 1.18 6.70
CA ASP C 247 12.04 0.68 7.24
C ASP C 247 12.02 0.77 8.76
N LEU C 248 13.15 0.49 9.41
CA LEU C 248 13.20 0.63 10.87
C LEU C 248 12.97 2.08 11.28
N ASN C 249 13.61 3.02 10.57
CA ASN C 249 13.37 4.43 10.84
C ASN C 249 11.91 4.80 10.58
N TYR C 250 11.31 4.22 9.53
CA TYR C 250 9.89 4.45 9.26
C TYR C 250 9.03 3.95 10.41
N GLN C 251 9.38 2.77 10.94
CA GLN C 251 8.66 2.19 12.07
C GLN C 251 8.73 3.10 13.29
N VAL C 252 9.86 3.76 13.50
CA VAL C 252 9.99 4.66 14.65
C VAL C 252 9.24 5.96 14.42
N GLU C 253 9.51 6.65 13.31
CA GLU C 253 9.07 8.02 13.10
C GLU C 253 7.62 8.11 12.64
N VAL C 254 7.13 7.08 11.96
CA VAL C 254 5.79 7.06 11.39
C VAL C 254 4.83 6.22 12.23
N LEU C 255 5.26 5.03 12.64
CA LEU C 255 4.40 4.18 13.45
C LEU C 255 4.45 4.54 14.93
N LYS C 256 5.32 5.46 15.33
CA LYS C 256 5.36 5.98 16.69
C LYS C 256 5.74 4.89 17.69
N LYS C 257 6.49 3.90 17.25
CA LYS C 257 7.06 2.89 18.14
C LYS C 257 8.32 3.45 18.79
N SER C 258 8.62 2.99 19.99
CA SER C 258 9.81 3.47 20.65
C SER C 258 11.06 2.88 20.00
N PRO C 259 12.18 3.61 20.02
CA PRO C 259 13.44 3.02 19.54
C PRO C 259 13.80 1.73 20.24
N LYS C 260 13.48 1.61 21.53
CA LYS C 260 13.78 0.39 22.27
C LYS C 260 13.02 -0.79 21.69
N ILE C 261 11.72 -0.64 21.49
CA ILE C 261 10.91 -1.73 20.97
C ILE C 261 11.32 -2.07 19.54
N VAL C 262 11.63 -1.06 18.73
CA VAL C 262 12.08 -1.31 17.36
C VAL C 262 13.36 -2.14 17.35
N ALA C 263 14.32 -1.78 18.21
CA ALA C 263 15.57 -2.55 18.25
C ALA C 263 15.34 -3.96 18.77
N LYS C 264 14.49 -4.11 19.80
CA LYS C 264 14.20 -5.44 20.32
C LYS C 264 13.56 -6.31 19.25
N ASP C 265 12.55 -5.78 18.56
CA ASP C 265 11.90 -6.52 17.50
C ASP C 265 12.87 -6.87 16.39
N PHE C 266 13.78 -5.95 16.05
CA PHE C 266 14.73 -6.24 14.98
C PHE C 266 15.66 -7.39 15.39
N LEU C 267 16.18 -7.35 16.62
CA LEU C 267 17.08 -8.42 17.06
C LEU C 267 16.34 -9.74 17.09
N GLU C 268 15.07 -9.71 17.45
CA GLU C 268 14.25 -10.91 17.38
C GLU C 268 14.15 -11.37 15.93
N ARG C 269 13.96 -10.40 15.02
CA ARG C 269 13.85 -10.68 13.60
C ARG C 269 15.09 -11.39 13.08
N LEU C 270 16.27 -11.00 13.57
CA LEU C 270 17.51 -11.67 13.21
C LEU C 270 17.71 -13.01 13.89
N GLY C 271 16.90 -13.34 14.89
CA GLY C 271 17.13 -14.55 15.65
C GLY C 271 18.32 -14.50 16.57
N LEU C 272 18.72 -13.31 17.01
CA LEU C 272 19.88 -13.20 17.90
C LEU C 272 19.43 -13.11 19.36
N PRO D 8 -11.10 31.78 -4.75
CA PRO D 8 -10.84 31.37 -6.14
C PRO D 8 -11.60 30.14 -6.62
N LEU D 9 -11.75 30.05 -7.94
CA LEU D 9 -12.40 28.92 -8.59
C LEU D 9 -11.46 27.73 -8.68
N VAL D 10 -11.95 26.56 -8.30
CA VAL D 10 -11.14 25.36 -8.24
C VAL D 10 -11.46 24.52 -9.47
N VAL D 11 -10.45 24.30 -10.30
CA VAL D 11 -10.59 23.50 -11.50
C VAL D 11 -10.05 22.11 -11.20
N ALA D 12 -10.89 21.09 -11.35
CA ALA D 12 -10.49 19.71 -11.10
C ALA D 12 -10.38 18.94 -12.41
N THR D 13 -9.58 17.89 -12.38
CA THR D 13 -9.46 16.97 -13.50
C THR D 13 -9.32 15.56 -12.97
N LYS D 14 -9.57 14.59 -13.85
CA LYS D 14 -9.27 13.20 -13.56
C LYS D 14 -7.78 12.96 -13.78
N PRO D 15 -7.27 11.81 -13.30
CA PRO D 15 -5.82 11.54 -13.48
C PRO D 15 -5.50 10.91 -14.83
N SER D 16 -5.62 11.71 -15.88
CA SER D 16 -5.17 11.32 -17.21
C SER D 16 -4.46 12.51 -17.83
N SER D 17 -3.57 12.24 -18.79
CA SER D 17 -2.85 13.32 -19.44
C SER D 17 -3.79 14.27 -20.17
N GLU D 18 -4.78 13.72 -20.86
CA GLU D 18 -5.77 14.56 -21.52
C GLU D 18 -6.47 15.47 -20.52
N GLN D 19 -6.80 14.94 -19.34
CA GLN D 19 -7.50 15.77 -18.36
C GLN D 19 -6.58 16.85 -17.80
N TYR D 20 -5.28 16.57 -17.67
CA TYR D 20 -4.35 17.63 -17.25
C TYR D 20 -4.30 18.74 -18.30
N ILE D 21 -4.25 18.36 -19.58
CA ILE D 21 -4.28 19.37 -20.64
C ILE D 21 -5.54 20.23 -20.55
N LEU D 22 -6.70 19.58 -20.42
CA LEU D 22 -7.95 20.34 -20.37
C LEU D 22 -7.98 21.26 -19.14
N GLY D 23 -7.52 20.74 -18.00
CA GLY D 23 -7.47 21.56 -16.80
C GLY D 23 -6.57 22.76 -16.97
N GLU D 24 -5.43 22.58 -17.66
CA GLU D 24 -4.55 23.71 -17.86
C GLU D 24 -5.15 24.71 -18.85
N ILE D 25 -5.89 24.23 -19.85
CA ILE D 25 -6.58 25.14 -20.77
C ILE D 25 -7.58 26.00 -20.00
N LEU D 26 -8.41 25.36 -19.18
CA LEU D 26 -9.38 26.12 -18.38
C LEU D 26 -8.68 27.08 -17.43
N SER D 27 -7.63 26.63 -16.74
CA SER D 27 -7.00 27.46 -15.73
C SER D 27 -6.32 28.65 -16.38
N LEU D 28 -5.59 28.43 -17.48
CA LEU D 28 -4.92 29.53 -18.15
C LEU D 28 -5.93 30.50 -18.76
N LEU D 29 -7.02 29.98 -19.33
CA LEU D 29 -8.04 30.84 -19.92
C LEU D 29 -8.65 31.75 -18.87
N LEU D 30 -9.00 31.20 -17.71
CA LEU D 30 -9.56 32.02 -16.65
C LEU D 30 -8.54 33.00 -16.08
N GLU D 31 -7.28 32.57 -15.95
CA GLU D 31 -6.24 33.50 -15.46
C GLU D 31 -6.03 34.65 -16.44
N LYS D 32 -6.12 34.38 -17.75
CA LYS D 32 -5.97 35.46 -18.73
C LYS D 32 -7.05 36.51 -18.56
N HIS D 33 -8.19 36.12 -17.99
CA HIS D 33 -9.30 37.00 -17.70
C HIS D 33 -9.34 37.39 -16.23
N HIS D 34 -8.22 37.25 -15.52
CA HIS D 34 -8.05 37.74 -14.16
C HIS D 34 -8.98 37.04 -13.18
N ILE D 35 -9.39 35.81 -13.50
CA ILE D 35 -10.20 35.03 -12.56
C ILE D 35 -9.28 34.17 -11.70
N PRO D 36 -9.39 34.25 -10.38
CA PRO D 36 -8.49 33.48 -9.50
C PRO D 36 -8.76 31.98 -9.63
N ILE D 37 -7.68 31.20 -9.75
CA ILE D 37 -7.79 29.78 -10.05
C ILE D 37 -6.91 28.99 -9.09
N LYS D 38 -7.45 27.86 -8.62
CA LYS D 38 -6.71 26.84 -7.90
C LYS D 38 -6.80 25.54 -8.67
N ARG D 39 -5.65 24.90 -8.90
CA ARG D 39 -5.57 23.64 -9.64
C ARG D 39 -5.73 22.45 -8.71
N ALA D 40 -6.70 21.58 -8.98
CA ALA D 40 -6.88 20.32 -8.27
C ALA D 40 -6.89 19.20 -9.29
N PHE D 41 -5.73 18.92 -9.89
CA PHE D 41 -5.64 18.03 -11.03
C PHE D 41 -5.46 16.59 -10.57
N GLY D 42 -5.89 15.66 -11.41
CA GLY D 42 -5.62 14.25 -11.16
C GLY D 42 -6.31 13.71 -9.93
N ILE D 43 -7.59 14.02 -9.74
CA ILE D 43 -8.29 13.56 -8.55
C ILE D 43 -8.48 12.05 -8.67
N GLY D 44 -7.97 11.32 -7.68
CA GLY D 44 -8.05 9.87 -7.73
C GLY D 44 -9.49 9.42 -7.75
N GLY D 45 -9.78 8.42 -8.60
CA GLY D 45 -11.12 7.90 -8.73
C GLY D 45 -11.99 8.61 -9.75
N GLY D 46 -11.55 9.74 -10.29
CA GLY D 46 -12.32 10.41 -11.32
C GLY D 46 -13.69 10.84 -10.80
N THR D 47 -14.71 10.54 -11.60
CA THR D 47 -16.04 11.05 -11.32
C THR D 47 -16.50 10.68 -9.91
N MET D 48 -16.33 9.42 -9.51
CA MET D 48 -16.89 8.98 -8.25
C MET D 48 -16.37 9.78 -7.05
N ASN D 49 -15.32 10.59 -7.22
CA ASN D 49 -14.94 11.56 -6.19
C ASN D 49 -15.11 13.01 -6.62
N ILE D 50 -15.02 13.31 -7.90
CA ILE D 50 -15.22 14.68 -8.34
C ILE D 50 -16.68 15.10 -8.17
N HIS D 51 -17.61 14.24 -8.60
CA HIS D 51 -19.02 14.63 -8.62
C HIS D 51 -19.53 15.04 -7.26
N PRO D 52 -19.36 14.25 -6.19
CA PRO D 52 -19.88 14.71 -4.89
C PRO D 52 -19.18 15.95 -4.37
N ALA D 53 -17.87 16.06 -4.59
CA ALA D 53 -17.16 17.26 -4.15
C ALA D 53 -17.62 18.47 -4.93
N LEU D 54 -17.96 18.29 -6.20
CA LEU D 54 -18.50 19.38 -6.99
C LEU D 54 -19.86 19.81 -6.44
N ILE D 55 -20.72 18.85 -6.09
CA ILE D 55 -22.05 19.17 -5.57
C ILE D 55 -21.95 19.99 -4.29
N ARG D 56 -21.06 19.59 -3.38
CA ARG D 56 -20.93 20.24 -2.08
C ARG D 56 -20.10 21.53 -2.15
N GLY D 57 -19.37 21.76 -3.22
CA GLY D 57 -18.63 23.00 -3.41
C GLY D 57 -17.13 22.93 -3.20
N ASP D 58 -16.58 21.73 -2.99
CA ASP D 58 -15.13 21.59 -2.94
C ASP D 58 -14.48 21.90 -4.29
N PHE D 59 -15.14 21.50 -5.38
CA PHE D 59 -14.71 21.87 -6.72
C PHE D 59 -15.71 22.83 -7.35
N ASP D 60 -15.24 23.55 -8.37
CA ASP D 60 -16.10 24.48 -9.09
C ASP D 60 -16.38 24.05 -10.53
N LEU D 61 -15.45 23.41 -11.20
CA LEU D 61 -15.67 23.01 -12.58
C LEU D 61 -14.71 21.88 -12.93
N TYR D 62 -15.13 21.06 -13.89
CA TYR D 62 -14.24 20.06 -14.48
C TYR D 62 -14.79 19.70 -15.85
N VAL D 63 -14.07 18.85 -16.57
CA VAL D 63 -14.52 18.38 -17.88
C VAL D 63 -15.04 16.95 -17.70
N GLU D 64 -16.31 16.75 -18.04
CA GLU D 64 -16.95 15.44 -17.95
C GLU D 64 -17.31 14.94 -19.34
N TYR D 65 -17.54 13.63 -19.43
CA TYR D 65 -17.96 12.97 -20.65
C TYR D 65 -19.42 12.55 -20.52
N THR D 66 -20.20 12.78 -21.58
CA THR D 66 -21.64 12.61 -21.52
C THR D 66 -22.06 11.23 -21.01
N GLY D 67 -21.50 10.16 -21.59
CA GLY D 67 -21.90 8.82 -21.19
C GLY D 67 -21.55 8.51 -19.74
N THR D 68 -20.52 9.15 -19.21
CA THR D 68 -20.18 8.93 -17.82
C THR D 68 -21.21 9.55 -16.89
N ALA D 69 -21.64 10.78 -17.17
CA ALA D 69 -22.74 11.32 -16.37
C ALA D 69 -24.00 10.49 -16.57
N TRP D 70 -24.25 10.07 -17.81
CA TRP D 70 -25.44 9.28 -18.13
C TRP D 70 -25.58 8.06 -17.23
N VAL D 71 -24.49 7.31 -17.05
CA VAL D 71 -24.61 6.08 -16.25
C VAL D 71 -24.28 6.31 -14.79
N ASN D 72 -23.14 6.95 -14.50
CA ASN D 72 -22.60 6.99 -13.15
C ASN D 72 -23.39 7.91 -12.24
N THR D 73 -23.74 9.10 -12.73
CA THR D 73 -24.40 10.11 -11.92
C THR D 73 -25.88 10.25 -12.20
N LEU D 74 -26.32 9.99 -13.42
CA LEU D 74 -27.73 10.13 -13.75
C LEU D 74 -28.53 8.84 -13.59
N LYS D 75 -27.87 7.68 -13.39
CA LYS D 75 -28.63 6.46 -13.13
C LYS D 75 -29.56 6.12 -14.29
N ASN D 76 -29.12 6.39 -15.46
CA ASN D 76 -29.86 6.04 -16.66
C ASN D 76 -29.34 4.72 -17.23
N PRO D 77 -30.21 3.96 -17.90
CA PRO D 77 -29.77 2.69 -18.49
C PRO D 77 -29.07 2.90 -19.82
N LEU D 78 -28.12 2.01 -20.09
CA LEU D 78 -27.39 2.08 -21.34
C LEU D 78 -28.22 1.68 -22.55
N THR D 79 -29.44 1.19 -22.34
CA THR D 79 -30.34 0.99 -23.47
C THR D 79 -30.85 2.28 -24.10
N GLN D 80 -30.81 3.41 -23.39
CA GLN D 80 -31.10 4.71 -23.98
C GLN D 80 -29.87 5.45 -24.50
N LYS D 81 -30.02 6.03 -25.69
CA LYS D 81 -28.98 6.86 -26.28
C LYS D 81 -28.69 8.06 -25.38
N VAL D 82 -27.40 8.30 -25.13
CA VAL D 82 -27.02 9.48 -24.34
C VAL D 82 -27.52 10.74 -25.03
N ASP D 83 -28.16 11.61 -24.26
CA ASP D 83 -28.81 12.82 -24.76
C ASP D 83 -28.28 14.02 -23.98
N PHE D 84 -27.57 14.92 -24.67
CA PHE D 84 -26.96 16.05 -23.97
C PHE D 84 -28.01 16.96 -23.35
N GLU D 85 -29.07 17.28 -24.09
CA GLU D 85 -30.08 18.18 -23.55
C GLU D 85 -30.67 17.63 -22.25
N THR D 86 -30.91 16.31 -22.22
CA THR D 86 -31.39 15.68 -20.99
C THR D 86 -30.36 15.81 -19.88
N ILE D 87 -29.09 15.58 -20.21
CA ILE D 87 -28.04 15.69 -19.20
C ILE D 87 -28.05 17.09 -18.60
N LYS D 88 -28.11 18.11 -19.45
CA LYS D 88 -28.03 19.48 -18.97
C LYS D 88 -29.25 19.83 -18.12
N LYS D 89 -30.45 19.46 -18.57
CA LYS D 89 -31.65 19.76 -17.79
C LYS D 89 -31.61 19.08 -16.44
N ARG D 90 -31.30 17.79 -16.42
CA ARG D 90 -31.28 17.08 -15.14
C ARG D 90 -30.14 17.56 -14.26
N TYR D 91 -29.01 17.95 -14.85
CA TYR D 91 -27.91 18.46 -14.04
C TYR D 91 -28.32 19.77 -13.37
N GLU D 92 -29.03 20.64 -14.09
CA GLU D 92 -29.49 21.88 -13.49
C GLU D 92 -30.54 21.62 -12.41
N LYS D 93 -31.51 20.74 -12.69
CA LYS D 93 -32.62 20.59 -11.75
C LYS D 93 -32.20 19.81 -10.50
N GLU D 94 -31.48 18.71 -10.69
CA GLU D 94 -31.15 17.81 -9.59
C GLU D 94 -29.83 18.13 -8.91
N PHE D 95 -28.86 18.73 -9.63
CA PHE D 95 -27.53 18.95 -9.08
C PHE D 95 -27.18 20.43 -9.00
N ASN D 96 -28.00 21.31 -9.56
CA ASN D 96 -27.68 22.73 -9.68
C ASN D 96 -26.34 22.92 -10.40
N LEU D 97 -26.12 22.08 -11.42
CA LEU D 97 -24.91 22.14 -12.22
C LEU D 97 -25.27 22.47 -13.67
N LEU D 98 -24.36 23.20 -14.33
CA LEU D 98 -24.56 23.69 -15.68
C LEU D 98 -23.49 23.07 -16.57
N TRP D 99 -23.93 22.37 -17.61
CA TRP D 99 -23.04 22.02 -18.71
C TRP D 99 -22.85 23.24 -19.61
N VAL D 100 -21.61 23.76 -19.63
CA VAL D 100 -21.33 24.93 -20.45
C VAL D 100 -21.58 24.61 -21.91
N GLY D 101 -21.20 23.41 -22.32
CA GLY D 101 -21.21 23.01 -23.71
C GLY D 101 -20.34 21.77 -23.88
N LEU D 102 -20.09 21.44 -25.14
CA LEU D 102 -19.26 20.29 -25.48
C LEU D 102 -17.99 20.79 -26.14
N LEU D 103 -16.84 20.26 -25.72
CA LEU D 103 -15.60 20.76 -26.30
C LEU D 103 -15.48 20.38 -27.76
N GLY D 104 -16.07 19.25 -28.14
CA GLY D 104 -16.15 18.83 -29.52
C GLY D 104 -15.63 17.45 -29.88
N PHE D 105 -14.94 16.77 -28.97
CA PHE D 105 -14.39 15.46 -29.26
C PHE D 105 -14.96 14.40 -28.33
N ASN D 106 -14.88 13.13 -28.76
CA ASN D 106 -15.44 12.03 -27.99
C ASN D 106 -14.40 10.93 -27.82
N ASN D 107 -13.90 10.75 -26.61
CA ASN D 107 -12.87 9.73 -26.33
C ASN D 107 -13.60 8.56 -25.69
N THR D 108 -14.03 7.58 -26.48
CA THR D 108 -14.81 6.54 -25.83
C THR D 108 -13.92 5.37 -25.43
N TYR D 109 -14.52 4.48 -24.63
CA TYR D 109 -13.86 3.26 -24.22
C TYR D 109 -13.58 2.36 -25.41
N SER D 110 -12.48 1.62 -25.38
CA SER D 110 -12.34 0.52 -26.31
C SER D 110 -11.49 -0.57 -25.67
N LEU D 111 -11.23 -1.63 -26.43
CA LEU D 111 -10.38 -2.72 -25.98
C LEU D 111 -9.23 -2.89 -26.94
N ALA D 112 -8.05 -3.19 -26.41
CA ALA D 112 -6.85 -3.30 -27.22
C ALA D 112 -6.06 -4.54 -26.82
N ILE D 113 -5.41 -5.12 -27.82
CA ILE D 113 -4.48 -6.23 -27.66
C ILE D 113 -3.27 -5.96 -28.55
N SER D 114 -2.26 -6.81 -28.47
CA SER D 114 -1.15 -6.61 -29.39
C SER D 114 -1.60 -6.99 -30.79
N LYS D 115 -0.96 -6.39 -31.78
CA LYS D 115 -1.29 -6.74 -33.16
C LYS D 115 -0.88 -8.16 -33.49
N GLU D 116 0.22 -8.63 -32.89
CA GLU D 116 0.64 -10.01 -33.08
C GLU D 116 -0.40 -10.98 -32.53
N ASP D 117 -0.94 -10.69 -31.34
CA ASP D 117 -1.98 -11.53 -30.78
C ASP D 117 -3.25 -11.47 -31.62
N ALA D 118 -3.57 -10.29 -32.17
CA ALA D 118 -4.74 -10.16 -33.02
C ALA D 118 -4.61 -11.03 -34.25
N GLN D 119 -3.43 -11.05 -34.87
CA GLN D 119 -3.22 -11.90 -36.04
C GLN D 119 -3.25 -13.37 -35.64
N LYS D 120 -2.66 -13.70 -34.48
CA LYS D 120 -2.61 -15.09 -34.03
C LYS D 120 -4.01 -15.66 -33.81
N TYR D 121 -4.91 -14.88 -33.22
CA TYR D 121 -6.23 -15.39 -32.84
C TYR D 121 -7.35 -14.94 -33.77
N ALA D 122 -7.02 -14.25 -34.86
CA ALA D 122 -8.03 -13.77 -35.82
C ALA D 122 -9.02 -12.82 -35.16
N ILE D 123 -8.52 -11.97 -34.25
CA ILE D 123 -9.37 -11.10 -33.45
C ILE D 123 -9.51 -9.75 -34.17
N GLU D 124 -10.76 -9.35 -34.40
CA GLU D 124 -11.06 -8.05 -34.98
C GLU D 124 -12.05 -7.29 -34.12
N THR D 125 -12.96 -8.01 -33.48
CA THR D 125 -14.09 -7.43 -32.77
C THR D 125 -14.01 -7.78 -31.29
N PHE D 126 -14.82 -7.08 -30.50
CA PHE D 126 -14.97 -7.43 -29.09
C PHE D 126 -15.39 -8.89 -28.95
N SER D 127 -16.31 -9.34 -29.80
CA SER D 127 -16.78 -10.71 -29.74
C SER D 127 -15.64 -11.69 -30.03
N ASP D 128 -14.73 -11.31 -30.94
CA ASP D 128 -13.53 -12.11 -31.17
C ASP D 128 -12.70 -12.22 -29.90
N LEU D 129 -12.51 -11.10 -29.20
CA LEU D 129 -11.72 -11.15 -27.98
C LEU D 129 -12.39 -12.05 -26.95
N ALA D 130 -13.71 -11.94 -26.80
CA ALA D 130 -14.43 -12.79 -25.87
C ALA D 130 -14.30 -14.26 -26.23
N PHE D 131 -14.36 -14.59 -27.52
CA PHE D 131 -14.26 -15.97 -27.98
C PHE D 131 -12.94 -16.63 -27.58
N HIS D 132 -11.85 -15.87 -27.54
CA HIS D 132 -10.53 -16.38 -27.18
C HIS D 132 -10.07 -15.87 -25.82
N SER D 133 -10.96 -15.29 -25.04
CA SER D 133 -10.53 -14.63 -23.82
C SER D 133 -9.82 -15.53 -22.82
N PRO D 134 -10.05 -16.85 -22.75
CA PRO D 134 -9.25 -17.67 -21.83
C PRO D 134 -7.75 -17.61 -22.09
N ASN D 135 -7.31 -17.08 -23.23
CA ASN D 135 -5.89 -16.92 -23.52
C ASN D 135 -5.35 -15.53 -23.20
N PHE D 136 -6.12 -14.70 -22.49
CA PHE D 136 -5.74 -13.31 -22.27
C PHE D 136 -5.86 -12.94 -20.80
N ASP D 137 -4.89 -12.18 -20.33
CA ASP D 137 -4.88 -11.59 -19.00
C ASP D 137 -5.27 -10.13 -19.14
N PHE D 138 -6.44 -9.77 -18.64
CA PHE D 138 -7.01 -8.44 -18.83
C PHE D 138 -6.73 -7.52 -17.65
N GLY D 139 -6.38 -6.29 -17.98
CA GLY D 139 -6.16 -5.27 -16.98
C GLY D 139 -6.91 -4.00 -17.33
N ALA D 140 -7.31 -3.28 -16.29
CA ALA D 140 -8.01 -2.02 -16.44
C ALA D 140 -7.91 -1.27 -15.12
N GLU D 141 -8.37 -0.02 -15.15
CA GLU D 141 -8.37 0.81 -13.95
C GLU D 141 -9.47 0.33 -13.01
N PHE D 142 -9.32 0.68 -11.73
CA PHE D 142 -10.25 0.19 -10.70
C PHE D 142 -11.69 0.46 -11.13
N ASP D 143 -11.96 1.68 -11.56
CA ASP D 143 -13.31 2.11 -11.89
C ASP D 143 -13.86 1.35 -13.08
N PHE D 144 -13.00 0.81 -13.93
CA PHE D 144 -13.49 0.01 -15.03
C PHE D 144 -14.24 -1.24 -14.56
N PHE D 145 -13.92 -1.75 -13.38
CA PHE D 145 -14.61 -2.93 -12.92
C PHE D 145 -15.84 -2.63 -12.07
N GLU D 146 -16.14 -1.36 -11.84
CA GLU D 146 -17.25 -0.92 -11.00
C GLU D 146 -18.38 -0.28 -11.80
N ARG D 147 -18.04 0.56 -12.77
CA ARG D 147 -19.04 1.26 -13.56
C ARG D 147 -19.87 0.28 -14.36
N GLU D 148 -21.18 0.53 -14.42
CA GLU D 148 -22.06 -0.32 -15.21
C GLU D 148 -21.77 -0.22 -16.69
N ASP D 149 -21.20 0.89 -17.14
CA ASP D 149 -20.89 1.07 -18.54
C ASP D 149 -19.50 0.55 -18.87
N ALA D 150 -18.85 -0.15 -17.93
CA ALA D 150 -17.50 -0.64 -18.15
C ALA D 150 -17.52 -2.16 -18.03
N PHE D 151 -16.75 -2.73 -17.11
CA PHE D 151 -16.60 -4.19 -17.09
C PHE D 151 -17.92 -4.90 -16.84
N LYS D 152 -18.77 -4.36 -15.95
CA LYS D 152 -20.03 -5.03 -15.66
C LYS D 152 -20.93 -5.14 -16.89
N GLY D 153 -20.98 -4.07 -17.69
CA GLY D 153 -21.76 -4.12 -18.92
C GLY D 153 -21.09 -4.95 -19.99
N LEU D 154 -19.76 -4.87 -20.07
CA LEU D 154 -19.03 -5.72 -20.99
C LEU D 154 -19.30 -7.20 -20.70
N MET D 155 -19.34 -7.55 -19.42
CA MET D 155 -19.60 -8.95 -19.04
C MET D 155 -21.02 -9.35 -19.39
N LYS D 156 -22.00 -8.50 -19.10
CA LYS D 156 -23.38 -8.85 -19.43
C LYS D 156 -23.59 -8.96 -20.94
N ALA D 157 -22.92 -8.13 -21.74
CA ALA D 157 -23.11 -8.11 -23.19
C ALA D 157 -22.27 -9.14 -23.94
N TYR D 158 -21.08 -9.47 -23.45
CA TYR D 158 -20.14 -10.33 -24.17
C TYR D 158 -19.72 -11.59 -23.44
N ARG D 159 -19.83 -11.63 -22.10
CA ARG D 159 -19.48 -12.81 -21.32
C ARG D 159 -18.02 -13.23 -21.56
N PHE D 160 -17.11 -12.33 -21.21
CA PHE D 160 -15.69 -12.66 -21.26
C PHE D 160 -15.33 -13.70 -20.20
N HIS D 161 -14.35 -14.54 -20.52
CA HIS D 161 -13.77 -15.49 -19.58
C HIS D 161 -12.24 -15.32 -19.62
N PHE D 162 -11.77 -14.15 -19.20
CA PHE D 162 -10.34 -13.86 -19.20
C PHE D 162 -9.59 -14.82 -18.28
N ARG D 163 -8.37 -15.17 -18.69
CA ARG D 163 -7.54 -16.01 -17.84
C ARG D 163 -7.28 -15.37 -16.49
N SER D 164 -7.22 -14.04 -16.43
CA SER D 164 -7.01 -13.34 -15.18
C SER D 164 -7.50 -11.90 -15.35
N LEU D 165 -7.85 -11.26 -14.24
CA LEU D 165 -8.23 -9.85 -14.24
C LEU D 165 -7.34 -9.09 -13.27
N HIS D 166 -6.87 -7.92 -13.70
CA HIS D 166 -5.95 -7.11 -12.91
C HIS D 166 -6.47 -5.68 -12.88
N GLU D 167 -6.70 -5.17 -11.68
CA GLU D 167 -7.15 -3.80 -11.46
C GLU D 167 -5.97 -3.00 -10.91
N MET D 168 -5.65 -1.90 -11.56
CA MET D 168 -4.50 -1.09 -11.18
C MET D 168 -4.86 0.37 -11.33
N ASP D 169 -3.92 1.23 -10.94
CA ASP D 169 -4.07 2.66 -11.14
C ASP D 169 -4.20 2.96 -12.63
N ILE D 170 -5.07 3.92 -12.95
CA ILE D 170 -5.38 4.21 -14.35
C ILE D 170 -4.12 4.56 -15.15
N ASN D 171 -3.09 5.12 -14.51
CA ASN D 171 -1.89 5.54 -15.23
C ASN D 171 -0.83 4.45 -15.34
N LEU D 172 -1.12 3.24 -14.87
CA LEU D 172 -0.21 2.11 -14.97
C LEU D 172 -0.68 1.08 -15.98
N ARG D 173 -1.82 1.31 -16.62
CA ARG D 173 -2.40 0.27 -17.47
C ARG D 173 -1.45 -0.06 -18.61
N TYR D 174 -1.03 0.95 -19.37
CA TYR D 174 -0.18 0.65 -20.50
C TYR D 174 1.14 0.08 -20.03
N LYS D 175 1.61 0.53 -18.85
CA LYS D 175 2.85 -0.03 -18.33
C LYS D 175 2.68 -1.50 -17.97
N SER D 176 1.50 -1.86 -17.45
CA SER D 176 1.28 -3.27 -17.15
C SER D 176 1.24 -4.06 -18.43
N PHE D 177 0.72 -3.46 -19.49
CA PHE D 177 0.76 -4.09 -20.80
C PHE D 177 2.20 -4.21 -21.29
N GLU D 178 2.99 -3.16 -21.08
CA GLU D 178 4.39 -3.16 -21.50
C GLU D 178 5.21 -4.22 -20.78
N SER D 179 4.92 -4.48 -19.51
CA SER D 179 5.64 -5.49 -18.74
C SER D 179 5.10 -6.90 -18.96
N HIS D 180 4.02 -7.05 -19.72
CA HIS D 180 3.38 -8.34 -20.00
C HIS D 180 2.71 -8.93 -18.78
N LYS D 181 2.49 -8.11 -17.74
CA LYS D 181 1.61 -8.54 -16.66
C LYS D 181 0.21 -8.79 -17.19
N ILE D 182 -0.21 -8.00 -18.17
CA ILE D 182 -1.45 -8.21 -18.91
C ILE D 182 -1.11 -8.21 -20.39
N ASN D 183 -1.97 -8.84 -21.18
CA ASN D 183 -1.82 -8.85 -22.63
C ASN D 183 -3.13 -8.48 -23.34
N ALA D 184 -4.05 -7.87 -22.61
CA ALA D 184 -5.25 -7.26 -23.16
C ALA D 184 -5.66 -6.17 -22.17
N LEU D 185 -6.15 -5.04 -22.68
CA LEU D 185 -6.48 -3.97 -21.77
C LEU D 185 -7.56 -3.07 -22.36
N ASP D 186 -8.13 -2.25 -21.49
CA ASP D 186 -9.03 -1.17 -21.89
C ASP D 186 -8.20 0.03 -22.33
N VAL D 187 -8.69 0.76 -23.32
CA VAL D 187 -7.98 1.94 -23.79
C VAL D 187 -8.99 3.05 -23.91
N PHE D 188 -8.48 4.27 -24.01
CA PHE D 188 -9.27 5.42 -24.43
C PHE D 188 -9.01 5.75 -25.90
N THR D 189 -10.06 6.14 -26.62
CA THR D 189 -9.94 6.20 -28.07
C THR D 189 -8.96 7.27 -28.53
N THR D 190 -8.64 8.26 -27.69
CA THR D 190 -7.69 9.29 -28.05
C THR D 190 -6.33 9.08 -27.41
N ASP D 191 -6.09 7.92 -26.81
CA ASP D 191 -4.85 7.69 -26.09
C ASP D 191 -3.65 7.78 -27.03
N ALA D 192 -2.65 8.56 -26.64
CA ALA D 192 -1.41 8.62 -27.41
C ALA D 192 -0.79 7.23 -27.54
N GLN D 193 -0.94 6.40 -26.49
CA GLN D 193 -0.27 5.11 -26.43
C GLN D 193 -0.81 4.11 -27.46
N ILE D 194 -2.02 4.32 -28.00
CA ILE D 194 -2.47 3.42 -29.06
C ILE D 194 -1.50 3.50 -30.23
N LYS D 195 -1.12 4.71 -30.63
CA LYS D 195 -0.14 4.85 -31.71
C LYS D 195 1.26 4.54 -31.21
N GLU D 196 1.58 4.96 -29.98
CA GLU D 196 2.91 4.74 -29.43
C GLU D 196 3.29 3.26 -29.39
N LEU D 197 2.34 2.39 -29.02
CA LEU D 197 2.61 0.96 -28.88
C LEU D 197 2.11 0.13 -30.07
N ASP D 198 1.49 0.77 -31.06
CA ASP D 198 1.00 0.08 -32.25
C ASP D 198 0.03 -1.05 -31.88
N LEU D 199 -0.95 -0.71 -31.04
CA LEU D 199 -1.88 -1.70 -30.52
C LEU D 199 -2.99 -1.94 -31.54
N LYS D 200 -3.62 -3.10 -31.43
CA LYS D 200 -4.80 -3.40 -32.24
C LYS D 200 -6.02 -3.10 -31.37
N VAL D 201 -6.77 -2.07 -31.77
CA VAL D 201 -8.01 -1.69 -31.11
C VAL D 201 -9.16 -2.43 -31.76
N LEU D 202 -9.95 -3.14 -30.96
CA LEU D 202 -10.99 -3.99 -31.50
C LEU D 202 -12.25 -3.19 -31.76
N LYS D 203 -13.12 -3.75 -32.59
CA LYS D 203 -14.36 -3.10 -32.98
C LYS D 203 -15.51 -3.54 -32.09
N ASP D 204 -16.24 -2.56 -31.57
CA ASP D 204 -17.36 -2.80 -30.66
C ASP D 204 -18.57 -3.20 -31.50
N ASP D 205 -18.56 -4.47 -31.91
CA ASP D 205 -19.46 -4.96 -32.95
C ASP D 205 -20.92 -4.97 -32.49
N LYS D 206 -21.17 -5.02 -31.19
CA LYS D 206 -22.52 -4.93 -30.65
C LYS D 206 -22.91 -3.53 -30.20
N GLY D 207 -22.04 -2.55 -30.40
CA GLY D 207 -22.32 -1.16 -30.04
C GLY D 207 -22.58 -0.97 -28.57
N PHE D 208 -21.77 -1.61 -27.73
CA PHE D 208 -21.95 -1.52 -26.29
C PHE D 208 -21.61 -0.16 -25.72
N PHE D 209 -20.50 0.43 -26.13
CA PHE D 209 -20.13 1.62 -25.40
C PHE D 209 -20.85 2.90 -25.84
N PRO D 210 -21.21 3.68 -24.84
CA PRO D 210 -21.92 4.95 -25.00
C PRO D 210 -20.96 6.03 -25.48
N ASN D 211 -21.54 7.18 -25.80
CA ASN D 211 -20.83 8.28 -26.41
C ASN D 211 -20.36 9.10 -25.21
N TYR D 212 -19.10 9.54 -25.24
CA TYR D 212 -18.49 10.30 -24.16
C TYR D 212 -17.89 11.60 -24.66
N GLN D 213 -18.77 12.51 -25.08
CA GLN D 213 -18.34 13.78 -25.60
C GLN D 213 -17.99 14.67 -24.41
N ALA D 214 -16.82 15.31 -24.48
CA ALA D 214 -16.35 16.10 -23.36
C ALA D 214 -16.99 17.48 -23.33
N GLY D 215 -17.32 17.92 -22.13
CA GLY D 215 -17.89 19.24 -21.93
C GLY D 215 -17.60 19.72 -20.53
N ILE D 216 -17.52 21.04 -20.39
CA ILE D 216 -17.25 21.66 -19.10
C ILE D 216 -18.51 21.66 -18.25
N VAL D 217 -18.41 21.12 -17.04
CA VAL D 217 -19.46 21.15 -16.04
C VAL D 217 -19.03 22.12 -14.95
N ILE D 218 -19.91 23.08 -14.63
CA ILE D 218 -19.59 24.15 -13.68
C ILE D 218 -20.77 24.39 -12.74
N ARG D 219 -20.46 24.72 -11.49
CA ARG D 219 -21.47 25.04 -10.49
C ARG D 219 -22.29 26.25 -10.93
N LYS D 220 -23.62 26.16 -10.81
CA LYS D 220 -24.44 27.33 -11.12
C LYS D 220 -24.17 28.48 -10.16
N GLU D 221 -23.79 28.20 -8.93
CA GLU D 221 -23.40 29.26 -7.99
C GLU D 221 -22.20 30.02 -8.52
N THR D 222 -21.26 29.32 -9.13
CA THR D 222 -20.08 29.98 -9.67
C THR D 222 -20.46 30.87 -10.84
N ILE D 223 -21.38 30.41 -11.68
CA ILE D 223 -21.86 31.24 -12.80
C ILE D 223 -22.63 32.44 -12.26
N LYS D 224 -23.38 32.26 -11.17
CA LYS D 224 -24.07 33.39 -10.56
C LYS D 224 -23.04 34.44 -10.11
N LYS D 225 -21.94 33.99 -9.51
CA LYS D 225 -20.92 34.94 -9.07
C LYS D 225 -20.10 35.49 -10.22
N TYR D 226 -19.82 34.69 -11.23
CA TYR D 226 -18.96 35.08 -12.35
C TYR D 226 -19.63 34.80 -13.68
N PRO D 227 -20.58 35.64 -14.09
CA PRO D 227 -21.19 35.43 -15.41
C PRO D 227 -20.11 35.48 -16.46
N GLU D 228 -19.04 36.23 -16.16
CA GLU D 228 -17.95 36.32 -17.10
C GLU D 228 -17.27 34.97 -17.28
N ALA D 229 -17.28 34.15 -16.23
CA ALA D 229 -16.67 32.83 -16.38
C ALA D 229 -17.43 31.99 -17.40
N LEU D 230 -18.77 32.13 -17.42
CA LEU D 230 -19.57 31.40 -18.39
C LEU D 230 -19.33 31.93 -19.80
N LYS D 231 -19.33 33.25 -19.95
CA LYS D 231 -19.07 33.84 -21.26
C LYS D 231 -17.70 33.40 -21.78
N ILE D 232 -16.69 33.37 -20.91
CA ILE D 232 -15.34 32.99 -21.31
C ILE D 232 -15.30 31.52 -21.70
N LEU D 233 -15.84 30.65 -20.84
CA LEU D 233 -15.77 29.20 -21.06
C LEU D 233 -16.56 28.78 -22.29
N GLU D 234 -17.61 29.51 -22.64
CA GLU D 234 -18.35 29.19 -23.85
C GLU D 234 -17.50 29.37 -25.10
N LYS D 235 -16.42 30.15 -25.01
CA LYS D 235 -15.52 30.32 -26.14
C LYS D 235 -14.79 29.04 -26.49
N LEU D 236 -14.77 28.06 -25.59
CA LEU D 236 -14.17 26.76 -25.87
C LEU D 236 -15.13 25.79 -26.55
N ASP D 237 -16.41 26.13 -26.61
CA ASP D 237 -17.39 25.29 -27.27
C ASP D 237 -16.96 24.90 -28.68
N SER D 238 -16.99 23.60 -28.96
CA SER D 238 -16.72 23.04 -30.29
C SER D 238 -15.32 23.35 -30.81
N LYS D 239 -14.38 23.69 -29.94
CA LYS D 239 -13.05 24.07 -30.38
C LYS D 239 -12.03 22.94 -30.32
N ILE D 240 -12.42 21.76 -29.83
CA ILE D 240 -11.50 20.63 -29.67
C ILE D 240 -12.21 19.39 -30.22
N ASN D 241 -11.96 19.08 -31.49
CA ASN D 241 -12.50 17.84 -32.04
C ASN D 241 -11.59 16.66 -31.69
N ASP D 242 -11.94 15.47 -32.18
CA ASP D 242 -11.16 14.28 -31.85
C ASP D 242 -9.71 14.42 -32.25
N GLU D 243 -9.45 14.89 -33.48
CA GLU D 243 -8.07 14.99 -33.93
C GLU D 243 -7.27 16.00 -33.11
N THR D 244 -7.91 17.09 -32.68
CA THR D 244 -7.21 18.10 -31.90
C THR D 244 -6.85 17.59 -30.51
N MET D 245 -7.79 16.94 -29.83
CA MET D 245 -7.48 16.39 -28.52
C MET D 245 -6.45 15.28 -28.63
N GLN D 246 -6.55 14.47 -29.69
CA GLN D 246 -5.57 13.41 -29.91
C GLN D 246 -4.17 14.00 -30.10
N ASP D 247 -4.07 15.11 -30.84
CA ASP D 247 -2.76 15.73 -31.05
C ASP D 247 -2.24 16.36 -29.77
N LEU D 248 -3.12 16.97 -28.98
CA LEU D 248 -2.66 17.54 -27.71
C LEU D 248 -2.14 16.44 -26.77
N ASN D 249 -2.86 15.32 -26.70
CA ASN D 249 -2.36 14.20 -25.90
C ASN D 249 -1.04 13.69 -26.45
N TYR D 250 -0.89 13.65 -27.77
CA TYR D 250 0.37 13.22 -28.36
C TYR D 250 1.49 14.18 -27.96
N GLN D 251 1.19 15.47 -27.98
CA GLN D 251 2.17 16.49 -27.59
C GLN D 251 2.63 16.30 -26.16
N VAL D 252 1.73 15.92 -25.27
CA VAL D 252 2.12 15.72 -23.87
C VAL D 252 2.87 14.40 -23.67
N GLU D 253 2.28 13.29 -24.11
CA GLU D 253 2.79 11.97 -23.73
C GLU D 253 3.97 11.52 -24.57
N VAL D 254 4.05 11.96 -25.82
CA VAL D 254 5.09 11.54 -26.75
C VAL D 254 6.18 12.61 -26.90
N LEU D 255 5.77 13.87 -27.09
CA LEU D 255 6.76 14.93 -27.22
C LEU D 255 7.25 15.45 -25.88
N LYS D 256 6.68 14.98 -24.77
CA LYS D 256 7.14 15.30 -23.42
C LYS D 256 6.99 16.78 -23.08
N LYS D 257 6.02 17.45 -23.70
CA LYS D 257 5.71 18.82 -23.30
C LYS D 257 4.82 18.78 -22.06
N SER D 258 4.91 19.82 -21.24
CA SER D 258 4.08 19.87 -20.06
C SER D 258 2.64 20.20 -20.45
N PRO D 259 1.66 19.71 -19.69
CA PRO D 259 0.27 20.11 -19.95
C PRO D 259 0.08 21.63 -19.96
N LYS D 260 0.83 22.34 -19.11
CA LYS D 260 0.72 23.79 -19.07
C LYS D 260 1.15 24.40 -20.39
N ILE D 261 2.32 24.00 -20.90
CA ILE D 261 2.82 24.56 -22.15
C ILE D 261 1.93 24.17 -23.31
N VAL D 262 1.43 22.92 -23.32
CA VAL D 262 0.54 22.50 -24.39
C VAL D 262 -0.74 23.35 -24.40
N ALA D 263 -1.31 23.61 -23.23
CA ALA D 263 -2.51 24.43 -23.15
C ALA D 263 -2.23 25.86 -23.56
N LYS D 264 -1.09 26.41 -23.13
CA LYS D 264 -0.74 27.77 -23.51
C LYS D 264 -0.62 27.89 -25.02
N ASP D 265 0.10 26.97 -25.65
CA ASP D 265 0.23 26.99 -27.10
C ASP D 265 -1.12 26.84 -27.78
N PHE D 266 -1.99 25.96 -27.25
CA PHE D 266 -3.29 25.77 -27.89
C PHE D 266 -4.13 27.04 -27.80
N LEU D 267 -4.16 27.67 -26.62
CA LEU D 267 -4.94 28.90 -26.46
C LEU D 267 -4.39 30.00 -27.34
N GLU D 268 -3.07 30.03 -27.51
CA GLU D 268 -2.47 30.99 -28.43
C GLU D 268 -2.96 30.71 -29.85
N ARG D 269 -2.98 29.43 -30.23
CA ARG D 269 -3.45 29.03 -31.55
C ARG D 269 -4.88 29.49 -31.77
N LEU D 270 -5.71 29.42 -30.73
CA LEU D 270 -7.08 29.90 -30.81
C LEU D 270 -7.20 31.42 -30.76
N GLY D 271 -6.13 32.13 -30.41
CA GLY D 271 -6.23 33.56 -30.24
C GLY D 271 -6.97 33.99 -28.99
N LEU D 272 -7.02 33.14 -27.98
CA LEU D 272 -7.71 33.45 -26.73
C LEU D 272 -6.76 34.00 -25.67
N PRO E 8 2.38 -31.89 -10.26
CA PRO E 8 2.30 -31.44 -8.86
C PRO E 8 1.07 -30.59 -8.55
N LEU E 9 0.70 -30.58 -7.26
CA LEU E 9 -0.41 -29.78 -6.77
C LEU E 9 -0.01 -28.32 -6.57
N VAL E 10 -0.85 -27.41 -7.05
CA VAL E 10 -0.56 -25.98 -7.04
C VAL E 10 -1.35 -25.38 -5.89
N VAL E 11 -0.64 -24.80 -4.92
CA VAL E 11 -1.26 -24.15 -3.77
C VAL E 11 -1.28 -22.66 -4.05
N ALA E 12 -2.47 -22.07 -4.06
CA ALA E 12 -2.66 -20.65 -4.29
C ALA E 12 -3.05 -19.95 -3.00
N THR E 13 -2.79 -18.65 -2.95
CA THR E 13 -3.24 -17.82 -1.84
C THR E 13 -3.66 -16.45 -2.35
N LYS E 14 -4.42 -15.74 -1.54
CA LYS E 14 -4.69 -14.34 -1.83
C LYS E 14 -3.48 -13.50 -1.42
N PRO E 15 -3.42 -12.26 -1.85
CA PRO E 15 -2.26 -11.41 -1.48
C PRO E 15 -2.42 -10.73 -0.13
N SER E 16 -2.34 -11.54 0.92
CA SER E 16 -2.27 -11.04 2.29
C SER E 16 -1.23 -11.86 3.05
N SER E 17 -0.69 -11.26 4.10
CA SER E 17 0.31 -11.95 4.91
C SER E 17 -0.26 -13.20 5.54
N GLU E 18 -1.49 -13.10 6.05
CA GLU E 18 -2.18 -14.27 6.60
C GLU E 18 -2.27 -15.37 5.55
N GLN E 19 -2.59 -14.99 4.30
CA GLN E 19 -2.73 -16.01 3.26
C GLN E 19 -1.38 -16.61 2.88
N TYR E 20 -0.30 -15.84 2.94
CA TYR E 20 1.03 -16.43 2.71
C TYR E 20 1.36 -17.44 3.79
N ILE E 21 1.06 -17.11 5.05
CA ILE E 21 1.27 -18.06 6.13
C ILE E 21 0.49 -19.34 5.88
N LEU E 22 -0.80 -19.22 5.56
CA LEU E 22 -1.61 -20.41 5.34
C LEU E 22 -1.09 -21.22 4.15
N GLY E 23 -0.69 -20.53 3.08
CA GLY E 23 -0.13 -21.23 1.94
C GLY E 23 1.13 -21.99 2.28
N GLU E 24 1.99 -21.39 3.12
CA GLU E 24 3.20 -22.10 3.51
C GLU E 24 2.89 -23.27 4.43
N ILE E 25 1.88 -23.14 5.28
CA ILE E 25 1.48 -24.28 6.11
C ILE E 25 1.01 -25.44 5.24
N LEU E 26 0.14 -25.16 4.27
CA LEU E 26 -0.31 -26.22 3.37
C LEU E 26 0.85 -26.80 2.58
N SER E 27 1.73 -25.95 2.06
CA SER E 27 2.77 -26.43 1.19
C SER E 27 3.76 -27.29 1.97
N LEU E 28 4.17 -26.83 3.16
CA LEU E 28 5.11 -27.61 3.96
C LEU E 28 4.49 -28.91 4.42
N LEU E 29 3.20 -28.88 4.82
CA LEU E 29 2.55 -30.10 5.29
C LEU E 29 2.51 -31.15 4.19
N LEU E 30 2.12 -30.76 2.99
CA LEU E 30 2.07 -31.71 1.87
C LEU E 30 3.46 -32.18 1.46
N GLU E 31 4.45 -31.28 1.47
CA GLU E 31 5.81 -31.70 1.14
C GLU E 31 6.35 -32.70 2.15
N LYS E 32 5.99 -32.55 3.42
CA LYS E 32 6.45 -33.52 4.43
C LYS E 32 5.96 -34.92 4.12
N HIS E 33 4.85 -35.05 3.39
CA HIS E 33 4.30 -36.33 2.96
C HIS E 33 4.64 -36.65 1.51
N HIS E 34 5.69 -36.02 0.97
CA HIS E 34 6.23 -36.34 -0.34
C HIS E 34 5.24 -36.06 -1.47
N ILE E 35 4.33 -35.11 -1.26
CA ILE E 35 3.44 -34.70 -2.35
C ILE E 35 4.06 -33.50 -3.07
N PRO E 36 4.23 -33.56 -4.39
CA PRO E 36 4.87 -32.45 -5.11
C PRO E 36 3.99 -31.20 -5.11
N ILE E 37 4.61 -30.05 -4.80
CA ILE E 37 3.88 -28.80 -4.59
C ILE E 37 4.55 -27.70 -5.40
N LYS E 38 3.72 -26.85 -6.01
CA LYS E 38 4.13 -25.59 -6.61
C LYS E 38 3.38 -24.45 -5.93
N ARG E 39 4.12 -23.42 -5.52
CA ARG E 39 3.54 -22.27 -4.84
C ARG E 39 3.11 -21.21 -5.85
N ALA E 40 1.84 -20.83 -5.82
CA ALA E 40 1.29 -19.74 -6.63
C ALA E 40 0.64 -18.73 -5.69
N PHE E 41 1.46 -17.98 -4.96
CA PHE E 41 0.98 -17.13 -3.87
C PHE E 41 0.62 -15.73 -4.37
N GLY E 42 -0.29 -15.10 -3.64
CA GLY E 42 -0.61 -13.70 -3.89
C GLY E 42 -1.30 -13.41 -5.21
N ILE E 43 -2.30 -14.21 -5.58
CA ILE E 43 -2.96 -14.00 -6.86
C ILE E 43 -3.76 -12.70 -6.77
N GLY E 44 -3.46 -11.76 -7.68
CA GLY E 44 -4.14 -10.48 -7.63
C GLY E 44 -5.64 -10.64 -7.84
N GLY E 45 -6.41 -9.91 -7.04
CA GLY E 45 -7.85 -9.99 -7.10
C GLY E 45 -8.45 -11.06 -6.22
N GLY E 46 -7.61 -11.95 -5.67
CA GLY E 46 -8.14 -12.96 -4.77
C GLY E 46 -9.10 -13.87 -5.50
N THR E 47 -10.25 -14.10 -4.87
CA THR E 47 -11.19 -15.10 -5.35
C THR E 47 -11.59 -14.84 -6.79
N MET E 48 -11.86 -13.58 -7.14
CA MET E 48 -12.37 -13.28 -8.47
C MET E 48 -11.48 -13.84 -9.57
N ASN E 49 -10.21 -14.14 -9.25
CA ASN E 49 -9.35 -14.85 -10.20
C ASN E 49 -8.95 -16.24 -9.72
N ILE E 50 -8.89 -16.49 -8.42
CA ILE E 50 -8.54 -17.83 -7.95
C ILE E 50 -9.66 -18.81 -8.24
N HIS E 51 -10.90 -18.42 -7.95
CA HIS E 51 -12.02 -19.35 -8.04
C HIS E 51 -12.18 -19.92 -9.45
N PRO E 52 -12.22 -19.12 -10.52
CA PRO E 52 -12.37 -19.73 -11.85
C PRO E 52 -11.18 -20.58 -12.25
N ALA E 53 -9.95 -20.18 -11.90
CA ALA E 53 -8.81 -21.02 -12.25
C ALA E 53 -8.85 -22.32 -11.49
N LEU E 54 -9.35 -22.29 -10.25
CA LEU E 54 -9.48 -23.52 -9.50
C LEU E 54 -10.49 -24.40 -10.21
N ILE E 55 -11.60 -23.81 -10.64
CA ILE E 55 -12.61 -24.58 -11.34
C ILE E 55 -12.00 -25.18 -12.60
N ARG E 56 -11.22 -24.39 -13.34
CA ARG E 56 -10.67 -24.86 -14.60
C ARG E 56 -9.44 -25.75 -14.42
N GLY E 57 -8.83 -25.74 -13.25
CA GLY E 57 -7.71 -26.63 -12.96
C GLY E 57 -6.33 -26.01 -12.97
N ASP E 58 -6.22 -24.69 -13.13
CA ASP E 58 -4.92 -24.05 -12.96
C ASP E 58 -4.41 -24.17 -11.54
N PHE E 59 -5.30 -24.06 -10.55
CA PHE E 59 -4.97 -24.28 -9.16
C PHE E 59 -5.64 -25.55 -8.64
N ASP E 60 -5.09 -26.07 -7.55
CA ASP E 60 -5.64 -27.26 -6.92
C ASP E 60 -6.28 -27.01 -5.56
N LEU E 61 -5.78 -26.07 -4.77
CA LEU E 61 -6.34 -25.80 -3.45
C LEU E 61 -5.94 -24.41 -3.02
N TYR E 62 -6.76 -23.83 -2.15
CA TYR E 62 -6.44 -22.57 -1.48
C TYR E 62 -7.27 -22.49 -0.20
N VAL E 63 -7.05 -21.44 0.58
CA VAL E 63 -7.82 -21.21 1.80
C VAL E 63 -8.83 -20.11 1.50
N GLU E 64 -10.11 -20.44 1.65
CA GLU E 64 -11.19 -19.50 1.43
C GLU E 64 -11.93 -19.23 2.74
N TYR E 65 -12.67 -18.12 2.75
CA TYR E 65 -13.51 -17.72 3.87
C TYR E 65 -15.00 -17.90 3.54
N THR E 66 -15.74 -18.44 4.51
CA THR E 66 -17.13 -18.85 4.29
C THR E 66 -18.00 -17.75 3.70
N GLY E 67 -17.98 -16.56 4.31
CA GLY E 67 -18.84 -15.50 3.82
C GLY E 67 -18.49 -15.04 2.42
N THR E 68 -17.23 -15.18 2.02
CA THR E 68 -16.84 -14.80 0.67
C THR E 68 -17.41 -15.78 -0.36
N ALA E 69 -17.32 -17.08 -0.11
CA ALA E 69 -17.99 -17.99 -1.03
C ALA E 69 -19.50 -17.76 -1.00
N TRP E 70 -20.06 -17.53 0.19
CA TRP E 70 -21.50 -17.31 0.33
C TRP E 70 -22.02 -16.22 -0.60
N VAL E 71 -21.31 -15.09 -0.66
CA VAL E 71 -21.81 -13.99 -1.48
C VAL E 71 -21.24 -14.01 -2.91
N ASN E 72 -19.92 -14.14 -3.02
CA ASN E 72 -19.25 -13.90 -4.30
C ASN E 72 -19.50 -15.01 -5.30
N THR E 73 -19.38 -16.27 -4.86
CA THR E 73 -19.48 -17.44 -5.73
C THR E 73 -20.79 -18.19 -5.64
N LEU E 74 -21.43 -18.20 -4.48
CA LEU E 74 -22.67 -18.93 -4.31
C LEU E 74 -23.91 -18.08 -4.58
N LYS E 75 -23.78 -16.76 -4.72
CA LYS E 75 -24.94 -15.95 -5.10
C LYS E 75 -26.06 -16.05 -4.07
N ASN E 76 -25.69 -16.13 -2.80
CA ASN E 76 -26.68 -16.13 -1.74
C ASN E 76 -26.83 -14.73 -1.16
N PRO E 77 -28.01 -14.38 -0.67
CA PRO E 77 -28.22 -13.06 -0.10
C PRO E 77 -27.71 -13.00 1.33
N LEU E 78 -27.25 -11.82 1.71
CA LEU E 78 -26.76 -11.61 3.07
C LEU E 78 -27.86 -11.63 4.11
N THR E 79 -29.12 -11.66 3.69
CA THR E 79 -30.20 -11.89 4.65
C THR E 79 -30.23 -13.29 5.23
N GLN E 80 -29.63 -14.28 4.57
CA GLN E 80 -29.44 -15.59 5.17
C GLN E 80 -28.12 -15.78 5.90
N LYS E 81 -28.19 -16.39 7.07
CA LYS E 81 -27.00 -16.73 7.84
C LYS E 81 -26.13 -17.68 7.03
N VAL E 82 -24.83 -17.38 6.94
CA VAL E 82 -23.93 -18.28 6.25
C VAL E 82 -23.95 -19.65 6.93
N ASP E 83 -24.10 -20.70 6.12
CA ASP E 83 -24.27 -22.08 6.59
C ASP E 83 -23.22 -22.96 5.91
N PHE E 84 -22.30 -23.49 6.71
CA PHE E 84 -21.19 -24.25 6.14
C PHE E 84 -21.66 -25.50 5.40
N GLU E 85 -22.58 -26.26 5.99
CA GLU E 85 -23.03 -27.48 5.32
C GLU E 85 -23.57 -27.18 3.93
N THR E 86 -24.32 -26.07 3.80
CA THR E 86 -24.81 -25.66 2.49
C THR E 86 -23.66 -25.31 1.56
N ILE E 87 -22.67 -24.58 2.07
CA ILE E 87 -21.53 -24.21 1.23
C ILE E 87 -20.85 -25.46 0.71
N LYS E 88 -20.60 -26.43 1.58
CA LYS E 88 -19.88 -27.63 1.19
C LYS E 88 -20.68 -28.45 0.17
N LYS E 89 -21.98 -28.63 0.42
CA LYS E 89 -22.79 -29.40 -0.52
C LYS E 89 -22.81 -28.74 -1.89
N ARG E 90 -23.08 -27.42 -1.93
CA ARG E 90 -23.15 -26.73 -3.21
C ARG E 90 -21.79 -26.65 -3.88
N TYR E 91 -20.69 -26.55 -3.12
CA TYR E 91 -19.39 -26.52 -3.77
C TYR E 91 -19.09 -27.86 -4.43
N GLU E 92 -19.47 -28.95 -3.78
CA GLU E 92 -19.26 -30.26 -4.40
C GLU E 92 -20.14 -30.44 -5.63
N LYS E 93 -21.42 -30.04 -5.52
CA LYS E 93 -22.36 -30.33 -6.60
C LYS E 93 -22.11 -29.43 -7.81
N GLU E 94 -21.91 -28.13 -7.59
CA GLU E 94 -21.82 -27.15 -8.67
C GLU E 94 -20.40 -26.95 -9.18
N PHE E 95 -19.38 -27.14 -8.34
CA PHE E 95 -18.00 -26.82 -8.70
C PHE E 95 -17.08 -28.04 -8.70
N ASN E 96 -17.56 -29.19 -8.23
CA ASN E 96 -16.69 -30.35 -8.03
C ASN E 96 -15.51 -29.97 -7.14
N LEU E 97 -15.79 -29.14 -6.13
CA LEU E 97 -14.81 -28.70 -5.17
C LEU E 97 -15.22 -29.17 -3.78
N LEU E 98 -14.22 -29.47 -2.96
CA LEU E 98 -14.43 -30.02 -1.62
C LEU E 98 -13.87 -29.04 -0.61
N TRP E 99 -14.71 -28.57 0.30
CA TRP E 99 -14.24 -27.91 1.52
C TRP E 99 -13.73 -28.95 2.50
N VAL E 100 -12.42 -28.95 2.75
CA VAL E 100 -11.83 -29.92 3.67
C VAL E 100 -12.42 -29.77 5.07
N GLY E 101 -12.65 -28.53 5.49
CA GLY E 101 -13.01 -28.25 6.86
C GLY E 101 -12.78 -26.79 7.16
N LEU E 102 -12.86 -26.46 8.45
CA LEU E 102 -12.63 -25.10 8.91
C LEU E 102 -11.38 -25.07 9.78
N LEU E 103 -10.51 -24.09 9.54
CA LEU E 103 -9.26 -24.05 10.29
C LEU E 103 -9.51 -23.71 11.76
N GLY E 104 -10.56 -22.95 12.04
CA GLY E 104 -10.94 -22.68 13.42
C GLY E 104 -11.06 -21.24 13.84
N PHE E 105 -10.61 -20.31 13.00
CA PHE E 105 -10.65 -18.89 13.32
C PHE E 105 -11.51 -18.14 12.31
N ASN E 106 -11.96 -16.94 12.70
CA ASN E 106 -12.86 -16.15 11.87
C ASN E 106 -12.28 -14.76 11.70
N ASN E 107 -11.83 -14.46 10.49
CA ASN E 107 -11.21 -13.19 10.15
C ASN E 107 -12.25 -12.34 9.43
N THR E 108 -12.98 -11.49 10.14
CA THR E 108 -14.03 -10.78 9.42
C THR E 108 -13.65 -9.33 9.17
N TYR E 109 -14.46 -8.69 8.31
CA TYR E 109 -14.32 -7.28 7.99
C TYR E 109 -14.61 -6.40 9.20
N SER E 110 -13.90 -5.27 9.31
CA SER E 110 -14.34 -4.23 10.22
C SER E 110 -13.89 -2.87 9.68
N LEU E 111 -14.15 -1.82 10.44
CA LEU E 111 -13.73 -0.47 10.07
C LEU E 111 -12.89 0.12 11.18
N ALA E 112 -11.85 0.86 10.81
CA ALA E 112 -10.95 1.42 11.80
C ALA E 112 -10.65 2.86 11.47
N ILE E 113 -10.47 3.65 12.54
CA ILE E 113 -10.03 5.03 12.47
C ILE E 113 -8.98 5.23 13.56
N SER E 114 -8.39 6.41 13.59
CA SER E 114 -7.43 6.69 14.65
C SER E 114 -8.18 6.84 15.97
N LYS E 115 -7.48 6.57 17.07
CA LYS E 115 -8.10 6.74 18.37
C LYS E 115 -8.35 8.22 18.67
N GLU E 116 -7.47 9.10 18.19
CA GLU E 116 -7.70 10.53 18.37
C GLU E 116 -8.96 10.97 17.66
N ASP E 117 -9.18 10.51 16.42
CA ASP E 117 -10.39 10.86 15.70
C ASP E 117 -11.63 10.27 16.37
N ALA E 118 -11.50 9.04 16.90
CA ALA E 118 -12.64 8.42 17.59
C ALA E 118 -13.04 9.24 18.81
N GLN E 119 -12.06 9.71 19.59
CA GLN E 119 -12.39 10.53 20.75
C GLN E 119 -12.95 11.89 20.33
N LYS E 120 -12.37 12.48 19.27
CA LYS E 120 -12.83 13.80 18.82
C LYS E 120 -14.28 13.78 18.38
N TYR E 121 -14.69 12.73 17.66
CA TYR E 121 -16.02 12.70 17.06
C TYR E 121 -16.99 11.79 17.81
N ALA E 122 -16.58 11.23 18.95
CA ALA E 122 -17.43 10.35 19.74
C ALA E 122 -17.86 9.12 18.93
N ILE E 123 -16.92 8.59 18.14
CA ILE E 123 -17.23 7.49 17.23
C ILE E 123 -16.93 6.17 17.93
N GLU E 124 -17.93 5.29 17.99
CA GLU E 124 -17.73 3.95 18.51
C GLU E 124 -18.21 2.88 17.54
N THR E 125 -19.25 3.19 16.78
CA THR E 125 -19.94 2.21 15.93
C THR E 125 -19.84 2.62 14.47
N PHE E 126 -20.17 1.67 13.60
CA PHE E 126 -20.28 1.98 12.17
C PHE E 126 -21.25 3.13 11.94
N SER E 127 -22.38 3.13 12.65
CA SER E 127 -23.35 4.20 12.48
C SER E 127 -22.75 5.53 12.90
N ASP E 128 -21.91 5.52 13.93
CA ASP E 128 -21.17 6.72 14.30
C ASP E 128 -20.29 7.20 13.16
N LEU E 129 -19.56 6.29 12.51
CA LEU E 129 -18.70 6.71 11.41
C LEU E 129 -19.52 7.30 10.27
N ALA E 130 -20.64 6.67 9.93
CA ALA E 130 -21.53 7.20 8.90
C ALA E 130 -22.07 8.58 9.28
N PHE E 131 -22.41 8.78 10.55
CA PHE E 131 -22.94 10.05 11.02
C PHE E 131 -21.96 11.19 10.78
N HIS E 132 -20.65 10.92 10.92
CA HIS E 132 -19.61 11.91 10.72
C HIS E 132 -18.79 11.65 9.47
N SER E 133 -19.25 10.76 8.58
CA SER E 133 -18.41 10.34 7.47
C SER E 133 -17.96 11.45 6.54
N PRO E 134 -18.67 12.57 6.36
CA PRO E 134 -18.13 13.65 5.53
C PRO E 134 -16.79 14.21 6.02
N ASN E 135 -16.36 13.89 7.24
CA ASN E 135 -15.06 14.30 7.75
C ASN E 135 -13.98 13.24 7.59
N PHE E 136 -14.25 12.17 6.83
CA PHE E 136 -13.33 11.04 6.73
C PHE E 136 -13.07 10.65 5.29
N ASP E 137 -11.82 10.32 5.01
CA ASP E 137 -11.39 9.80 3.71
C ASP E 137 -11.21 8.29 3.83
N PHE E 138 -12.08 7.53 3.16
CA PHE E 138 -12.12 6.08 3.29
C PHE E 138 -11.33 5.42 2.18
N GLY E 139 -10.56 4.39 2.54
CA GLY E 139 -9.82 3.62 1.58
C GLY E 139 -10.02 2.13 1.78
N ALA E 140 -9.95 1.41 0.68
CA ALA E 140 -10.08 -0.04 0.70
C ALA E 140 -9.52 -0.60 -0.60
N GLU E 141 -9.40 -1.91 -0.66
CA GLU E 141 -8.90 -2.58 -1.86
C GLU E 141 -9.97 -2.54 -2.96
N PHE E 142 -9.51 -2.70 -4.21
CA PHE E 142 -10.40 -2.57 -5.35
C PHE E 142 -11.65 -3.43 -5.18
N ASP E 143 -11.45 -4.68 -4.79
CA ASP E 143 -12.56 -5.62 -4.71
C ASP E 143 -13.55 -5.23 -3.62
N PHE E 144 -13.11 -4.43 -2.64
CA PHE E 144 -14.01 -3.94 -1.61
C PHE E 144 -15.11 -3.07 -2.18
N PHE E 145 -14.88 -2.42 -3.31
CA PHE E 145 -15.91 -1.58 -3.89
C PHE E 145 -16.76 -2.32 -4.91
N GLU E 146 -16.47 -3.59 -5.14
CA GLU E 146 -17.18 -4.40 -6.13
C GLU E 146 -18.07 -5.45 -5.50
N ARG E 147 -17.57 -6.13 -4.47
CA ARG E 147 -18.31 -7.19 -3.81
C ARG E 147 -19.57 -6.64 -3.16
N GLU E 148 -20.67 -7.39 -3.27
CA GLU E 148 -21.92 -6.99 -2.63
C GLU E 148 -21.85 -7.04 -1.12
N ASP E 149 -20.97 -7.84 -0.55
CA ASP E 149 -20.86 -7.94 0.90
C ASP E 149 -19.87 -6.94 1.48
N ALA E 150 -19.39 -5.98 0.67
CA ALA E 150 -18.40 -5.03 1.14
C ALA E 150 -18.98 -3.63 1.02
N PHE E 151 -18.38 -2.74 0.24
CA PHE E 151 -18.80 -1.35 0.24
C PHE E 151 -20.24 -1.19 -0.24
N LYS E 152 -20.66 -1.96 -1.25
CA LYS E 152 -22.02 -1.83 -1.76
C LYS E 152 -23.05 -2.13 -0.68
N GLY E 153 -22.80 -3.17 0.13
CA GLY E 153 -23.71 -3.49 1.21
C GLY E 153 -23.60 -2.51 2.37
N LEU E 154 -22.39 -2.06 2.67
CA LEU E 154 -22.21 -1.03 3.69
C LEU E 154 -22.99 0.23 3.33
N MET E 155 -23.03 0.57 2.04
CA MET E 155 -23.79 1.74 1.62
C MET E 155 -25.29 1.48 1.71
N LYS E 156 -25.74 0.30 1.29
CA LYS E 156 -27.18 0.04 1.36
C LYS E 156 -27.66 0.00 2.81
N ALA E 157 -26.83 -0.49 3.73
CA ALA E 157 -27.20 -0.63 5.13
C ALA E 157 -26.97 0.63 5.96
N TYR E 158 -25.96 1.43 5.63
CA TYR E 158 -25.58 2.57 6.45
C TYR E 158 -25.60 3.92 5.74
N ARG E 159 -25.50 3.95 4.41
CA ARG E 159 -25.51 5.21 3.65
C ARG E 159 -24.43 6.17 4.14
N PHE E 160 -23.17 5.73 3.99
CA PHE E 160 -22.03 6.58 4.28
C PHE E 160 -21.94 7.72 3.26
N HIS E 161 -21.42 8.85 3.72
CA HIS E 161 -21.12 9.99 2.85
C HIS E 161 -19.66 10.41 3.12
N PHE E 162 -18.73 9.52 2.81
CA PHE E 162 -17.31 9.79 3.05
C PHE E 162 -16.82 10.98 2.22
N ARG E 163 -15.90 11.75 2.82
CA ARG E 163 -15.31 12.87 2.09
C ARG E 163 -14.59 12.45 0.82
N SER E 164 -14.01 11.26 0.81
CA SER E 164 -13.33 10.75 -0.39
C SER E 164 -13.23 9.23 -0.29
N LEU E 165 -13.10 8.59 -1.45
CA LEU E 165 -12.88 7.15 -1.54
C LEU E 165 -11.61 6.87 -2.31
N HIS E 166 -10.81 5.93 -1.80
CA HIS E 166 -9.52 5.60 -2.40
C HIS E 166 -9.44 4.08 -2.55
N GLU E 167 -9.23 3.63 -3.78
CA GLU E 167 -9.06 2.21 -4.07
C GLU E 167 -7.59 1.94 -4.36
N MET E 168 -7.03 0.96 -3.68
CA MET E 168 -5.60 0.71 -3.76
C MET E 168 -5.35 -0.79 -3.66
N ASP E 169 -4.10 -1.16 -3.86
CA ASP E 169 -3.69 -2.55 -3.64
C ASP E 169 -3.89 -2.91 -2.18
N ILE E 170 -4.33 -4.16 -1.95
CA ILE E 170 -4.69 -4.60 -0.60
C ILE E 170 -3.53 -4.43 0.37
N ASN E 171 -2.29 -4.49 -0.11
CA ASN E 171 -1.15 -4.39 0.79
C ASN E 171 -0.69 -2.97 1.03
N LEU E 172 -1.40 -1.97 0.50
CA LEU E 172 -1.07 -0.57 0.73
C LEU E 172 -2.05 0.15 1.64
N ARG E 173 -3.09 -0.53 2.12
CA ARG E 173 -4.16 0.16 2.86
C ARG E 173 -3.60 0.79 4.12
N TYR E 174 -2.92 -0.01 4.95
CA TYR E 174 -2.44 0.54 6.20
C TYR E 174 -1.39 1.61 5.93
N LYS E 175 -0.64 1.47 4.84
CA LYS E 175 0.35 2.49 4.52
C LYS E 175 -0.34 3.79 4.14
N SER E 176 -1.48 3.70 3.46
CA SER E 176 -2.20 4.92 3.12
C SER E 176 -2.72 5.59 4.38
N PHE E 177 -3.09 4.79 5.38
CA PHE E 177 -3.50 5.36 6.65
C PHE E 177 -2.31 6.03 7.33
N GLU E 178 -1.14 5.40 7.27
CA GLU E 178 0.05 5.96 7.89
C GLU E 178 0.47 7.29 7.24
N SER E 179 0.27 7.43 5.93
CA SER E 179 0.63 8.66 5.22
C SER E 179 -0.46 9.72 5.31
N HIS E 180 -1.60 9.41 5.91
CA HIS E 180 -2.73 10.31 6.05
C HIS E 180 -3.41 10.60 4.71
N LYS E 181 -3.11 9.81 3.68
CA LYS E 181 -3.92 9.87 2.47
C LYS E 181 -5.36 9.52 2.79
N ILE E 182 -5.57 8.59 3.71
CA ILE E 182 -6.87 8.26 4.27
C ILE E 182 -6.77 8.33 5.78
N ASN E 183 -7.92 8.54 6.43
CA ASN E 183 -7.97 8.53 7.89
C ASN E 183 -9.10 7.65 8.40
N ALA E 184 -9.61 6.77 7.54
CA ALA E 184 -10.53 5.71 7.90
C ALA E 184 -10.37 4.60 6.87
N LEU E 185 -10.44 3.35 7.33
CA LEU E 185 -10.20 2.26 6.40
C LEU E 185 -10.90 0.98 6.85
N ASP E 186 -11.00 0.05 5.92
CA ASP E 186 -11.46 -1.30 6.22
C ASP E 186 -10.29 -2.11 6.75
N VAL E 187 -10.57 -3.01 7.70
CA VAL E 187 -9.53 -3.87 8.24
C VAL E 187 -10.07 -5.28 8.29
N PHE E 188 -9.16 -6.23 8.46
CA PHE E 188 -9.46 -7.57 8.90
C PHE E 188 -9.14 -7.77 10.37
N THR E 189 -10.00 -8.52 11.06
CA THR E 189 -9.98 -8.56 12.52
C THR E 189 -8.68 -9.14 13.08
N THR E 190 -7.93 -9.91 12.29
CA THR E 190 -6.68 -10.47 12.80
C THR E 190 -5.45 -9.72 12.34
N ASP E 191 -5.61 -8.54 11.74
CA ASP E 191 -4.47 -7.82 11.22
C ASP E 191 -3.52 -7.44 12.35
N ALA E 192 -2.23 -7.74 12.18
CA ALA E 192 -1.26 -7.30 13.18
C ALA E 192 -1.30 -5.79 13.40
N GLN E 193 -1.56 -5.04 12.32
CA GLN E 193 -1.48 -3.58 12.38
C GLN E 193 -2.55 -2.93 13.25
N ILE E 194 -3.65 -3.60 13.55
CA ILE E 194 -4.61 -2.99 14.48
C ILE E 194 -3.94 -2.72 15.82
N LYS E 195 -3.22 -3.72 16.36
CA LYS E 195 -2.50 -3.48 17.61
C LYS E 195 -1.24 -2.66 17.36
N GLU E 196 -0.54 -2.96 16.26
CA GLU E 196 0.71 -2.27 15.94
C GLU E 196 0.51 -0.77 15.82
N LEU E 197 -0.61 -0.34 15.23
CA LEU E 197 -0.89 1.07 14.98
C LEU E 197 -1.86 1.67 16.00
N ASP E 198 -2.33 0.87 16.95
CA ASP E 198 -3.26 1.31 17.99
C ASP E 198 -4.53 1.91 17.39
N LEU E 199 -5.13 1.19 16.46
CA LEU E 199 -6.28 1.69 15.75
C LEU E 199 -7.54 1.46 16.59
N LYS E 200 -8.55 2.26 16.32
CA LYS E 200 -9.86 2.07 16.93
C LYS E 200 -10.70 1.29 15.91
N VAL E 201 -11.04 0.05 16.25
CA VAL E 201 -11.89 -0.78 15.41
C VAL E 201 -13.35 -0.58 15.81
N LEU E 202 -14.17 -0.22 14.83
CA LEU E 202 -15.55 0.13 15.12
C LEU E 202 -16.43 -1.12 15.18
N LYS E 203 -17.57 -0.96 15.84
CA LYS E 203 -18.53 -2.04 16.03
C LYS E 203 -19.59 -2.05 14.94
N ASP E 204 -19.82 -3.22 14.35
CA ASP E 204 -20.79 -3.39 13.28
C ASP E 204 -22.18 -3.49 13.88
N ASP E 205 -22.73 -2.32 14.21
CA ASP E 205 -23.91 -2.23 15.07
C ASP E 205 -25.16 -2.82 14.43
N LYS E 206 -25.23 -2.89 13.11
CA LYS E 206 -26.35 -3.54 12.44
C LYS E 206 -26.03 -4.99 12.05
N GLY E 207 -24.85 -5.48 12.42
CA GLY E 207 -24.47 -6.84 12.13
C GLY E 207 -24.43 -7.10 10.64
N PHE E 208 -23.85 -6.14 9.90
CA PHE E 208 -23.79 -6.26 8.45
C PHE E 208 -22.82 -7.35 8.00
N PHE E 209 -21.64 -7.40 8.59
CA PHE E 209 -20.76 -8.36 7.97
C PHE E 209 -21.00 -9.77 8.49
N PRO E 210 -20.98 -10.74 7.58
CA PRO E 210 -21.24 -12.13 7.96
C PRO E 210 -20.03 -12.75 8.64
N ASN E 211 -20.00 -14.08 8.59
CA ASN E 211 -19.02 -14.91 9.27
C ASN E 211 -17.94 -15.19 8.22
N TYR E 212 -16.66 -15.07 8.60
CA TYR E 212 -15.59 -15.35 7.66
C TYR E 212 -14.60 -16.35 8.25
N GLN E 213 -15.09 -17.57 8.45
CA GLN E 213 -14.29 -18.65 9.00
C GLN E 213 -13.46 -19.26 7.88
N ALA E 214 -12.16 -19.44 8.13
CA ALA E 214 -11.26 -19.93 7.10
C ALA E 214 -11.31 -21.45 6.98
N GLY E 215 -11.25 -21.93 5.74
CA GLY E 215 -11.22 -23.36 5.48
C GLY E 215 -10.57 -23.64 4.14
N ILE E 216 -9.94 -24.81 4.05
CA ILE E 216 -9.25 -25.23 2.83
C ILE E 216 -10.26 -25.75 1.80
N VAL E 217 -10.20 -25.19 0.59
CA VAL E 217 -10.97 -25.65 -0.56
C VAL E 217 -10.02 -26.32 -1.54
N ILE E 218 -10.35 -27.55 -1.95
CA ILE E 218 -9.47 -28.36 -2.80
C ILE E 218 -10.28 -29.04 -3.89
N ARG E 219 -9.68 -29.18 -5.07
CA ARG E 219 -10.32 -29.86 -6.19
C ARG E 219 -10.63 -31.31 -5.82
N LYS E 220 -11.84 -31.77 -6.14
CA LYS E 220 -12.17 -33.17 -5.92
C LYS E 220 -11.32 -34.09 -6.80
N GLU E 221 -10.90 -33.62 -7.97
CA GLU E 221 -9.99 -34.41 -8.81
C GLU E 221 -8.69 -34.68 -8.08
N THR E 222 -8.21 -33.69 -7.32
CA THR E 222 -6.98 -33.86 -6.57
C THR E 222 -7.17 -34.87 -5.45
N ILE E 223 -8.33 -34.85 -4.80
CA ILE E 223 -8.64 -35.84 -3.77
C ILE E 223 -8.76 -37.23 -4.39
N LYS E 224 -9.30 -37.32 -5.61
CA LYS E 224 -9.35 -38.60 -6.29
C LYS E 224 -7.94 -39.13 -6.49
N LYS E 225 -7.00 -38.26 -6.91
CA LYS E 225 -5.63 -38.75 -7.11
C LYS E 225 -4.91 -38.99 -5.83
N TYR E 226 -5.18 -38.17 -4.83
CA TYR E 226 -4.47 -38.22 -3.58
C TYR E 226 -5.42 -38.22 -2.40
N PRO E 227 -6.06 -39.35 -2.11
CA PRO E 227 -6.92 -39.40 -0.93
C PRO E 227 -6.10 -39.07 0.29
N GLU E 228 -4.80 -39.36 0.21
CA GLU E 228 -3.93 -39.05 1.32
C GLU E 228 -3.83 -37.55 1.52
N ALA E 229 -3.97 -36.75 0.46
CA ALA E 229 -3.92 -35.31 0.64
C ALA E 229 -5.09 -34.84 1.50
N LEU E 230 -6.26 -35.47 1.32
CA LEU E 230 -7.42 -35.13 2.14
C LEU E 230 -7.20 -35.55 3.59
N LYS E 231 -6.72 -36.77 3.79
CA LYS E 231 -6.45 -37.23 5.15
C LYS E 231 -5.45 -36.31 5.85
N ILE E 232 -4.40 -35.89 5.13
CA ILE E 232 -3.38 -35.03 5.72
C ILE E 232 -3.95 -33.65 6.05
N LEU E 233 -4.63 -33.04 5.08
CA LEU E 233 -5.14 -31.68 5.25
C LEU E 233 -6.21 -31.58 6.33
N GLU E 234 -6.95 -32.67 6.56
CA GLU E 234 -7.93 -32.69 7.63
C GLU E 234 -7.28 -32.55 9.01
N LYS E 235 -5.99 -32.84 9.13
CA LYS E 235 -5.28 -32.69 10.40
C LYS E 235 -5.16 -31.24 10.86
N LEU E 236 -5.41 -30.27 9.98
CA LEU E 236 -5.43 -28.86 10.35
C LEU E 236 -6.79 -28.38 10.86
N ASP E 237 -7.83 -29.20 10.73
CA ASP E 237 -9.15 -28.82 11.21
C ASP E 237 -9.12 -28.35 12.66
N SER E 238 -9.69 -27.17 12.89
CA SER E 238 -9.86 -26.57 14.22
C SER E 238 -8.54 -26.34 14.95
N LYS E 239 -7.42 -26.27 14.23
CA LYS E 239 -6.13 -26.11 14.87
C LYS E 239 -5.64 -24.68 14.91
N ILE E 240 -6.38 -23.74 14.33
CA ILE E 240 -5.98 -22.33 14.25
C ILE E 240 -7.18 -21.48 14.68
N ASN E 241 -7.24 -21.13 15.96
CA ASN E 241 -8.29 -20.22 16.40
C ASN E 241 -7.87 -18.78 16.14
N ASP E 242 -8.72 -17.83 16.55
CA ASP E 242 -8.45 -16.42 16.29
C ASP E 242 -7.11 -15.97 16.88
N GLU E 243 -6.85 -16.32 18.14
CA GLU E 243 -5.63 -15.86 18.78
C GLU E 243 -4.38 -16.44 18.11
N THR E 244 -4.47 -17.68 17.63
CA THR E 244 -3.32 -18.29 16.98
C THR E 244 -3.04 -17.63 15.64
N MET E 245 -4.08 -17.42 14.83
CA MET E 245 -3.86 -16.79 13.54
C MET E 245 -3.40 -15.34 13.69
N GLN E 246 -3.96 -14.62 14.66
CA GLN E 246 -3.52 -13.25 14.92
C GLN E 246 -2.05 -13.23 15.33
N ASP E 247 -1.61 -14.20 16.14
CA ASP E 247 -0.22 -14.24 16.55
C ASP E 247 0.69 -14.60 15.38
N LEU E 248 0.25 -15.50 14.50
CA LEU E 248 1.06 -15.83 13.33
C LEU E 248 1.22 -14.62 12.42
N ASN E 249 0.14 -13.88 12.20
CA ASN E 249 0.25 -12.66 11.42
C ASN E 249 1.19 -11.67 12.09
N TYR E 250 1.14 -11.58 13.42
CA TYR E 250 2.06 -10.69 14.12
C TYR E 250 3.50 -11.12 13.88
N GLN E 251 3.75 -12.43 13.91
CA GLN E 251 5.10 -12.94 13.68
C GLN E 251 5.61 -12.57 12.29
N VAL E 252 4.74 -12.57 11.29
CA VAL E 252 5.19 -12.22 9.94
C VAL E 252 5.36 -10.72 9.77
N GLU E 253 4.33 -9.91 10.09
CA GLU E 253 4.35 -8.51 9.68
C GLU E 253 5.16 -7.62 10.61
N VAL E 254 5.26 -7.98 11.88
CA VAL E 254 5.96 -7.18 12.87
C VAL E 254 7.33 -7.76 13.20
N LEU E 255 7.41 -9.07 13.42
CA LEU E 255 8.68 -9.70 13.73
C LEU E 255 9.50 -10.02 12.48
N LYS E 256 8.95 -9.81 11.28
CA LYS E 256 9.72 -9.94 10.04
C LYS E 256 10.21 -11.37 9.82
N LYS E 257 9.48 -12.35 10.32
CA LYS E 257 9.78 -13.73 9.99
C LYS E 257 9.17 -14.04 8.64
N SER E 258 9.79 -14.97 7.92
CA SER E 258 9.24 -15.32 6.62
C SER E 258 7.98 -16.16 6.81
N PRO E 259 7.03 -16.08 5.90
CA PRO E 259 5.87 -16.99 5.98
C PRO E 259 6.30 -18.44 6.06
N LYS E 260 7.37 -18.79 5.36
CA LYS E 260 7.87 -20.17 5.38
C LYS E 260 8.30 -20.55 6.80
N ILE E 261 9.12 -19.71 7.43
CA ILE E 261 9.61 -20.03 8.77
C ILE E 261 8.48 -20.03 9.79
N VAL E 262 7.54 -19.09 9.66
CA VAL E 262 6.39 -19.06 10.57
C VAL E 262 5.57 -20.34 10.47
N ALA E 263 5.32 -20.79 9.24
CA ALA E 263 4.57 -22.03 9.04
C ALA E 263 5.35 -23.22 9.56
N LYS E 264 6.66 -23.25 9.32
CA LYS E 264 7.49 -24.35 9.80
C LYS E 264 7.44 -24.44 11.32
N ASP E 265 7.64 -23.31 12.00
CA ASP E 265 7.59 -23.32 13.46
C ASP E 265 6.21 -23.73 13.96
N PHE E 266 5.15 -23.27 13.29
CA PHE E 266 3.81 -23.63 13.73
C PHE E 266 3.57 -25.13 13.58
N LEU E 267 3.95 -25.69 12.43
CA LEU E 267 3.76 -27.13 12.21
C LEU E 267 4.58 -27.94 13.20
N GLU E 268 5.76 -27.44 13.55
CA GLU E 268 6.55 -28.09 14.57
C GLU E 268 5.81 -28.07 15.90
N ARG E 269 5.23 -26.92 16.25
CA ARG E 269 4.47 -26.80 17.49
C ARG E 269 3.31 -27.79 17.51
N LEU E 270 2.67 -28.00 16.36
CA LEU E 270 1.58 -28.97 16.23
C LEU E 270 2.06 -30.41 16.19
N GLY E 271 3.36 -30.64 16.03
CA GLY E 271 3.87 -32.00 15.88
C GLY E 271 3.54 -32.66 14.56
N LEU E 272 3.31 -31.89 13.51
CA LEU E 272 2.99 -32.46 12.20
C LEU E 272 4.22 -32.57 11.30
O01 LW8 F . -33.35 -13.43 26.22
C02 LW8 F . -32.95 -12.74 27.19
O03 LW8 F . -33.69 -11.85 27.69
C04 LW8 F . -31.53 -13.01 27.74
N05 LW8 F . -30.60 -12.03 27.18
C06 LW8 F . -30.77 -11.98 25.74
C07 LW8 F . -29.23 -12.42 27.46
C08 LW8 F . -30.79 -10.69 27.72
C09 LW8 F . -31.59 -13.02 29.29
C10 LW8 F . -32.83 -13.72 29.86
N11 LW8 F . -33.42 -13.48 31.01
C14 LW8 F . -34.46 -14.29 31.15
S15 LW8 F . -35.47 -14.33 32.39
N13 LW8 F . -34.54 -15.07 30.09
C12 LW8 F . -33.55 -14.76 29.28
H2 LW8 F . -31.17 -13.99 27.45
H3 LW8 F . -31.02 -12.97 25.37
H4 LW8 F . -31.58 -11.28 25.50
H5 LW8 F . -29.85 -11.63 25.28
H6 LW8 F . -29.04 -12.31 28.53
H7 LW8 F . -28.56 -11.77 26.91
H8 LW8 F . -29.09 -13.45 27.16
H9 LW8 F . -30.27 -10.61 28.68
H10 LW8 F . -31.85 -10.50 27.86
H11 LW8 F . -30.37 -9.96 27.02
H12 LW8 F . -30.70 -13.52 29.66
H13 LW8 F . -31.59 -11.99 29.64
H14 LW8 F . -33.33 -15.22 28.33
H15 LW8 F . -33.13 -12.78 31.67
H16 LW8 F . -35.23 -15.78 29.93
O01 LW8 G . 32.85 2.09 -21.46
C02 LW8 G . 31.74 1.93 -22.04
O03 LW8 G . 31.54 2.48 -23.17
C04 LW8 G . 30.64 1.07 -21.38
N05 LW8 G . 29.74 1.85 -20.52
C06 LW8 G . 30.51 2.69 -19.62
C07 LW8 G . 28.94 0.95 -19.72
C08 LW8 G . 28.84 2.71 -21.27
C09 LW8 G . 29.90 0.30 -22.49
C10 LW8 G . 30.82 -0.40 -23.49
N11 LW8 G . 30.63 -0.56 -24.80
C14 LW8 G . 31.68 -1.23 -25.29
S15 LW8 G . 31.92 -1.66 -26.81
N13 LW8 G . 32.51 -1.51 -24.29
C12 LW8 G . 32.01 -1.02 -23.18
H2 LW8 G . 31.11 0.36 -20.71
H3 LW8 G . 31.38 2.14 -19.26
H4 LW8 G . 30.84 3.59 -20.15
H5 LW8 G . 29.88 2.98 -18.77
H6 LW8 G . 28.18 0.49 -20.34
H7 LW8 G . 28.45 1.52 -18.92
H8 LW8 G . 29.58 0.19 -19.28
H9 LW8 G . 27.97 2.13 -21.59
H10 LW8 G . 29.36 3.11 -22.15
H11 LW8 G . 28.52 3.54 -20.64
H12 LW8 G . 29.26 -0.44 -22.02
H13 LW8 G . 29.28 1.01 -23.03
H14 LW8 G . 32.45 -1.08 -22.20
H15 LW8 G . 29.85 -0.22 -25.32
H16 LW8 G . 33.37 -2.01 -24.38
O01 LW8 H . 27.94 13.10 9.30
C02 LW8 H . 27.05 12.26 9.63
O03 LW8 H . 27.26 11.36 10.51
C04 LW8 H . 25.67 12.33 8.93
N05 LW8 H . 25.43 11.15 8.06
C06 LW8 H . 26.66 10.50 7.63
C07 LW8 H . 24.72 11.53 6.86
C08 LW8 H . 24.65 10.08 8.66
C09 LW8 H . 24.56 12.58 9.96
C10 LW8 H . 24.92 13.70 10.94
N11 LW8 H . 24.53 13.81 12.19
C14 LW8 H . 25.05 14.92 12.70
S15 LW8 H . 24.87 15.48 14.19
N13 LW8 H . 25.77 15.51 11.77
C12 LW8 H . 25.70 14.80 10.67
H2 LW8 H . 25.65 13.18 8.25
H3 LW8 H . 27.37 11.26 7.30
H4 LW8 H . 27.09 9.95 8.47
H5 LW8 H . 26.45 9.83 6.82
H6 LW8 H . 23.84 10.91 6.75
H7 LW8 H . 25.38 11.39 6.00
H8 LW8 H . 24.43 12.58 6.94
H9 LW8 H . 23.62 10.41 8.76
H10 LW8 H . 25.06 9.83 9.63
H11 LW8 H . 24.69 9.21 8.00
H12 LW8 H . 23.64 12.84 9.44
H13 LW8 H . 24.39 11.67 10.52
H14 LW8 H . 26.19 15.02 9.73
H15 LW8 H . 23.94 13.16 12.68
H16 LW8 H . 26.28 16.37 11.88
O01 LW8 I . -14.21 9.66 -17.99
C02 LW8 I . -14.53 8.53 -18.45
O03 LW8 I . -15.70 8.07 -18.30
C04 LW8 I . -13.48 7.69 -19.21
N05 LW8 I . -13.48 8.05 -20.64
C06 LW8 I . -14.83 8.09 -21.16
C07 LW8 I . -12.73 7.05 -21.39
C08 LW8 I . -12.89 9.34 -20.88
C09 LW8 I . -12.12 7.88 -18.55
C10 LW8 I . -12.07 7.59 -17.05
N11 LW8 I . -11.12 7.98 -16.24
C14 LW8 I . -11.39 7.57 -15.01
S15 LW8 I . -10.52 7.80 -13.70
N13 LW8 I . -12.54 6.91 -15.03
C12 LW8 I . -12.99 6.90 -16.27
H2 LW8 I . -13.74 6.64 -19.15
H3 LW8 I . -15.41 7.27 -20.74
H4 LW8 I . -15.29 9.04 -20.90
H5 LW8 I . -14.80 7.99 -22.25
H6 LW8 I . -11.67 7.19 -21.20
H7 LW8 I . -12.94 7.17 -22.45
H8 LW8 I . -13.02 6.05 -21.07
H9 LW8 I . -11.80 9.27 -20.79
H10 LW8 I . -13.27 10.06 -20.16
H11 LW8 I . -13.14 9.67 -21.89
H12 LW8 I . -11.41 7.21 -19.04
H13 LW8 I . -11.80 8.90 -18.71
H14 LW8 I . -13.90 6.43 -16.63
H15 LW8 I . -10.30 8.50 -16.51
H16 LW8 I . -12.99 6.48 -14.25
O01 LW8 J . -10.90 -13.03 1.69
C02 LW8 J . -11.78 -12.17 1.99
O03 LW8 J . -12.94 -12.24 1.48
C04 LW8 J . -11.47 -11.04 2.98
N05 LW8 J . -11.62 -11.53 4.36
C06 LW8 J . -12.92 -12.17 4.52
C07 LW8 J . -11.53 -10.45 5.31
C08 LW8 J . -10.62 -12.51 4.71
C09 LW8 J . -10.07 -10.47 2.70
C10 LW8 J . -9.79 -10.31 1.21
N11 LW8 J . -8.70 -10.66 0.56
C14 LW8 J . -8.88 -10.35 -0.72
S15 LW8 J . -7.84 -10.59 -1.91
N13 LW8 J . -10.07 -9.80 -0.88
C12 LW8 J . -10.66 -9.76 0.30
H2 LW8 J . -12.17 -10.21 2.85
H3 LW8 J . -13.67 -11.60 3.98
H4 LW8 J . -12.87 -13.19 4.13
H5 LW8 J . -13.17 -12.20 5.58
H6 LW8 J . -10.51 -10.08 5.35
H7 LW8 J . -11.84 -10.81 6.29
H8 LW8 J . -12.19 -9.64 5.00
H9 LW8 J . -9.67 -12.01 4.91
H10 LW8 J . -10.48 -13.22 3.89
H11 LW8 J . -10.94 -13.05 5.60
H12 LW8 J . -9.98 -9.51 3.18
H13 LW8 J . -9.33 -11.15 3.12
H14 LW8 J . -11.65 -9.36 0.51
H15 LW8 J . -7.89 -11.09 0.95
H16 LW8 J . -10.47 -9.47 -1.74
#